data_2L14
#
_entry.id   2L14
#
loop_
_entity.id
_entity.type
_entity.pdbx_description
1 polymer 'CREB-binding protein'
2 polymer 'Cellular tumor antigen p53'
#
loop_
_entity_poly.entity_id
_entity_poly.type
_entity_poly.pdbx_seq_one_letter_code
_entity_poly.pdbx_strand_id
1 'polypeptide(L)' PNRSISPSALQDLLRTLKSPSSPQQQQQVLNILKSNPQLMAAFIKQRTAKYVANQPGMQ A
2 'polypeptide(L)' PLSQETFSDLWKLLPENNVLSPLPSQAMDDLMLSPDDIEQWFTEDPGPD B
#
# COMPACT_ATOMS: atom_id res chain seq x y z
N PRO A 1 -3.98 -0.41 14.60
CA PRO A 1 -4.16 0.67 15.57
C PRO A 1 -3.54 0.41 16.96
N ASN A 2 -2.89 -0.74 17.14
CA ASN A 2 -2.28 -1.15 18.42
C ASN A 2 -1.00 -0.38 18.80
N ARG A 3 -0.26 0.18 17.83
CA ARG A 3 0.98 0.95 18.05
C ARG A 3 1.22 2.05 17.02
N SER A 4 2.29 2.83 17.20
CA SER A 4 2.71 3.93 16.31
C SER A 4 3.40 3.43 15.03
N ILE A 5 3.67 4.38 14.13
CA ILE A 5 4.37 4.21 12.85
C ILE A 5 5.39 5.36 12.64
N SER A 6 6.20 5.31 11.57
CA SER A 6 7.21 6.33 11.25
C SER A 6 7.17 6.75 9.77
N PRO A 7 7.40 8.04 9.44
CA PRO A 7 7.37 8.54 8.06
C PRO A 7 8.56 8.06 7.21
N SER A 8 9.61 7.51 7.83
CA SER A 8 10.78 6.96 7.12
C SER A 8 10.41 5.77 6.20
N ALA A 9 9.44 4.94 6.62
CA ALA A 9 8.95 3.82 5.83
C ALA A 9 8.33 4.27 4.49
N LEU A 10 7.68 5.43 4.46
CA LEU A 10 7.07 6.02 3.27
C LEU A 10 8.15 6.41 2.25
N GLN A 11 9.28 6.97 2.73
CA GLN A 11 10.42 7.33 1.88
C GLN A 11 11.14 6.06 1.36
N ASP A 12 11.24 5.03 2.20
CA ASP A 12 11.83 3.74 1.80
C ASP A 12 10.98 3.06 0.71
N LEU A 13 9.64 3.17 0.81
CA LEU A 13 8.72 2.66 -0.21
C LEU A 13 8.99 3.38 -1.54
N LEU A 14 9.13 4.71 -1.55
CA LEU A 14 9.44 5.47 -2.77
C LEU A 14 10.80 5.06 -3.39
N ARG A 15 11.86 4.91 -2.59
CA ARG A 15 13.18 4.48 -3.13
C ARG A 15 13.12 3.05 -3.69
N THR A 16 12.30 2.18 -3.08
CA THR A 16 12.06 0.79 -3.53
C THR A 16 11.23 0.77 -4.83
N LEU A 17 10.18 1.59 -4.93
CA LEU A 17 9.30 1.70 -6.10
C LEU A 17 10.06 2.06 -7.38
N LYS A 18 11.02 2.98 -7.28
CA LYS A 18 11.85 3.46 -8.42
C LYS A 18 12.84 2.41 -8.98
N SER A 19 13.10 1.31 -8.28
CA SER A 19 13.97 0.22 -8.74
C SER A 19 13.38 -0.54 -9.94
N PRO A 20 14.19 -1.22 -10.78
CA PRO A 20 13.70 -2.01 -11.90
C PRO A 20 12.94 -3.26 -11.43
N SER A 21 12.08 -3.81 -12.30
CA SER A 21 11.24 -5.00 -12.04
C SER A 21 12.05 -6.24 -11.61
N SER A 22 11.81 -6.73 -10.39
CA SER A 22 12.47 -7.92 -9.82
C SER A 22 11.68 -8.51 -8.64
N PRO A 23 11.86 -9.81 -8.31
CA PRO A 23 11.21 -10.41 -7.14
C PRO A 23 11.73 -9.81 -5.82
N GLN A 24 12.96 -9.25 -5.82
CA GLN A 24 13.53 -8.55 -4.65
C GLN A 24 12.74 -7.28 -4.30
N GLN A 25 12.21 -6.57 -5.31
CA GLN A 25 11.37 -5.38 -5.11
C GLN A 25 10.08 -5.75 -4.35
N GLN A 26 9.42 -6.85 -4.72
CA GLN A 26 8.22 -7.35 -4.03
C GLN A 26 8.54 -7.67 -2.56
N GLN A 27 9.66 -8.36 -2.29
CA GLN A 27 10.09 -8.67 -0.92
C GLN A 27 10.34 -7.39 -0.11
N GLN A 28 11.01 -6.38 -0.68
CA GLN A 28 11.26 -5.11 0.02
C GLN A 28 9.96 -4.37 0.37
N VAL A 29 8.98 -4.32 -0.52
CA VAL A 29 7.67 -3.69 -0.22
C VAL A 29 7.01 -4.42 0.97
N LEU A 30 7.00 -5.75 0.97
CA LEU A 30 6.46 -6.55 2.08
C LEU A 30 7.24 -6.28 3.39
N ASN A 31 8.57 -6.24 3.34
CA ASN A 31 9.42 -5.94 4.50
C ASN A 31 9.09 -4.58 5.12
N ILE A 32 8.97 -3.54 4.28
CA ILE A 32 8.63 -2.17 4.68
C ILE A 32 7.23 -2.10 5.30
N LEU A 33 6.22 -2.70 4.67
CA LEU A 33 4.84 -2.71 5.17
C LEU A 33 4.67 -3.47 6.49
N LYS A 34 5.29 -4.66 6.65
CA LYS A 34 5.20 -5.45 7.90
C LYS A 34 5.70 -4.72 9.15
N SER A 35 6.56 -3.72 9.01
CA SER A 35 7.07 -2.90 10.12
C SER A 35 6.01 -1.92 10.68
N ASN A 36 4.96 -1.61 9.89
CA ASN A 36 3.88 -0.68 10.21
C ASN A 36 2.47 -1.25 9.90
N PRO A 37 2.02 -2.30 10.63
CA PRO A 37 0.72 -2.96 10.45
C PRO A 37 -0.49 -2.02 10.32
N GLN A 38 -0.51 -0.91 11.07
CA GLN A 38 -1.58 0.09 11.11
C GLN A 38 -2.13 0.47 9.72
N LEU A 39 -1.26 0.92 8.81
CA LEU A 39 -1.65 1.35 7.46
C LEU A 39 -1.77 0.19 6.46
N MET A 40 -0.95 -0.86 6.56
CA MET A 40 -1.02 -1.99 5.62
C MET A 40 -2.26 -2.88 5.84
N ALA A 41 -2.72 -3.05 7.08
CA ALA A 41 -3.91 -3.82 7.41
C ALA A 41 -5.18 -3.11 6.90
N ALA A 42 -5.26 -1.79 7.06
CA ALA A 42 -6.36 -0.98 6.53
C ALA A 42 -6.36 -1.00 4.99
N PHE A 43 -5.18 -0.95 4.36
CA PHE A 43 -5.01 -1.04 2.91
C PHE A 43 -5.46 -2.39 2.34
N ILE A 44 -4.97 -3.53 2.86
CA ILE A 44 -5.39 -4.86 2.38
C ILE A 44 -6.89 -5.06 2.57
N LYS A 45 -7.45 -4.69 3.74
CA LYS A 45 -8.89 -4.78 4.01
C LYS A 45 -9.72 -3.97 3.02
N GLN A 46 -9.26 -2.78 2.62
CA GLN A 46 -9.92 -1.98 1.59
C GLN A 46 -9.77 -2.59 0.18
N ARG A 47 -8.58 -3.12 -0.13
CA ARG A 47 -8.26 -3.74 -1.43
C ARG A 47 -8.97 -5.06 -1.68
N THR A 48 -9.07 -5.96 -0.70
CA THR A 48 -9.68 -7.29 -0.91
C THR A 48 -11.14 -7.19 -1.41
N ALA A 49 -11.88 -6.16 -0.96
CA ALA A 49 -13.24 -5.85 -1.38
C ALA A 49 -13.36 -5.37 -2.85
N LYS A 50 -12.23 -5.05 -3.51
CA LYS A 50 -12.13 -4.51 -4.89
C LYS A 50 -11.05 -5.22 -5.74
N TYR A 51 -10.49 -6.31 -5.25
CA TYR A 51 -9.41 -7.10 -5.87
C TYR A 51 -9.83 -7.73 -7.19
N VAL A 52 -8.91 -7.73 -8.15
CA VAL A 52 -9.09 -8.27 -9.50
C VAL A 52 -7.86 -9.09 -9.88
N ALA A 53 -8.08 -10.41 -9.97
CA ALA A 53 -7.07 -11.42 -10.24
C ALA A 53 -6.90 -11.85 -11.72
N ASN A 54 -7.55 -11.17 -12.67
CA ASN A 54 -7.48 -11.50 -14.10
C ASN A 54 -7.53 -10.26 -15.02
N GLN A 55 -7.48 -10.46 -16.34
CA GLN A 55 -7.49 -9.41 -17.37
C GLN A 55 -8.51 -9.70 -18.51
N PRO A 56 -9.06 -8.66 -19.17
CA PRO A 56 -10.03 -8.80 -20.26
C PRO A 56 -9.39 -9.26 -21.58
N GLY A 57 -10.25 -9.49 -22.59
CA GLY A 57 -9.87 -9.92 -23.94
C GLY A 57 -9.03 -8.91 -24.71
N MET A 58 -7.70 -9.03 -24.63
CA MET A 58 -6.70 -8.19 -25.31
C MET A 58 -5.69 -9.02 -26.13
N GLN A 59 -4.84 -8.35 -26.91
CA GLN A 59 -3.84 -8.97 -27.79
C GLN A 59 -2.52 -8.17 -27.81
N PRO B 1 6.93 20.47 0.30
CA PRO B 1 7.48 19.68 -0.79
C PRO B 1 6.47 18.70 -1.43
N LEU B 2 5.32 18.51 -0.79
CA LEU B 2 4.21 17.63 -1.23
C LEU B 2 2.85 18.25 -0.87
N SER B 3 1.75 17.51 -1.09
CA SER B 3 0.37 17.95 -0.82
C SER B 3 -0.47 16.91 -0.10
N GLN B 4 -1.62 17.34 0.42
CA GLN B 4 -2.65 16.51 1.04
C GLN B 4 -3.38 15.58 0.03
N GLU B 5 -2.91 15.53 -1.22
CA GLU B 5 -3.44 14.67 -2.29
C GLU B 5 -2.56 13.43 -2.53
N THR B 6 -1.33 13.42 -1.99
CA THR B 6 -0.35 12.33 -2.12
C THR B 6 -0.58 11.16 -1.16
N PHE B 7 0.10 10.04 -1.40
CA PHE B 7 0.02 8.80 -0.63
C PHE B 7 0.04 8.98 0.91
N SER B 8 0.82 9.92 1.42
CA SER B 8 0.91 10.23 2.85
C SER B 8 -0.42 10.64 3.50
N ASP B 9 -1.35 11.20 2.72
CA ASP B 9 -2.69 11.56 3.18
C ASP B 9 -3.72 10.49 2.78
N LEU B 10 -3.47 9.73 1.70
CA LEU B 10 -4.31 8.61 1.30
C LEU B 10 -4.31 7.51 2.38
N TRP B 11 -3.22 7.33 3.15
CA TRP B 11 -3.20 6.38 4.28
C TRP B 11 -4.30 6.68 5.31
N LYS B 12 -4.56 7.97 5.58
CA LYS B 12 -5.57 8.45 6.54
C LYS B 12 -7.01 8.13 6.12
N LEU B 13 -7.26 8.07 4.80
CA LEU B 13 -8.58 7.77 4.22
C LEU B 13 -8.98 6.28 4.29
N LEU B 14 -8.03 5.38 4.56
CA LEU B 14 -8.26 3.93 4.67
C LEU B 14 -9.18 3.57 5.88
N PRO B 15 -9.89 2.41 5.84
CA PRO B 15 -10.82 1.95 6.88
C PRO B 15 -10.16 1.47 8.19
N GLU B 16 -9.16 2.18 8.72
CA GLU B 16 -8.48 1.86 9.99
C GLU B 16 -9.38 1.97 11.24
N ASN B 17 -10.63 2.42 11.07
CA ASN B 17 -11.65 2.66 12.09
C ASN B 17 -12.97 1.90 11.84
N ASN B 18 -12.96 0.91 10.93
CA ASN B 18 -14.14 0.13 10.54
C ASN B 18 -13.82 -1.36 10.30
N VAL B 19 -14.83 -2.17 9.97
CA VAL B 19 -14.70 -3.58 9.58
C VAL B 19 -15.72 -3.85 8.49
N LEU B 20 -15.15 -4.12 7.33
CA LEU B 20 -15.80 -4.35 6.06
C LEU B 20 -15.81 -5.84 5.70
N SER B 21 -14.62 -6.38 5.44
CA SER B 21 -14.35 -7.78 5.05
C SER B 21 -14.73 -8.80 6.14
N PRO B 22 -15.10 -10.04 5.77
CA PRO B 22 -15.47 -11.10 6.71
C PRO B 22 -14.25 -11.79 7.40
N LEU B 23 -13.02 -11.39 7.06
CA LEU B 23 -11.76 -11.95 7.58
C LEU B 23 -10.68 -10.86 7.80
N PRO B 24 -9.70 -11.09 8.69
CA PRO B 24 -8.61 -10.13 8.99
C PRO B 24 -7.51 -10.12 7.92
N SER B 25 -6.38 -9.45 8.21
CA SER B 25 -5.19 -9.30 7.34
C SER B 25 -4.62 -10.59 6.74
N GLN B 26 -4.97 -11.77 7.29
CA GLN B 26 -4.58 -13.10 6.80
C GLN B 26 -5.12 -13.47 5.40
N ALA B 27 -5.90 -12.56 4.82
CA ALA B 27 -6.51 -12.65 3.48
C ALA B 27 -5.51 -12.85 2.32
N MET B 28 -4.23 -12.54 2.51
CA MET B 28 -3.16 -12.68 1.51
C MET B 28 -2.76 -14.14 1.17
N ASP B 29 -3.53 -15.13 1.65
CA ASP B 29 -3.35 -16.57 1.41
C ASP B 29 -3.34 -16.97 -0.09
N ASP B 30 -4.03 -16.21 -0.95
CA ASP B 30 -4.16 -16.48 -2.39
C ASP B 30 -4.10 -15.21 -3.27
N LEU B 31 -3.61 -14.09 -2.74
CA LEU B 31 -3.50 -12.80 -3.43
C LEU B 31 -2.30 -11.97 -2.91
N MET B 32 -1.57 -11.33 -3.85
CA MET B 32 -0.39 -10.50 -3.58
C MET B 32 -0.31 -9.35 -4.60
N LEU B 33 -0.05 -8.12 -4.10
CA LEU B 33 -0.03 -6.87 -4.88
C LEU B 33 1.00 -6.83 -6.03
N SER B 34 0.80 -5.85 -6.92
CA SER B 34 1.64 -5.55 -8.11
C SER B 34 2.08 -4.08 -8.09
N PRO B 35 3.24 -3.73 -8.70
CA PRO B 35 3.77 -2.37 -8.69
C PRO B 35 2.88 -1.32 -9.39
N ASP B 36 1.99 -1.73 -10.29
CA ASP B 36 1.03 -0.83 -10.97
C ASP B 36 0.12 -0.07 -9.99
N ASP B 37 -0.21 -0.69 -8.85
CA ASP B 37 -1.01 -0.08 -7.79
C ASP B 37 -0.14 0.78 -6.84
N ILE B 38 1.14 0.43 -6.69
CA ILE B 38 2.09 1.18 -5.87
C ILE B 38 2.47 2.50 -6.57
N GLU B 39 2.56 2.52 -7.91
CA GLU B 39 2.82 3.75 -8.67
C GLU B 39 1.58 4.68 -8.80
N GLN B 40 0.43 4.29 -8.25
CA GLN B 40 -0.80 5.08 -8.29
C GLN B 40 -0.88 6.16 -7.20
N TRP B 41 -0.56 5.85 -5.94
CA TRP B 41 -0.74 6.80 -4.83
C TRP B 41 0.24 7.99 -4.81
N PHE B 42 1.41 7.87 -5.42
CA PHE B 42 2.41 8.96 -5.47
C PHE B 42 2.26 9.90 -6.69
N THR B 43 1.53 9.49 -7.72
CA THR B 43 1.35 10.25 -8.98
C THR B 43 0.70 11.64 -8.82
N GLU B 44 -0.02 11.85 -7.71
CA GLU B 44 -0.70 13.10 -7.36
C GLU B 44 0.27 14.24 -6.95
N ASP B 45 1.56 13.95 -6.78
CA ASP B 45 2.61 14.92 -6.42
C ASP B 45 2.67 16.14 -7.37
N PRO B 46 2.44 17.38 -6.88
CA PRO B 46 2.44 18.61 -7.69
C PRO B 46 3.86 19.12 -8.04
N GLY B 47 4.66 18.28 -8.71
CA GLY B 47 6.04 18.58 -9.12
C GLY B 47 6.31 18.34 -10.62
N PRO B 48 7.50 18.71 -11.12
CA PRO B 48 7.90 18.57 -12.52
C PRO B 48 8.41 17.14 -12.82
N ASP B 49 9.09 16.99 -13.94
CA ASP B 49 9.67 15.74 -14.46
C ASP B 49 10.96 16.00 -15.26
N PRO A 1 3.00 -2.00 17.53
CA PRO A 1 2.25 -2.56 18.65
C PRO A 1 0.97 -1.78 18.99
N ASN A 2 0.71 -0.69 18.28
CA ASN A 2 -0.43 0.22 18.43
C ASN A 2 -0.76 0.88 17.06
N ARG A 3 -1.86 1.64 16.98
CA ARG A 3 -2.31 2.36 15.77
C ARG A 3 -1.49 3.64 15.50
N SER A 4 -0.17 3.47 15.39
CA SER A 4 0.84 4.51 15.14
C SER A 4 1.87 4.07 14.09
N ILE A 5 2.54 5.03 13.46
CA ILE A 5 3.56 4.81 12.39
C ILE A 5 4.70 5.85 12.48
N SER A 6 5.75 5.64 11.67
CA SER A 6 6.92 6.52 11.57
C SER A 6 7.13 6.93 10.10
N PRO A 7 7.51 8.20 9.80
CA PRO A 7 7.67 8.69 8.43
C PRO A 7 8.83 8.04 7.67
N SER A 8 9.84 7.49 8.36
CA SER A 8 10.99 6.83 7.73
C SER A 8 10.61 5.64 6.84
N ALA A 9 9.57 4.88 7.22
CA ALA A 9 9.06 3.77 6.43
C ALA A 9 8.52 4.22 5.05
N LEU A 10 7.87 5.40 5.02
CA LEU A 10 7.32 6.00 3.79
C LEU A 10 8.48 6.41 2.87
N GLN A 11 9.50 7.07 3.41
CA GLN A 11 10.69 7.47 2.63
C GLN A 11 11.44 6.25 2.07
N ASP A 12 11.54 5.16 2.85
CA ASP A 12 12.19 3.93 2.40
C ASP A 12 11.39 3.22 1.29
N LEU A 13 10.05 3.28 1.35
CA LEU A 13 9.19 2.77 0.28
C LEU A 13 9.41 3.59 -1.00
N LEU A 14 9.37 4.93 -0.90
CA LEU A 14 9.62 5.84 -2.04
C LEU A 14 11.00 5.64 -2.68
N ARG A 15 12.07 5.36 -1.91
CA ARG A 15 13.41 5.10 -2.49
C ARG A 15 13.49 3.71 -3.15
N THR A 16 12.74 2.73 -2.62
CA THR A 16 12.66 1.36 -3.15
C THR A 16 11.85 1.29 -4.46
N LEU A 17 10.70 1.97 -4.51
CA LEU A 17 9.77 2.00 -5.65
C LEU A 17 10.39 2.54 -6.95
N LYS A 18 11.29 3.53 -6.87
CA LYS A 18 11.92 4.15 -8.06
C LYS A 18 12.88 3.25 -8.86
N SER A 19 13.40 2.17 -8.27
CA SER A 19 14.29 1.23 -8.97
C SER A 19 13.51 0.26 -9.88
N PRO A 20 14.18 -0.43 -10.84
CA PRO A 20 13.55 -1.41 -11.74
C PRO A 20 12.69 -2.46 -11.02
N SER A 21 11.62 -2.89 -11.69
CA SER A 21 10.68 -3.90 -11.19
C SER A 21 11.26 -5.32 -11.20
N SER A 22 11.05 -6.06 -10.11
CA SER A 22 11.47 -7.45 -9.92
C SER A 22 10.75 -8.09 -8.72
N PRO A 23 10.65 -9.43 -8.63
CA PRO A 23 10.08 -10.11 -7.47
C PRO A 23 10.79 -9.70 -6.17
N GLN A 24 12.10 -9.45 -6.24
CA GLN A 24 12.92 -9.00 -5.11
C GLN A 24 12.54 -7.57 -4.67
N GLN A 25 12.31 -6.65 -5.61
CA GLN A 25 11.88 -5.28 -5.29
C GLN A 25 10.47 -5.26 -4.69
N GLN A 26 9.56 -6.08 -5.24
CA GLN A 26 8.21 -6.31 -4.72
C GLN A 26 8.28 -6.82 -3.27
N GLN A 27 9.13 -7.84 -3.02
CA GLN A 27 9.36 -8.39 -1.68
C GLN A 27 9.94 -7.34 -0.72
N GLN A 28 10.84 -6.45 -1.16
CA GLN A 28 11.38 -5.39 -0.32
C GLN A 28 10.29 -4.44 0.17
N VAL A 29 9.37 -4.00 -0.70
CA VAL A 29 8.24 -3.16 -0.27
C VAL A 29 7.34 -3.93 0.69
N LEU A 30 7.07 -5.21 0.44
CA LEU A 30 6.31 -6.05 1.37
C LEU A 30 7.04 -6.17 2.73
N ASN A 31 8.37 -6.26 2.77
CA ASN A 31 9.13 -6.28 4.04
C ASN A 31 8.93 -4.96 4.82
N ILE A 32 9.02 -3.82 4.12
CA ILE A 32 8.82 -2.47 4.68
C ILE A 32 7.39 -2.32 5.24
N LEU A 33 6.38 -2.75 4.47
CA LEU A 33 4.97 -2.71 4.86
C LEU A 33 4.65 -3.67 6.02
N LYS A 34 5.15 -4.92 6.02
CA LYS A 34 4.98 -5.90 7.12
C LYS A 34 5.63 -5.45 8.43
N SER A 35 6.62 -4.55 8.36
CA SER A 35 7.29 -3.93 9.52
C SER A 35 6.50 -2.71 10.06
N ASN A 36 5.54 -2.19 9.28
CA ASN A 36 4.66 -1.05 9.58
C ASN A 36 3.20 -1.38 9.15
N PRO A 37 2.59 -2.46 9.68
CA PRO A 37 1.31 -2.97 9.19
C PRO A 37 0.08 -2.06 9.35
N GLN A 38 0.13 -1.00 10.17
CA GLN A 38 -1.00 -0.10 10.39
C GLN A 38 -1.54 0.51 9.07
N LEU A 39 -0.65 0.97 8.19
CA LEU A 39 -1.02 1.55 6.90
C LEU A 39 -1.34 0.49 5.81
N MET A 40 -0.75 -0.70 5.90
CA MET A 40 -0.98 -1.79 4.93
C MET A 40 -2.29 -2.55 5.23
N ALA A 41 -2.55 -2.89 6.49
CA ALA A 41 -3.76 -3.60 6.93
C ALA A 41 -5.02 -2.76 6.68
N ALA A 42 -4.94 -1.44 6.89
CA ALA A 42 -6.04 -0.52 6.59
C ALA A 42 -6.31 -0.45 5.07
N PHE A 43 -5.24 -0.43 4.26
CA PHE A 43 -5.33 -0.44 2.79
C PHE A 43 -6.00 -1.71 2.28
N ILE A 44 -5.52 -2.91 2.69
CA ILE A 44 -6.13 -4.18 2.23
C ILE A 44 -7.59 -4.34 2.68
N LYS A 45 -7.97 -3.90 3.89
CA LYS A 45 -9.36 -3.98 4.38
C LYS A 45 -10.36 -3.28 3.44
N GLN A 46 -9.92 -2.26 2.69
CA GLN A 46 -10.74 -1.59 1.66
C GLN A 46 -10.45 -2.16 0.25
N ARG A 47 -9.17 -2.34 -0.12
CA ARG A 47 -8.73 -2.86 -1.43
C ARG A 47 -9.24 -4.27 -1.74
N THR A 48 -9.49 -5.10 -0.73
CA THR A 48 -10.06 -6.46 -0.87
C THR A 48 -11.43 -6.45 -1.55
N ALA A 49 -12.25 -5.41 -1.29
CA ALA A 49 -13.57 -5.23 -1.89
C ALA A 49 -13.52 -4.92 -3.42
N LYS A 50 -12.32 -4.64 -3.96
CA LYS A 50 -12.04 -4.31 -5.37
C LYS A 50 -10.96 -5.21 -5.98
N TYR A 51 -10.63 -6.33 -5.34
CA TYR A 51 -9.62 -7.32 -5.74
C TYR A 51 -10.11 -8.28 -6.85
N VAL A 52 -10.75 -7.68 -7.85
CA VAL A 52 -11.31 -8.28 -9.06
C VAL A 52 -10.89 -7.44 -10.28
N ALA A 53 -10.02 -8.01 -11.12
CA ALA A 53 -9.43 -7.35 -12.29
C ALA A 53 -8.95 -8.36 -13.35
N ASN A 54 -8.49 -7.83 -14.49
CA ASN A 54 -7.93 -8.59 -15.62
C ASN A 54 -6.66 -7.89 -16.16
N GLN A 55 -5.70 -8.67 -16.67
CA GLN A 55 -4.44 -8.14 -17.20
C GLN A 55 -4.65 -7.46 -18.58
N PRO A 56 -4.15 -6.23 -18.80
CA PRO A 56 -4.31 -5.50 -20.06
C PRO A 56 -3.44 -6.05 -21.21
N GLY A 57 -3.70 -5.57 -22.43
CA GLY A 57 -3.00 -5.95 -23.67
C GLY A 57 -2.98 -4.85 -24.74
N MET A 58 -2.88 -3.58 -24.30
CA MET A 58 -2.86 -2.39 -25.17
C MET A 58 -1.61 -2.30 -26.06
N GLN A 59 -1.65 -1.43 -27.08
CA GLN A 59 -0.56 -1.15 -28.03
C GLN A 59 -0.50 0.34 -28.39
N PRO B 1 0.31 16.77 6.22
CA PRO B 1 0.38 18.20 6.47
C PRO B 1 -0.31 19.06 5.39
N LEU B 2 -0.69 18.45 4.26
CA LEU B 2 -1.37 19.09 3.13
C LEU B 2 -2.35 18.11 2.44
N SER B 3 -3.10 18.62 1.46
CA SER B 3 -4.01 17.81 0.63
C SER B 3 -3.97 18.18 -0.84
N GLN B 4 -3.14 17.44 -1.54
CA GLN B 4 -3.00 17.45 -3.00
C GLN B 4 -3.38 16.05 -3.53
N GLU B 5 -4.10 15.31 -2.66
CA GLU B 5 -4.66 13.98 -2.80
C GLU B 5 -3.67 12.92 -3.31
N THR B 6 -2.44 13.02 -2.79
CA THR B 6 -1.26 12.17 -3.02
C THR B 6 -1.16 11.02 -2.01
N PHE B 7 -0.15 10.15 -2.12
CA PHE B 7 0.06 8.99 -1.24
C PHE B 7 -0.12 9.26 0.26
N SER B 8 0.40 10.38 0.77
CA SER B 8 0.30 10.78 2.19
C SER B 8 -1.13 11.10 2.63
N ASP B 9 -1.93 11.65 1.72
CA ASP B 9 -3.34 12.00 1.95
C ASP B 9 -4.27 10.78 1.84
N LEU B 10 -3.88 9.75 1.07
CA LEU B 10 -4.64 8.50 0.94
C LEU B 10 -4.68 7.73 2.28
N TRP B 11 -3.62 7.80 3.09
CA TRP B 11 -3.59 7.15 4.41
C TRP B 11 -4.70 7.66 5.35
N LYS B 12 -5.05 8.95 5.23
CA LYS B 12 -6.09 9.62 6.04
C LYS B 12 -7.50 9.09 5.73
N LEU B 13 -7.75 8.74 4.47
CA LEU B 13 -9.03 8.21 4.00
C LEU B 13 -9.27 6.74 4.43
N LEU B 14 -8.20 5.97 4.58
CA LEU B 14 -8.23 4.56 4.98
C LEU B 14 -8.53 4.36 6.50
N PRO B 15 -9.05 3.19 6.92
CA PRO B 15 -9.40 2.86 8.31
C PRO B 15 -8.17 2.57 9.21
N GLU B 16 -7.15 3.44 9.18
CA GLU B 16 -5.88 3.35 9.93
C GLU B 16 -6.00 3.08 11.45
N ASN B 17 -7.10 3.50 12.06
CA ASN B 17 -7.37 3.36 13.50
C ASN B 17 -8.21 2.11 13.86
N ASN B 18 -8.56 1.27 12.88
CA ASN B 18 -9.41 0.08 13.04
C ASN B 18 -8.74 -1.23 12.59
N VAL B 19 -7.41 -1.23 12.45
CA VAL B 19 -6.58 -2.40 12.09
C VAL B 19 -6.50 -3.49 13.18
N LEU B 20 -6.94 -3.17 14.39
CA LEU B 20 -6.96 -4.02 15.60
C LEU B 20 -7.72 -5.36 15.50
N SER B 21 -8.40 -5.64 14.39
CA SER B 21 -9.11 -6.91 14.13
C SER B 21 -8.16 -8.13 14.19
N PRO B 22 -8.63 -9.34 14.58
CA PRO B 22 -7.77 -10.53 14.64
C PRO B 22 -7.27 -10.99 13.26
N LEU B 23 -8.04 -10.74 12.19
CA LEU B 23 -7.73 -11.08 10.80
C LEU B 23 -8.25 -9.98 9.84
N PRO B 24 -7.39 -9.13 9.23
CA PRO B 24 -7.81 -8.06 8.31
C PRO B 24 -8.62 -8.53 7.09
N SER B 25 -8.40 -9.78 6.65
CA SER B 25 -9.06 -10.45 5.53
C SER B 25 -9.01 -11.98 5.71
N GLN B 26 -9.74 -12.73 4.90
CA GLN B 26 -9.86 -14.20 4.94
C GLN B 26 -9.64 -14.87 3.57
N ALA B 27 -9.01 -14.16 2.62
CA ALA B 27 -8.78 -14.64 1.24
C ALA B 27 -7.34 -14.48 0.70
N MET B 28 -6.45 -13.77 1.41
CA MET B 28 -5.05 -13.49 1.02
C MET B 28 -4.10 -14.70 0.94
N ASP B 29 -4.66 -15.92 0.89
CA ASP B 29 -3.95 -17.20 0.77
C ASP B 29 -3.62 -17.59 -0.69
N ASP B 30 -4.43 -17.13 -1.65
CA ASP B 30 -4.31 -17.43 -3.09
C ASP B 30 -4.24 -16.16 -3.97
N LEU B 31 -4.16 -14.99 -3.34
CA LEU B 31 -4.01 -13.67 -3.95
C LEU B 31 -3.08 -12.81 -3.08
N MET B 32 -2.12 -12.14 -3.71
CA MET B 32 -1.12 -11.29 -3.07
C MET B 32 -0.74 -10.10 -3.96
N LEU B 33 -0.40 -8.98 -3.34
CA LEU B 33 -0.07 -7.71 -3.99
C LEU B 33 1.12 -7.82 -4.96
N SER B 34 1.09 -6.96 -5.98
CA SER B 34 2.08 -6.85 -7.07
C SER B 34 2.59 -5.40 -7.18
N PRO B 35 3.68 -5.11 -7.94
CA PRO B 35 4.18 -3.74 -8.10
C PRO B 35 3.10 -2.76 -8.61
N ASP B 36 2.10 -3.25 -9.34
CA ASP B 36 0.93 -2.48 -9.82
C ASP B 36 0.15 -1.82 -8.67
N ASP B 37 0.05 -2.49 -7.50
CA ASP B 37 -0.60 -1.98 -6.30
C ASP B 37 0.24 -0.90 -5.59
N ILE B 38 1.58 -0.96 -5.72
CA ILE B 38 2.54 -0.03 -5.12
C ILE B 38 2.68 1.24 -5.97
N GLU B 39 2.81 1.11 -7.29
CA GLU B 39 2.91 2.25 -8.20
C GLU B 39 1.61 3.08 -8.30
N GLN B 40 0.54 2.64 -7.63
CA GLN B 40 -0.77 3.27 -7.63
C GLN B 40 -0.89 4.48 -6.68
N TRP B 41 -0.43 4.41 -5.43
CA TRP B 41 -0.64 5.52 -4.48
C TRP B 41 0.18 6.79 -4.75
N PHE B 42 1.35 6.68 -5.39
CA PHE B 42 2.20 7.83 -5.71
C PHE B 42 1.92 8.48 -7.09
N THR B 43 1.17 7.81 -7.98
CA THR B 43 0.91 8.27 -9.36
C THR B 43 0.15 9.60 -9.45
N GLU B 44 -0.64 9.95 -8.43
CA GLU B 44 -1.45 11.18 -8.38
C GLU B 44 -0.66 12.45 -7.97
N ASP B 45 0.65 12.35 -7.72
CA ASP B 45 1.51 13.50 -7.39
C ASP B 45 1.48 14.56 -8.53
N PRO B 46 1.17 15.84 -8.21
CA PRO B 46 1.04 16.92 -9.21
C PRO B 46 2.36 17.39 -9.86
N GLY B 47 3.53 16.94 -9.39
CA GLY B 47 4.84 17.32 -9.92
C GLY B 47 5.41 18.64 -9.33
N PRO B 48 6.61 19.06 -9.79
CA PRO B 48 7.28 20.27 -9.29
C PRO B 48 6.66 21.59 -9.78
N ASP B 49 5.97 21.61 -10.91
CA ASP B 49 5.35 22.81 -11.49
C ASP B 49 4.15 23.32 -10.66
N PRO A 1 1.03 8.07 17.14
CA PRO A 1 1.17 6.85 16.36
C PRO A 1 2.62 6.38 16.15
N ASN A 2 3.61 7.22 16.48
CA ASN A 2 5.05 6.92 16.39
C ASN A 2 5.46 5.64 17.15
N ARG A 3 4.64 5.19 18.11
CA ARG A 3 4.81 3.96 18.88
C ARG A 3 4.76 2.68 18.04
N SER A 4 4.16 2.70 16.85
CA SER A 4 4.00 1.51 15.99
C SER A 4 4.19 1.69 14.49
N ILE A 5 4.47 2.89 14.02
CA ILE A 5 4.78 3.23 12.61
C ILE A 5 5.87 4.32 12.53
N SER A 6 6.39 4.60 11.32
CA SER A 6 7.40 5.65 11.11
C SER A 6 7.31 6.28 9.71
N PRO A 7 7.46 7.62 9.57
CA PRO A 7 7.43 8.31 8.28
C PRO A 7 8.60 7.94 7.35
N SER A 8 9.72 7.43 7.88
CA SER A 8 10.87 7.03 7.05
C SER A 8 10.53 5.86 6.11
N ALA A 9 9.64 4.96 6.53
CA ALA A 9 9.17 3.84 5.73
C ALA A 9 8.43 4.29 4.45
N LEU A 10 7.71 5.42 4.51
CA LEU A 10 7.00 6.00 3.37
C LEU A 10 7.98 6.51 2.31
N GLN A 11 9.13 7.06 2.74
CA GLN A 11 10.20 7.50 1.83
C GLN A 11 10.92 6.28 1.22
N ASP A 12 11.18 5.25 2.03
CA ASP A 12 11.80 3.98 1.60
C ASP A 12 10.92 3.24 0.57
N LEU A 13 9.59 3.36 0.69
CA LEU A 13 8.62 2.81 -0.28
C LEU A 13 8.81 3.44 -1.65
N LEU A 14 8.88 4.78 -1.73
CA LEU A 14 9.10 5.50 -2.99
C LEU A 14 10.44 5.10 -3.63
N ARG A 15 11.54 5.03 -2.87
CA ARG A 15 12.84 4.58 -3.45
C ARG A 15 12.80 3.12 -3.91
N THR A 16 12.01 2.28 -3.25
CA THR A 16 11.77 0.88 -3.65
C THR A 16 10.98 0.81 -4.95
N LEU A 17 9.93 1.63 -5.13
CA LEU A 17 9.13 1.72 -6.37
C LEU A 17 10.01 2.05 -7.59
N LYS A 18 10.94 3.00 -7.42
CA LYS A 18 11.89 3.45 -8.46
C LYS A 18 12.87 2.36 -8.97
N SER A 19 13.06 1.26 -8.25
CA SER A 19 13.95 0.15 -8.66
C SER A 19 13.37 -0.67 -9.83
N PRO A 20 14.19 -1.41 -10.61
CA PRO A 20 13.70 -2.30 -11.67
C PRO A 20 13.01 -3.54 -11.06
N SER A 21 12.13 -4.18 -11.84
CA SER A 21 11.40 -5.39 -11.40
C SER A 21 12.36 -6.53 -11.03
N SER A 22 12.25 -7.01 -9.79
CA SER A 22 13.10 -8.06 -9.21
C SER A 22 12.47 -8.69 -7.95
N PRO A 23 12.88 -9.92 -7.55
CA PRO A 23 12.41 -10.53 -6.31
C PRO A 23 12.84 -9.71 -5.08
N GLN A 24 13.95 -8.97 -5.15
CA GLN A 24 14.42 -8.08 -4.08
C GLN A 24 13.43 -6.91 -3.89
N GLN A 25 12.93 -6.30 -4.98
CA GLN A 25 11.92 -5.23 -4.90
C GLN A 25 10.62 -5.77 -4.28
N GLN A 26 10.14 -6.93 -4.74
CA GLN A 26 8.93 -7.57 -4.21
C GLN A 26 9.06 -7.85 -2.70
N GLN A 27 10.21 -8.39 -2.26
CA GLN A 27 10.50 -8.62 -0.84
C GLN A 27 10.56 -7.31 -0.06
N GLN A 28 11.17 -6.25 -0.60
CA GLN A 28 11.24 -4.94 0.07
C GLN A 28 9.85 -4.33 0.29
N VAL A 29 8.94 -4.42 -0.69
CA VAL A 29 7.54 -3.94 -0.51
C VAL A 29 6.89 -4.67 0.67
N LEU A 30 7.00 -6.00 0.73
CA LEU A 30 6.50 -6.80 1.84
C LEU A 30 7.16 -6.40 3.17
N ASN A 31 8.49 -6.21 3.21
CA ASN A 31 9.23 -5.80 4.41
C ASN A 31 8.70 -4.45 4.96
N ILE A 32 8.58 -3.44 4.11
CA ILE A 32 8.11 -2.09 4.45
C ILE A 32 6.68 -2.13 5.01
N LEU A 33 5.78 -2.85 4.34
CA LEU A 33 4.39 -3.00 4.77
C LEU A 33 4.30 -3.75 6.12
N LYS A 34 4.94 -4.93 6.24
CA LYS A 34 4.95 -5.72 7.50
C LYS A 34 5.64 -5.01 8.67
N SER A 35 6.51 -4.04 8.40
CA SER A 35 7.14 -3.20 9.43
C SER A 35 6.21 -2.08 9.94
N ASN A 36 5.06 -1.87 9.27
CA ASN A 36 4.03 -0.87 9.60
C ASN A 36 2.61 -1.48 9.46
N PRO A 37 2.24 -2.55 10.23
CA PRO A 37 0.95 -3.24 10.11
C PRO A 37 -0.30 -2.36 10.08
N GLN A 38 -0.30 -1.28 10.87
CA GLN A 38 -1.41 -0.34 11.01
C GLN A 38 -1.93 0.22 9.67
N LEU A 39 -1.00 0.68 8.81
CA LEU A 39 -1.35 1.26 7.50
C LEU A 39 -1.57 0.22 6.39
N MET A 40 -0.94 -0.96 6.44
CA MET A 40 -1.12 -1.98 5.40
C MET A 40 -2.41 -2.79 5.59
N ALA A 41 -2.79 -3.12 6.83
CA ALA A 41 -4.00 -3.88 7.11
C ALA A 41 -5.28 -3.07 6.82
N ALA A 42 -5.28 -1.77 7.13
CA ALA A 42 -6.40 -0.87 6.84
C ALA A 42 -6.65 -0.74 5.32
N PHE A 43 -5.58 -0.80 4.52
CA PHE A 43 -5.62 -0.76 3.05
C PHE A 43 -6.11 -2.07 2.42
N ILE A 44 -5.48 -3.22 2.76
CA ILE A 44 -5.85 -4.51 2.14
C ILE A 44 -7.28 -4.94 2.44
N LYS A 45 -7.77 -4.77 3.68
CA LYS A 45 -9.13 -5.14 4.07
C LYS A 45 -10.25 -4.44 3.27
N GLN A 46 -9.96 -3.30 2.64
CA GLN A 46 -10.89 -2.63 1.71
C GLN A 46 -10.56 -2.94 0.24
N ARG A 47 -9.27 -3.05 -0.13
CA ARG A 47 -8.81 -3.39 -1.49
C ARG A 47 -9.25 -4.80 -1.94
N THR A 48 -9.28 -5.75 -1.01
CA THR A 48 -9.70 -7.15 -1.25
C THR A 48 -11.11 -7.26 -1.85
N ALA A 49 -12.02 -6.33 -1.53
CA ALA A 49 -13.37 -6.26 -2.10
C ALA A 49 -13.41 -6.00 -3.62
N LYS A 50 -12.27 -5.58 -4.21
CA LYS A 50 -12.08 -5.27 -5.64
C LYS A 50 -11.04 -6.18 -6.32
N TYR A 51 -10.54 -7.21 -5.63
CA TYR A 51 -9.55 -8.17 -6.17
C TYR A 51 -10.07 -9.16 -7.25
N VAL A 52 -11.15 -8.75 -7.93
CA VAL A 52 -11.85 -9.43 -9.04
C VAL A 52 -11.88 -8.53 -10.30
N ALA A 53 -11.17 -7.40 -10.27
CA ALA A 53 -11.08 -6.37 -11.31
C ALA A 53 -10.60 -6.83 -12.71
N ASN A 54 -9.90 -7.97 -12.80
CA ASN A 54 -9.33 -8.51 -14.05
C ASN A 54 -10.33 -8.54 -15.23
N GLN A 55 -9.97 -7.82 -16.29
CA GLN A 55 -10.71 -7.62 -17.55
C GLN A 55 -9.73 -7.20 -18.68
N PRO A 56 -10.14 -7.05 -19.96
CA PRO A 56 -9.25 -6.64 -21.05
C PRO A 56 -8.40 -5.39 -20.73
N GLY A 57 -7.14 -5.38 -21.19
CA GLY A 57 -6.16 -4.29 -20.98
C GLY A 57 -6.40 -3.04 -21.84
N MET A 58 -7.61 -2.48 -21.76
CA MET A 58 -8.07 -1.30 -22.51
C MET A 58 -7.17 -0.06 -22.30
N GLN A 59 -6.94 0.69 -23.39
CA GLN A 59 -6.15 1.93 -23.47
C GLN A 59 -4.93 1.98 -22.55
N PRO B 1 3.83 20.67 5.50
CA PRO B 1 4.71 19.79 4.73
C PRO B 1 3.97 18.87 3.75
N LEU B 2 2.66 18.73 3.89
CA LEU B 2 1.79 17.90 3.05
C LEU B 2 0.35 18.44 2.98
N SER B 3 -0.52 17.75 2.24
CA SER B 3 -1.95 18.07 2.05
C SER B 3 -2.80 16.80 1.99
N GLN B 4 -4.12 16.97 2.09
CA GLN B 4 -5.11 15.90 1.92
C GLN B 4 -5.18 15.35 0.47
N GLU B 5 -4.20 15.69 -0.36
CA GLU B 5 -4.05 15.30 -1.77
C GLU B 5 -2.68 14.62 -2.06
N THR B 6 -1.91 14.26 -1.02
CA THR B 6 -0.58 13.61 -1.14
C THR B 6 -0.58 12.15 -0.67
N PHE B 7 0.36 11.36 -1.19
CA PHE B 7 0.53 9.93 -0.87
C PHE B 7 0.60 9.62 0.64
N SER B 8 1.22 10.50 1.43
CA SER B 8 1.35 10.32 2.89
C SER B 8 0.02 10.51 3.63
N ASP B 9 -0.81 11.47 3.20
CA ASP B 9 -2.11 11.71 3.84
C ASP B 9 -3.17 10.68 3.42
N LEU B 10 -3.01 10.05 2.25
CA LEU B 10 -3.90 8.97 1.81
C LEU B 10 -3.93 7.83 2.84
N TRP B 11 -2.80 7.50 3.48
CA TRP B 11 -2.74 6.46 4.53
C TRP B 11 -3.59 6.79 5.78
N LYS B 12 -3.72 8.08 6.11
CA LYS B 12 -4.50 8.57 7.28
C LYS B 12 -6.02 8.54 7.06
N LEU B 13 -6.49 8.49 5.81
CA LEU B 13 -7.92 8.54 5.47
C LEU B 13 -8.45 7.29 4.76
N LEU B 14 -7.66 6.69 3.84
CA LEU B 14 -8.01 5.54 2.98
C LEU B 14 -9.51 5.42 2.63
N PRO B 15 -10.08 6.40 1.91
CA PRO B 15 -11.50 6.46 1.57
C PRO B 15 -11.91 5.68 0.31
N GLU B 16 -10.94 5.37 -0.57
CA GLU B 16 -11.12 4.76 -1.90
C GLU B 16 -12.08 3.55 -2.01
N ASN B 17 -12.12 2.69 -1.00
CA ASN B 17 -12.99 1.51 -0.94
C ASN B 17 -13.61 1.35 0.46
N ASN B 18 -13.59 2.38 1.30
CA ASN B 18 -14.10 2.32 2.68
C ASN B 18 -15.64 2.24 2.81
N VAL B 19 -16.33 2.55 1.72
CA VAL B 19 -17.79 2.56 1.53
C VAL B 19 -18.47 1.19 1.56
N LEU B 20 -17.69 0.10 1.53
CA LEU B 20 -18.15 -1.30 1.47
C LEU B 20 -17.58 -2.21 2.58
N SER B 21 -18.12 -3.43 2.70
CA SER B 21 -17.73 -4.47 3.67
C SER B 21 -18.34 -5.84 3.27
N PRO B 22 -17.74 -6.58 2.31
CA PRO B 22 -18.28 -7.88 1.87
C PRO B 22 -18.17 -8.98 2.96
N LEU B 23 -17.12 -8.92 3.78
CA LEU B 23 -16.82 -9.82 4.90
C LEU B 23 -16.09 -9.03 6.02
N PRO B 24 -16.26 -9.37 7.32
CA PRO B 24 -15.58 -8.70 8.42
C PRO B 24 -14.05 -8.69 8.32
N SER B 25 -13.47 -9.77 7.79
CA SER B 25 -12.03 -9.99 7.57
C SER B 25 -11.80 -11.00 6.42
N GLN B 26 -10.66 -10.87 5.73
CA GLN B 26 -10.21 -11.75 4.65
C GLN B 26 -8.67 -11.63 4.52
N ALA B 27 -7.96 -12.76 4.52
CA ALA B 27 -6.50 -12.80 4.39
C ALA B 27 -6.01 -12.88 2.94
N MET B 28 -4.69 -12.72 2.77
CA MET B 28 -3.98 -12.74 1.49
C MET B 28 -3.66 -14.17 0.98
N ASP B 29 -4.54 -15.14 1.26
CA ASP B 29 -4.37 -16.57 0.94
C ASP B 29 -4.16 -16.90 -0.55
N ASP B 30 -4.77 -16.14 -1.47
CA ASP B 30 -4.71 -16.37 -2.92
C ASP B 30 -4.67 -15.05 -3.75
N LEU B 31 -4.07 -14.00 -3.17
CA LEU B 31 -3.94 -12.66 -3.77
C LEU B 31 -2.64 -11.98 -3.29
N MET B 32 -2.06 -11.11 -4.14
CA MET B 32 -0.85 -10.35 -3.81
C MET B 32 -0.69 -9.11 -4.71
N LEU B 33 -0.34 -7.99 -4.08
CA LEU B 33 -0.15 -6.66 -4.69
C LEU B 33 0.95 -6.65 -5.77
N SER B 34 0.84 -5.67 -6.67
CA SER B 34 1.73 -5.42 -7.81
C SER B 34 2.09 -3.93 -7.90
N PRO B 35 3.15 -3.52 -8.63
CA PRO B 35 3.53 -2.11 -8.77
C PRO B 35 2.42 -1.22 -9.34
N ASP B 36 1.43 -1.79 -10.05
CA ASP B 36 0.25 -1.08 -10.55
C ASP B 36 -0.56 -0.38 -9.44
N ASP B 37 -0.62 -0.98 -8.25
CA ASP B 37 -1.27 -0.42 -7.06
C ASP B 37 -0.43 0.66 -6.37
N ILE B 38 0.90 0.56 -6.52
CA ILE B 38 1.90 1.46 -5.90
C ILE B 38 2.09 2.72 -6.75
N GLU B 39 2.09 2.60 -8.07
CA GLU B 39 2.19 3.74 -9.00
C GLU B 39 0.92 4.62 -9.04
N GLN B 40 -0.08 4.32 -8.20
CA GLN B 40 -1.31 5.08 -8.05
C GLN B 40 -1.14 6.29 -7.12
N TRP B 41 -0.67 6.10 -5.88
CA TRP B 41 -0.53 7.20 -4.91
C TRP B 41 0.64 8.16 -5.17
N PHE B 42 1.70 7.70 -5.85
CA PHE B 42 2.85 8.56 -6.18
C PHE B 42 2.53 9.57 -7.32
N THR B 43 1.40 9.41 -8.01
CA THR B 43 0.99 10.26 -9.15
C THR B 43 0.57 11.67 -8.71
N GLU B 44 0.06 11.82 -7.48
CA GLU B 44 -0.42 13.03 -6.78
C GLU B 44 -0.36 14.36 -7.58
N ASP B 45 -1.26 14.49 -8.56
CA ASP B 45 -1.35 15.63 -9.47
C ASP B 45 -1.67 16.98 -8.79
N PRO B 46 -1.18 18.11 -9.34
CA PRO B 46 -1.43 19.46 -8.84
C PRO B 46 -2.85 20.00 -9.16
N GLY B 47 -3.65 19.26 -9.92
CA GLY B 47 -5.01 19.62 -10.33
C GLY B 47 -5.76 18.49 -11.05
N PRO B 48 -7.00 18.72 -11.52
CA PRO B 48 -7.83 17.72 -12.20
C PRO B 48 -7.35 17.36 -13.62
N ASP B 49 -6.53 18.20 -14.24
CA ASP B 49 -5.98 18.02 -15.60
C ASP B 49 -4.62 18.73 -15.77
N PRO A 1 9.03 -4.65 17.05
CA PRO A 1 8.41 -3.33 17.10
C PRO A 1 7.33 -3.09 16.02
N ASN A 2 6.88 -4.15 15.34
CA ASN A 2 5.87 -4.11 14.27
C ASN A 2 4.54 -3.42 14.67
N ARG A 3 4.24 -3.33 15.97
CA ARG A 3 3.07 -2.66 16.56
C ARG A 3 3.05 -1.12 16.34
N SER A 4 4.20 -0.53 16.01
CA SER A 4 4.40 0.92 15.85
C SER A 4 4.63 1.34 14.39
N ILE A 5 4.78 2.65 14.17
CA ILE A 5 5.02 3.29 12.86
C ILE A 5 6.12 4.38 12.96
N SER A 6 6.66 4.84 11.83
CA SER A 6 7.68 5.89 11.74
C SER A 6 7.66 6.58 10.36
N PRO A 7 8.02 7.87 10.25
CA PRO A 7 8.01 8.59 8.97
C PRO A 7 9.05 8.08 7.96
N SER A 8 10.17 7.52 8.44
CA SER A 8 11.25 6.95 7.63
C SER A 8 10.77 5.83 6.71
N ALA A 9 9.81 5.01 7.15
CA ALA A 9 9.25 3.91 6.36
C ALA A 9 8.63 4.37 5.02
N LEU A 10 8.01 5.56 5.01
CA LEU A 10 7.42 6.13 3.78
C LEU A 10 8.53 6.56 2.81
N GLN A 11 9.65 7.09 3.34
CA GLN A 11 10.82 7.44 2.52
C GLN A 11 11.51 6.19 1.96
N ASP A 12 11.55 5.09 2.73
CA ASP A 12 12.07 3.80 2.28
C ASP A 12 11.21 3.22 1.15
N LEU A 13 9.87 3.35 1.22
CA LEU A 13 8.98 2.92 0.13
C LEU A 13 9.32 3.68 -1.15
N LEU A 14 9.48 5.02 -1.08
CA LEU A 14 9.85 5.84 -2.24
C LEU A 14 11.18 5.42 -2.85
N ARG A 15 12.24 5.24 -2.05
CA ARG A 15 13.56 4.82 -2.56
C ARG A 15 13.55 3.42 -3.18
N THR A 16 12.67 2.53 -2.69
CA THR A 16 12.49 1.17 -3.23
C THR A 16 11.65 1.20 -4.52
N LEU A 17 10.62 2.05 -4.60
CA LEU A 17 9.78 2.22 -5.79
C LEU A 17 10.59 2.76 -6.98
N LYS A 18 11.60 3.61 -6.73
CA LYS A 18 12.48 4.16 -7.78
C LYS A 18 13.29 3.09 -8.53
N SER A 19 13.61 1.98 -7.87
CA SER A 19 14.34 0.84 -8.47
C SER A 19 13.47 0.07 -9.50
N PRO A 20 14.06 -0.63 -10.49
CA PRO A 20 13.31 -1.38 -11.49
C PRO A 20 12.55 -2.57 -10.89
N SER A 21 11.43 -2.92 -11.51
CA SER A 21 10.54 -4.01 -11.08
C SER A 21 11.20 -5.39 -11.12
N SER A 22 11.13 -6.11 -10.00
CA SER A 22 11.63 -7.48 -9.79
C SER A 22 10.94 -8.10 -8.58
N PRO A 23 10.86 -9.45 -8.46
CA PRO A 23 10.29 -10.10 -7.26
C PRO A 23 10.97 -9.63 -5.97
N GLN A 24 12.28 -9.33 -6.04
CA GLN A 24 13.09 -8.82 -4.94
C GLN A 24 12.71 -7.39 -4.56
N GLN A 25 12.60 -6.48 -5.54
CA GLN A 25 12.18 -5.09 -5.33
C GLN A 25 10.74 -5.02 -4.77
N GLN A 26 9.85 -5.86 -5.31
CA GLN A 26 8.47 -6.02 -4.86
C GLN A 26 8.45 -6.48 -3.40
N GLN A 27 9.20 -7.54 -3.06
CA GLN A 27 9.32 -8.06 -1.70
C GLN A 27 9.87 -7.00 -0.72
N GLN A 28 10.80 -6.14 -1.13
CA GLN A 28 11.28 -5.07 -0.25
C GLN A 28 10.16 -4.09 0.14
N VAL A 29 9.28 -3.69 -0.80
CA VAL A 29 8.14 -2.82 -0.44
C VAL A 29 7.22 -3.56 0.55
N LEU A 30 6.95 -4.84 0.33
CA LEU A 30 6.18 -5.67 1.27
C LEU A 30 6.86 -5.74 2.65
N ASN A 31 8.19 -5.89 2.72
CA ASN A 31 8.96 -5.90 3.97
C ASN A 31 8.82 -4.55 4.71
N ILE A 32 8.94 -3.44 3.97
CA ILE A 32 8.78 -2.07 4.50
C ILE A 32 7.36 -1.86 5.05
N LEU A 33 6.33 -2.39 4.38
CA LEU A 33 4.94 -2.34 4.86
C LEU A 33 4.74 -3.25 6.09
N LYS A 34 5.27 -4.48 6.08
CA LYS A 34 5.22 -5.45 7.21
C LYS A 34 5.94 -4.97 8.47
N SER A 35 6.89 -4.03 8.35
CA SER A 35 7.59 -3.40 9.48
C SER A 35 6.66 -2.48 10.29
N ASN A 36 5.51 -2.09 9.72
CA ASN A 36 4.50 -1.19 10.27
C ASN A 36 3.13 -1.46 9.58
N PRO A 37 2.49 -2.63 9.80
CA PRO A 37 1.23 -3.01 9.13
C PRO A 37 0.04 -2.07 9.32
N GLN A 38 0.05 -1.27 10.40
CA GLN A 38 -1.00 -0.32 10.79
C GLN A 38 -1.57 0.51 9.63
N LEU A 39 -0.68 1.08 8.81
CA LEU A 39 -1.05 1.91 7.65
C LEU A 39 -1.46 1.10 6.42
N MET A 40 -0.79 -0.03 6.13
CA MET A 40 -1.12 -0.90 4.99
C MET A 40 -2.51 -1.55 5.15
N ALA A 41 -2.82 -2.01 6.36
CA ALA A 41 -4.06 -2.70 6.70
C ALA A 41 -5.33 -1.88 6.39
N ALA A 42 -5.26 -0.54 6.44
CA ALA A 42 -6.40 0.34 6.10
C ALA A 42 -6.78 0.28 4.60
N PHE A 43 -5.79 0.14 3.72
CA PHE A 43 -5.98 0.05 2.26
C PHE A 43 -6.47 -1.34 1.81
N ILE A 44 -5.76 -2.40 2.23
CA ILE A 44 -6.04 -3.78 1.79
C ILE A 44 -7.47 -4.24 2.11
N LYS A 45 -8.03 -3.85 3.26
CA LYS A 45 -9.40 -4.22 3.67
C LYS A 45 -10.48 -3.87 2.63
N GLN A 46 -10.25 -2.85 1.80
CA GLN A 46 -11.17 -2.47 0.71
C GLN A 46 -10.72 -3.06 -0.64
N ARG A 47 -9.40 -3.11 -0.91
CA ARG A 47 -8.82 -3.69 -2.14
C ARG A 47 -9.16 -5.19 -2.31
N THR A 48 -9.21 -5.95 -1.21
CA THR A 48 -9.53 -7.39 -1.21
C THR A 48 -10.86 -7.72 -1.90
N ALA A 49 -11.85 -6.81 -1.85
CA ALA A 49 -13.16 -6.96 -2.48
C ALA A 49 -13.15 -6.93 -4.02
N LYS A 50 -12.01 -6.59 -4.66
CA LYS A 50 -11.84 -6.52 -6.13
C LYS A 50 -10.63 -7.31 -6.66
N TYR A 51 -9.78 -7.85 -5.78
CA TYR A 51 -8.59 -8.65 -6.09
C TYR A 51 -8.91 -10.14 -6.39
N VAL A 52 -9.95 -10.34 -7.19
CA VAL A 52 -10.43 -11.65 -7.66
C VAL A 52 -9.52 -12.17 -8.78
N ALA A 53 -8.75 -13.21 -8.49
CA ALA A 53 -7.72 -13.78 -9.39
C ALA A 53 -8.18 -14.94 -10.31
N ASN A 54 -9.47 -15.29 -10.31
CA ASN A 54 -10.03 -16.42 -11.08
C ASN A 54 -11.00 -16.03 -12.21
N GLN A 55 -11.06 -14.75 -12.61
CA GLN A 55 -11.86 -14.28 -13.75
C GLN A 55 -11.32 -14.85 -15.09
N PRO A 56 -12.16 -15.00 -16.15
CA PRO A 56 -11.75 -15.57 -17.44
C PRO A 56 -10.81 -14.69 -18.29
N GLY A 57 -10.55 -13.44 -17.91
CA GLY A 57 -9.64 -12.52 -18.61
C GLY A 57 -10.30 -11.44 -19.47
N MET A 58 -11.63 -11.26 -19.38
CA MET A 58 -12.42 -10.27 -20.12
C MET A 58 -13.55 -9.72 -19.25
N GLN A 59 -13.93 -8.46 -19.45
CA GLN A 59 -14.97 -7.73 -18.71
C GLN A 59 -15.81 -6.84 -19.63
N PRO B 1 6.17 19.20 -10.15
CA PRO B 1 4.91 19.00 -10.87
C PRO B 1 3.84 18.26 -10.04
N LEU B 2 4.24 17.60 -8.95
CA LEU B 2 3.38 16.86 -8.03
C LEU B 2 3.91 16.96 -6.59
N SER B 3 3.04 16.72 -5.61
CA SER B 3 3.41 16.78 -4.18
C SER B 3 4.15 15.52 -3.71
N GLN B 4 4.78 15.60 -2.54
CA GLN B 4 5.46 14.47 -1.90
C GLN B 4 4.54 13.74 -0.89
N GLU B 5 3.27 14.16 -0.79
CA GLU B 5 2.27 13.60 0.14
C GLU B 5 1.55 12.37 -0.40
N THR B 6 1.19 12.38 -1.69
CA THR B 6 0.42 11.36 -2.46
C THR B 6 -0.04 10.11 -1.69
N PHE B 7 0.76 9.04 -1.72
CA PHE B 7 0.58 7.77 -1.03
C PHE B 7 0.48 7.88 0.50
N SER B 8 1.27 8.76 1.12
CA SER B 8 1.23 9.05 2.56
C SER B 8 -0.08 9.69 2.98
N ASP B 9 -0.69 10.47 2.09
CA ASP B 9 -1.97 11.16 2.30
C ASP B 9 -3.17 10.19 2.30
N LEU B 10 -3.05 9.05 1.60
CA LEU B 10 -4.09 8.03 1.56
C LEU B 10 -4.26 7.35 2.93
N TRP B 11 -3.16 7.13 3.67
CA TRP B 11 -3.22 6.54 5.02
C TRP B 11 -4.04 7.41 5.99
N LYS B 12 -4.03 8.73 5.80
CA LYS B 12 -4.76 9.72 6.62
C LYS B 12 -6.26 9.66 6.37
N LEU B 13 -6.66 9.57 5.09
CA LEU B 13 -8.06 9.56 4.63
C LEU B 13 -8.77 8.21 4.83
N LEU B 14 -8.08 7.09 4.64
CA LEU B 14 -8.68 5.76 4.69
C LEU B 14 -9.50 5.36 5.93
N PRO B 15 -8.96 5.46 7.16
CA PRO B 15 -9.64 5.10 8.41
C PRO B 15 -10.75 6.08 8.82
N GLU B 16 -11.05 7.08 7.98
CA GLU B 16 -12.09 8.10 8.24
C GLU B 16 -13.10 8.28 7.09
N ASN B 17 -12.99 7.42 6.07
CA ASN B 17 -13.89 7.33 4.91
C ASN B 17 -14.42 5.89 4.71
N ASN B 18 -13.97 4.93 5.54
CA ASN B 18 -14.35 3.52 5.48
C ASN B 18 -14.42 2.86 6.87
N VAL B 19 -15.36 1.93 7.03
CA VAL B 19 -15.59 1.11 8.25
C VAL B 19 -16.03 -0.34 7.97
N LEU B 20 -16.45 -0.64 6.73
CA LEU B 20 -16.97 -1.92 6.25
C LEU B 20 -15.88 -2.91 5.80
N SER B 21 -16.30 -4.17 5.64
CA SER B 21 -15.54 -5.33 5.13
C SER B 21 -16.51 -6.30 4.44
N PRO B 22 -16.07 -7.12 3.46
CA PRO B 22 -16.96 -8.05 2.75
C PRO B 22 -17.39 -9.27 3.58
N LEU B 23 -16.53 -9.73 4.50
CA LEU B 23 -16.73 -10.86 5.42
C LEU B 23 -16.02 -10.59 6.76
N PRO B 24 -16.47 -11.18 7.89
CA PRO B 24 -15.91 -10.94 9.23
C PRO B 24 -14.48 -11.42 9.46
N SER B 25 -13.97 -12.33 8.63
CA SER B 25 -12.66 -12.98 8.78
C SER B 25 -11.71 -12.84 7.58
N GLN B 26 -12.10 -12.03 6.60
CA GLN B 26 -11.32 -11.74 5.38
C GLN B 26 -9.94 -11.12 5.75
N ALA B 27 -8.86 -11.83 5.41
CA ALA B 27 -7.48 -11.42 5.67
C ALA B 27 -6.48 -11.97 4.65
N MET B 28 -5.21 -11.58 4.79
CA MET B 28 -4.10 -11.97 3.92
C MET B 28 -3.56 -13.40 4.15
N ASP B 29 -4.45 -14.35 4.42
CA ASP B 29 -4.11 -15.76 4.72
C ASP B 29 -3.46 -16.54 3.55
N ASP B 30 -3.85 -16.25 2.30
CA ASP B 30 -3.37 -16.94 1.09
C ASP B 30 -3.28 -16.02 -0.14
N LEU B 31 -3.04 -14.71 0.08
CA LEU B 31 -2.95 -13.67 -0.97
C LEU B 31 -1.95 -12.57 -0.58
N MET B 32 -1.36 -11.90 -1.58
CA MET B 32 -0.37 -10.81 -1.37
C MET B 32 -0.31 -9.83 -2.56
N LEU B 33 -0.01 -8.56 -2.26
CA LEU B 33 0.04 -7.45 -3.23
C LEU B 33 1.08 -7.61 -4.36
N SER B 34 0.86 -6.88 -5.44
CA SER B 34 1.64 -6.82 -6.68
C SER B 34 2.15 -5.40 -6.99
N PRO B 35 3.12 -5.20 -7.91
CA PRO B 35 3.61 -3.85 -8.25
C PRO B 35 2.52 -2.88 -8.73
N ASP B 36 1.41 -3.39 -9.26
CA ASP B 36 0.22 -2.61 -9.66
C ASP B 36 -0.38 -1.83 -8.47
N ASP B 37 -0.35 -2.41 -7.27
CA ASP B 37 -0.83 -1.79 -6.03
C ASP B 37 0.11 -0.65 -5.58
N ILE B 38 1.42 -0.79 -5.84
CA ILE B 38 2.46 0.18 -5.47
C ILE B 38 2.41 1.40 -6.42
N GLU B 39 2.28 1.19 -7.72
CA GLU B 39 2.19 2.29 -8.70
C GLU B 39 0.84 3.05 -8.64
N GLN B 40 -0.12 2.56 -7.86
CA GLN B 40 -1.45 3.15 -7.69
C GLN B 40 -1.47 4.30 -6.66
N TRP B 41 -0.92 4.11 -5.46
CA TRP B 41 -1.03 5.12 -4.39
C TRP B 41 -0.21 6.41 -4.60
N PHE B 42 0.87 6.36 -5.40
CA PHE B 42 1.72 7.53 -5.68
C PHE B 42 1.27 8.36 -6.91
N THR B 43 0.30 7.86 -7.70
CA THR B 43 -0.19 8.52 -8.94
C THR B 43 -1.03 9.78 -8.71
N GLU B 44 -1.46 10.05 -7.47
CA GLU B 44 -2.29 11.19 -7.09
C GLU B 44 -1.72 12.55 -7.57
N ASP B 45 -2.60 13.44 -8.03
CA ASP B 45 -2.25 14.76 -8.57
C ASP B 45 -3.15 15.87 -7.99
N PRO B 46 -2.78 16.48 -6.83
CA PRO B 46 -3.55 17.54 -6.19
C PRO B 46 -3.41 18.93 -6.85
N GLY B 47 -2.54 19.07 -7.87
CA GLY B 47 -2.30 20.33 -8.59
C GLY B 47 -1.56 21.38 -7.75
N PRO B 48 -0.28 21.15 -7.36
CA PRO B 48 0.51 22.09 -6.54
C PRO B 48 0.89 23.40 -7.26
N ASP B 49 0.76 23.46 -8.59
CA ASP B 49 1.06 24.64 -9.43
C ASP B 49 0.14 24.71 -10.65
N PRO A 1 -2.76 12.20 14.66
CA PRO A 1 -2.15 12.65 15.91
C PRO A 1 -2.16 11.57 17.02
N ASN A 2 -2.74 10.40 16.74
CA ASN A 2 -2.89 9.27 17.67
C ASN A 2 -2.55 7.89 17.06
N ARG A 3 -2.04 7.85 15.82
CA ARG A 3 -1.58 6.63 15.11
C ARG A 3 -0.14 6.27 15.50
N SER A 4 0.30 5.07 15.11
CA SER A 4 1.64 4.50 15.39
C SER A 4 2.30 3.99 14.11
N ILE A 5 2.85 4.92 13.33
CA ILE A 5 3.48 4.67 12.03
C ILE A 5 4.72 5.57 11.87
N SER A 6 5.84 5.01 11.41
CA SER A 6 7.11 5.74 11.26
C SER A 6 7.19 6.50 9.93
N PRO A 7 7.63 7.78 9.90
CA PRO A 7 7.76 8.54 8.66
C PRO A 7 8.87 8.01 7.74
N SER A 8 9.89 7.34 8.29
CA SER A 8 10.99 6.72 7.52
C SER A 8 10.49 5.72 6.47
N ALA A 9 9.40 5.00 6.77
CA ALA A 9 8.77 4.05 5.87
C ALA A 9 8.28 4.68 4.55
N LEU A 10 7.88 5.96 4.59
CA LEU A 10 7.41 6.71 3.41
C LEU A 10 8.57 6.90 2.42
N GLN A 11 9.72 7.37 2.90
CA GLN A 11 10.92 7.54 2.06
C GLN A 11 11.44 6.18 1.55
N ASP A 12 11.45 5.15 2.41
CA ASP A 12 11.91 3.81 2.05
C ASP A 12 11.03 3.15 0.98
N LEU A 13 9.71 3.34 1.05
CA LEU A 13 8.77 2.84 0.03
C LEU A 13 9.06 3.52 -1.32
N LEU A 14 9.16 4.84 -1.37
CA LEU A 14 9.44 5.57 -2.60
C LEU A 14 10.81 5.22 -3.20
N ARG A 15 11.88 5.14 -2.39
CA ARG A 15 13.22 4.77 -2.89
C ARG A 15 13.22 3.36 -3.49
N THR A 16 12.39 2.46 -2.96
CA THR A 16 12.20 1.09 -3.47
C THR A 16 11.36 1.08 -4.75
N LEU A 17 10.26 1.85 -4.82
CA LEU A 17 9.37 1.96 -6.00
C LEU A 17 10.12 2.43 -7.26
N LYS A 18 11.08 3.35 -7.11
CA LYS A 18 11.91 3.85 -8.23
C LYS A 18 12.85 2.82 -8.87
N SER A 19 13.13 1.69 -8.21
CA SER A 19 13.97 0.59 -8.73
C SER A 19 13.29 -0.16 -9.91
N PRO A 20 14.03 -0.94 -10.72
CA PRO A 20 13.42 -1.74 -11.80
C PRO A 20 12.57 -2.89 -11.21
N SER A 21 11.56 -3.33 -11.97
CA SER A 21 10.63 -4.41 -11.58
C SER A 21 11.33 -5.74 -11.30
N SER A 22 11.20 -6.27 -10.07
CA SER A 22 11.80 -7.55 -9.66
C SER A 22 11.12 -8.16 -8.42
N PRO A 23 11.25 -9.49 -8.17
CA PRO A 23 10.76 -10.13 -6.94
C PRO A 23 11.37 -9.48 -5.68
N GLN A 24 12.64 -9.03 -5.78
CA GLN A 24 13.37 -8.35 -4.71
C GLN A 24 12.71 -7.02 -4.35
N GLN A 25 12.31 -6.22 -5.34
CA GLN A 25 11.60 -4.94 -5.14
C GLN A 25 10.25 -5.20 -4.44
N GLN A 26 9.47 -6.14 -4.95
CA GLN A 26 8.17 -6.50 -4.37
C GLN A 26 8.33 -6.94 -2.92
N GLN A 27 9.29 -7.82 -2.63
CA GLN A 27 9.58 -8.27 -1.26
C GLN A 27 10.00 -7.10 -0.36
N GLN A 28 10.80 -6.13 -0.83
CA GLN A 28 11.19 -4.98 -0.02
C GLN A 28 9.98 -4.10 0.36
N VAL A 29 9.07 -3.81 -0.57
CA VAL A 29 7.86 -3.02 -0.22
C VAL A 29 7.00 -3.80 0.78
N LEU A 30 6.85 -5.12 0.60
CA LEU A 30 6.15 -5.98 1.58
C LEU A 30 6.87 -5.95 2.96
N ASN A 31 8.20 -5.96 3.00
CA ASN A 31 8.97 -5.86 4.26
C ASN A 31 8.68 -4.52 4.98
N ILE A 32 8.72 -3.41 4.23
CA ILE A 32 8.46 -2.05 4.74
C ILE A 32 7.02 -1.94 5.27
N LEU A 33 6.04 -2.49 4.55
CA LEU A 33 4.63 -2.51 4.95
C LEU A 33 4.39 -3.43 6.16
N LYS A 34 5.00 -4.62 6.20
CA LYS A 34 4.92 -5.55 7.36
C LYS A 34 5.56 -4.96 8.63
N SER A 35 6.47 -3.99 8.47
CA SER A 35 7.09 -3.25 9.59
C SER A 35 6.17 -2.11 10.09
N ASN A 36 5.07 -1.82 9.39
CA ASN A 36 4.05 -0.80 9.70
C ASN A 36 2.62 -1.36 9.45
N PRO A 37 2.19 -2.45 10.11
CA PRO A 37 0.89 -3.10 9.87
C PRO A 37 -0.33 -2.17 9.90
N GLN A 38 -0.29 -1.13 10.73
CA GLN A 38 -1.37 -0.14 10.93
C GLN A 38 -1.90 0.43 9.62
N LEU A 39 -0.99 0.91 8.75
CA LEU A 39 -1.35 1.49 7.45
C LEU A 39 -1.53 0.44 6.34
N MET A 40 -0.85 -0.70 6.43
CA MET A 40 -0.96 -1.78 5.44
C MET A 40 -2.30 -2.51 5.53
N ALA A 41 -2.67 -2.97 6.74
CA ALA A 41 -3.90 -3.73 7.00
C ALA A 41 -5.16 -2.90 6.67
N ALA A 42 -5.15 -1.59 6.96
CA ALA A 42 -6.24 -0.69 6.62
C ALA A 42 -6.42 -0.56 5.09
N PHE A 43 -5.32 -0.46 4.35
CA PHE A 43 -5.34 -0.36 2.88
C PHE A 43 -5.76 -1.66 2.20
N ILE A 44 -5.12 -2.80 2.52
CA ILE A 44 -5.41 -4.08 1.87
C ILE A 44 -6.87 -4.51 2.01
N LYS A 45 -7.46 -4.36 3.20
CA LYS A 45 -8.88 -4.70 3.46
C LYS A 45 -9.87 -3.90 2.60
N GLN A 46 -9.45 -2.75 2.04
CA GLN A 46 -10.26 -1.95 1.11
C GLN A 46 -9.86 -2.25 -0.36
N ARG A 47 -8.56 -2.36 -0.67
CA ARG A 47 -8.03 -2.67 -2.00
C ARG A 47 -8.45 -4.06 -2.51
N THR A 48 -8.53 -5.05 -1.62
CA THR A 48 -8.94 -6.43 -1.97
C THR A 48 -10.31 -6.51 -2.65
N ALA A 49 -11.22 -5.57 -2.35
CA ALA A 49 -12.54 -5.44 -2.98
C ALA A 49 -12.48 -5.15 -4.50
N LYS A 50 -11.30 -4.77 -5.03
CA LYS A 50 -11.02 -4.48 -6.45
C LYS A 50 -9.98 -5.44 -7.06
N TYR A 51 -9.49 -6.40 -6.28
CA TYR A 51 -8.53 -7.46 -6.65
C TYR A 51 -9.25 -8.81 -6.84
N VAL A 52 -10.50 -8.73 -7.30
CA VAL A 52 -11.41 -9.85 -7.59
C VAL A 52 -11.69 -9.92 -9.10
N ALA A 53 -11.39 -11.09 -9.68
CA ALA A 53 -11.57 -11.40 -11.10
C ALA A 53 -12.06 -12.85 -11.31
N ASN A 54 -12.45 -13.18 -12.54
CA ASN A 54 -12.93 -14.52 -12.93
C ASN A 54 -11.85 -15.61 -12.76
N GLN A 55 -12.28 -16.87 -12.63
CA GLN A 55 -11.40 -18.04 -12.42
C GLN A 55 -10.36 -18.24 -13.56
N PRO A 56 -9.12 -18.69 -13.24
CA PRO A 56 -8.07 -18.93 -14.24
C PRO A 56 -8.33 -20.14 -15.15
N GLY A 57 -9.22 -21.07 -14.74
CA GLY A 57 -9.60 -22.26 -15.51
C GLY A 57 -10.69 -22.03 -16.56
N MET A 58 -11.18 -20.79 -16.70
CA MET A 58 -12.22 -20.38 -17.65
C MET A 58 -11.83 -20.71 -19.12
N GLN A 59 -12.80 -21.20 -19.90
CA GLN A 59 -12.64 -21.56 -21.32
C GLN A 59 -12.14 -20.39 -22.17
N PRO B 1 9.53 17.62 -0.87
CA PRO B 1 9.75 17.99 -2.26
C PRO B 1 8.56 17.69 -3.18
N LEU B 2 7.51 17.06 -2.66
CA LEU B 2 6.28 16.66 -3.37
C LEU B 2 4.99 16.94 -2.58
N SER B 3 3.84 16.90 -3.27
CA SER B 3 2.52 17.24 -2.74
C SER B 3 2.08 16.44 -1.50
N GLN B 4 1.40 17.13 -0.59
CA GLN B 4 0.87 16.61 0.69
C GLN B 4 -0.47 15.85 0.57
N GLU B 5 -0.84 15.41 -0.65
CA GLU B 5 -2.07 14.68 -0.96
C GLU B 5 -1.79 13.31 -1.64
N THR B 6 -0.52 12.89 -1.67
CA THR B 6 -0.03 11.61 -2.21
C THR B 6 -0.20 10.47 -1.19
N PHE B 7 0.40 9.31 -1.46
CA PHE B 7 0.38 8.09 -0.63
C PHE B 7 0.41 8.28 0.89
N SER B 8 1.24 9.20 1.41
CA SER B 8 1.36 9.50 2.84
C SER B 8 0.06 10.00 3.48
N ASP B 9 -0.76 10.76 2.73
CA ASP B 9 -2.06 11.25 3.15
C ASP B 9 -3.18 10.27 2.78
N LEU B 10 -2.99 9.46 1.72
CA LEU B 10 -3.93 8.41 1.36
C LEU B 10 -4.09 7.39 2.50
N TRP B 11 -3.01 7.08 3.26
CA TRP B 11 -3.09 6.19 4.43
C TRP B 11 -4.08 6.69 5.49
N LYS B 12 -4.17 8.01 5.67
CA LYS B 12 -5.03 8.68 6.66
C LYS B 12 -6.50 8.77 6.21
N LEU B 13 -6.76 8.87 4.90
CA LEU B 13 -8.10 9.05 4.36
C LEU B 13 -8.83 7.75 3.98
N LEU B 14 -8.21 6.88 3.17
CA LEU B 14 -8.79 5.63 2.60
C LEU B 14 -10.34 5.70 2.44
N PRO B 15 -10.84 6.60 1.56
CA PRO B 15 -12.26 6.93 1.42
C PRO B 15 -13.18 5.89 0.77
N GLU B 16 -12.65 5.03 -0.11
CA GLU B 16 -13.45 4.08 -0.90
C GLU B 16 -14.34 3.10 -0.09
N ASN B 17 -13.86 2.65 1.06
CA ASN B 17 -14.55 1.74 1.98
C ASN B 17 -14.21 2.13 3.44
N ASN B 18 -14.17 3.45 3.70
CA ASN B 18 -13.76 4.11 4.95
C ASN B 18 -14.20 3.53 6.32
N VAL B 19 -15.28 2.76 6.38
CA VAL B 19 -15.83 2.12 7.59
C VAL B 19 -16.23 0.64 7.44
N LEU B 20 -15.97 0.05 6.28
CA LEU B 20 -16.35 -1.32 5.89
C LEU B 20 -15.25 -2.11 5.15
N SER B 21 -15.52 -3.39 4.90
CA SER B 21 -14.64 -4.35 4.20
C SER B 21 -15.48 -5.49 3.62
N PRO B 22 -15.05 -6.18 2.54
CA PRO B 22 -15.78 -7.30 1.95
C PRO B 22 -15.75 -8.57 2.83
N LEU B 23 -14.79 -8.65 3.76
CA LEU B 23 -14.58 -9.74 4.71
C LEU B 23 -14.18 -9.16 6.09
N PRO B 24 -14.66 -9.71 7.22
CA PRO B 24 -14.36 -9.22 8.56
C PRO B 24 -13.00 -9.67 9.13
N SER B 25 -12.28 -10.56 8.44
CA SER B 25 -11.02 -11.15 8.90
C SER B 25 -10.00 -11.36 7.75
N GLN B 26 -8.91 -12.08 8.03
CA GLN B 26 -7.81 -12.41 7.12
C GLN B 26 -8.28 -12.97 5.76
N ALA B 27 -7.56 -12.60 4.70
CA ALA B 27 -7.83 -13.01 3.32
C ALA B 27 -6.56 -13.20 2.43
N MET B 28 -5.36 -12.84 2.93
CA MET B 28 -4.08 -12.91 2.20
C MET B 28 -3.45 -14.33 2.13
N ASP B 29 -4.26 -15.39 2.23
CA ASP B 29 -3.79 -16.80 2.23
C ASP B 29 -3.01 -17.20 0.96
N ASP B 30 -3.44 -16.73 -0.22
CA ASP B 30 -2.81 -17.05 -1.52
C ASP B 30 -2.87 -15.88 -2.54
N LEU B 31 -2.98 -14.64 -2.03
CA LEU B 31 -3.02 -13.39 -2.81
C LEU B 31 -2.18 -12.32 -2.10
N MET B 32 -1.47 -11.48 -2.88
CA MET B 32 -0.52 -10.49 -2.36
C MET B 32 -0.39 -9.25 -3.26
N LEU B 33 0.11 -8.14 -2.70
CA LEU B 33 0.34 -6.89 -3.44
C LEU B 33 1.42 -7.06 -4.53
N SER B 34 1.27 -6.29 -5.60
CA SER B 34 2.13 -6.27 -6.80
C SER B 34 2.53 -4.82 -7.16
N PRO B 35 3.52 -4.59 -8.06
CA PRO B 35 3.93 -3.22 -8.44
C PRO B 35 2.78 -2.35 -8.97
N ASP B 36 1.74 -2.95 -9.56
CA ASP B 36 0.53 -2.25 -10.02
C ASP B 36 -0.20 -1.52 -8.87
N ASP B 37 -0.19 -2.08 -7.66
CA ASP B 37 -0.80 -1.50 -6.46
C ASP B 37 0.08 -0.38 -5.87
N ILE B 38 1.40 -0.49 -6.05
CA ILE B 38 2.41 0.44 -5.52
C ILE B 38 2.58 1.67 -6.44
N GLU B 39 2.46 1.53 -7.75
CA GLU B 39 2.54 2.65 -8.70
C GLU B 39 1.26 3.52 -8.71
N GLN B 40 0.23 3.14 -7.94
CA GLN B 40 -1.06 3.82 -7.86
C GLN B 40 -1.08 5.03 -6.91
N TRP B 41 -0.54 4.90 -5.69
CA TRP B 41 -0.64 5.95 -4.65
C TRP B 41 0.30 7.16 -4.82
N PHE B 42 1.40 7.01 -5.58
CA PHE B 42 2.36 8.10 -5.85
C PHE B 42 2.04 8.96 -7.09
N THR B 43 1.13 8.52 -7.95
CA THR B 43 0.78 9.15 -9.24
C THR B 43 0.40 10.65 -9.17
N GLU B 44 -0.13 11.10 -8.03
CA GLU B 44 -0.51 12.51 -7.81
C GLU B 44 0.68 13.49 -7.71
N ASP B 45 1.92 12.99 -7.57
CA ASP B 45 3.14 13.79 -7.50
C ASP B 45 3.42 14.58 -8.80
N PRO B 46 3.44 15.93 -8.78
CA PRO B 46 3.74 16.76 -9.95
C PRO B 46 5.21 16.71 -10.38
N GLY B 47 6.11 16.23 -9.50
CA GLY B 47 7.56 16.08 -9.71
C GLY B 47 8.40 16.88 -8.70
N PRO B 48 9.66 16.46 -8.45
CA PRO B 48 10.58 17.14 -7.52
C PRO B 48 11.19 18.44 -8.07
N ASP B 49 11.00 18.74 -9.36
CA ASP B 49 11.52 19.92 -10.07
C ASP B 49 10.56 20.40 -11.16
N PRO A 1 13.57 -3.19 17.76
CA PRO A 1 13.76 -1.77 18.00
C PRO A 1 13.55 -0.90 16.75
N ASN A 2 13.26 -1.52 15.60
CA ASN A 2 13.04 -0.89 14.30
C ASN A 2 11.90 -1.60 13.52
N ARG A 3 10.85 -2.02 14.25
CA ARG A 3 9.70 -2.80 13.75
C ARG A 3 8.33 -2.12 14.00
N SER A 4 8.34 -0.80 14.20
CA SER A 4 7.18 0.04 14.49
C SER A 4 6.98 1.14 13.44
N ILE A 5 5.78 1.72 13.40
CA ILE A 5 5.39 2.77 12.45
C ILE A 5 6.31 4.00 12.52
N SER A 6 6.67 4.56 11.36
CA SER A 6 7.56 5.74 11.24
C SER A 6 7.47 6.42 9.87
N PRO A 7 7.58 7.76 9.76
CA PRO A 7 7.59 8.45 8.47
C PRO A 7 8.77 8.05 7.56
N SER A 8 9.84 7.47 8.11
CA SER A 8 10.98 6.97 7.31
C SER A 8 10.56 5.80 6.40
N ALA A 9 9.60 4.98 6.83
CA ALA A 9 9.05 3.87 6.06
C ALA A 9 8.38 4.35 4.76
N LEU A 10 7.77 5.54 4.78
CA LEU A 10 7.14 6.16 3.61
C LEU A 10 8.22 6.59 2.60
N GLN A 11 9.40 6.98 3.08
CA GLN A 11 10.56 7.28 2.21
C GLN A 11 11.15 5.99 1.61
N ASP A 12 11.18 4.89 2.38
CA ASP A 12 11.62 3.58 1.88
C ASP A 12 10.68 3.06 0.78
N LEU A 13 9.38 3.34 0.86
CA LEU A 13 8.40 2.99 -0.18
C LEU A 13 8.78 3.67 -1.50
N LEU A 14 9.14 4.96 -1.46
CA LEU A 14 9.58 5.71 -2.63
C LEU A 14 10.84 5.10 -3.27
N ARG A 15 11.90 4.80 -2.49
CA ARG A 15 13.10 4.14 -3.05
C ARG A 15 12.80 2.76 -3.63
N THR A 16 11.83 2.05 -3.05
CA THR A 16 11.36 0.73 -3.51
C THR A 16 10.61 0.85 -4.85
N LEU A 17 9.76 1.87 -5.02
CA LEU A 17 9.08 2.15 -6.29
C LEU A 17 10.11 2.47 -7.40
N LYS A 18 11.17 3.21 -7.06
CA LYS A 18 12.28 3.61 -7.95
C LYS A 18 13.28 2.46 -8.27
N SER A 19 12.78 1.28 -8.60
CA SER A 19 13.58 0.09 -8.98
C SER A 19 12.85 -0.76 -10.05
N PRO A 20 13.55 -1.65 -10.80
CA PRO A 20 12.93 -2.46 -11.84
C PRO A 20 12.09 -3.64 -11.29
N SER A 21 11.15 -4.12 -12.11
CA SER A 21 10.26 -5.25 -11.81
C SER A 21 11.03 -6.52 -11.41
N SER A 22 10.98 -6.89 -10.13
CA SER A 22 11.69 -8.07 -9.59
C SER A 22 11.09 -8.56 -8.25
N PRO A 23 11.34 -9.82 -7.85
CA PRO A 23 10.91 -10.32 -6.53
C PRO A 23 11.51 -9.50 -5.38
N GLN A 24 12.71 -8.93 -5.57
CA GLN A 24 13.38 -8.08 -4.57
C GLN A 24 12.56 -6.81 -4.27
N GLN A 25 11.95 -6.20 -5.28
CA GLN A 25 11.06 -5.04 -5.11
C GLN A 25 9.84 -5.43 -4.26
N GLN A 26 9.23 -6.58 -4.54
CA GLN A 26 8.10 -7.12 -3.78
C GLN A 26 8.49 -7.44 -2.33
N GLN A 27 9.68 -8.02 -2.12
CA GLN A 27 10.21 -8.30 -0.78
C GLN A 27 10.41 -7.01 0.01
N GLN A 28 10.90 -5.93 -0.63
CA GLN A 28 11.02 -4.62 0.01
C GLN A 28 9.64 -4.09 0.44
N VAL A 29 8.63 -4.18 -0.42
CA VAL A 29 7.25 -3.78 -0.08
C VAL A 29 6.75 -4.58 1.14
N LEU A 30 6.90 -5.92 1.13
CA LEU A 30 6.55 -6.78 2.27
C LEU A 30 7.30 -6.37 3.55
N ASN A 31 8.61 -6.12 3.48
CA ASN A 31 9.42 -5.71 4.63
C ASN A 31 8.93 -4.39 5.24
N ILE A 32 8.70 -3.38 4.41
CA ILE A 32 8.21 -2.05 4.83
C ILE A 32 6.82 -2.18 5.44
N LEU A 33 5.88 -2.80 4.72
CA LEU A 33 4.49 -2.97 5.16
C LEU A 33 4.34 -3.81 6.44
N LYS A 34 5.06 -4.93 6.58
CA LYS A 34 5.01 -5.75 7.82
C LYS A 34 5.56 -5.00 9.04
N SER A 35 6.47 -4.04 8.83
CA SER A 35 7.01 -3.17 9.89
C SER A 35 6.11 -1.95 10.16
N ASN A 36 5.06 -1.75 9.35
CA ASN A 36 4.09 -0.65 9.41
C ASN A 36 2.64 -1.20 9.32
N PRO A 37 2.20 -2.00 10.29
CA PRO A 37 0.90 -2.68 10.29
C PRO A 37 -0.30 -1.74 10.18
N GLN A 38 -0.27 -0.58 10.85
CA GLN A 38 -1.38 0.39 10.85
C GLN A 38 -1.78 0.84 9.44
N LEU A 39 -0.82 1.11 8.55
CA LEU A 39 -1.11 1.47 7.15
C LEU A 39 -1.34 0.24 6.25
N MET A 40 -0.62 -0.86 6.48
CA MET A 40 -0.75 -2.09 5.69
C MET A 40 -2.12 -2.75 5.88
N ALA A 41 -2.53 -2.99 7.13
CA ALA A 41 -3.79 -3.63 7.44
C ALA A 41 -4.99 -2.77 7.02
N ALA A 42 -4.88 -1.43 7.11
CA ALA A 42 -5.92 -0.52 6.62
C ALA A 42 -6.08 -0.64 5.09
N PHE A 43 -4.96 -0.72 4.37
CA PHE A 43 -4.94 -0.86 2.92
C PHE A 43 -5.43 -2.24 2.44
N ILE A 44 -4.89 -3.35 2.95
CA ILE A 44 -5.27 -4.70 2.50
C ILE A 44 -6.75 -5.02 2.77
N LYS A 45 -7.28 -4.66 3.95
CA LYS A 45 -8.69 -4.89 4.30
C LYS A 45 -9.67 -4.14 3.37
N GLN A 46 -9.19 -3.16 2.60
CA GLN A 46 -9.95 -2.47 1.55
C GLN A 46 -9.60 -3.01 0.14
N ARG A 47 -8.31 -3.22 -0.18
CA ARG A 47 -7.84 -3.74 -1.48
C ARG A 47 -8.34 -5.15 -1.77
N THR A 48 -8.49 -5.99 -0.75
CA THR A 48 -9.01 -7.37 -0.85
C THR A 48 -10.34 -7.46 -1.61
N ALA A 49 -11.19 -6.42 -1.49
CA ALA A 49 -12.48 -6.29 -2.17
C ALA A 49 -12.36 -6.09 -3.70
N LYS A 50 -11.18 -5.69 -4.22
CA LYS A 50 -10.89 -5.34 -5.64
C LYS A 50 -9.55 -5.90 -6.16
N TYR A 51 -8.93 -6.83 -5.43
CA TYR A 51 -7.60 -7.38 -5.71
C TYR A 51 -7.44 -8.00 -7.10
N VAL A 52 -6.52 -7.38 -7.85
CA VAL A 52 -6.03 -7.77 -9.17
C VAL A 52 -4.54 -7.43 -9.22
N ALA A 53 -3.77 -8.34 -9.81
CA ALA A 53 -2.33 -8.23 -9.99
C ALA A 53 -1.80 -7.04 -10.85
N ASN A 54 -2.69 -6.30 -11.51
CA ASN A 54 -2.40 -5.12 -12.36
C ASN A 54 -3.62 -4.18 -12.39
N GLN A 55 -3.41 -2.93 -12.83
CA GLN A 55 -4.45 -1.91 -13.00
C GLN A 55 -4.06 -0.86 -14.07
N PRO A 56 -5.03 -0.21 -14.77
CA PRO A 56 -4.76 0.80 -15.80
C PRO A 56 -3.87 1.97 -15.35
N GLY A 57 -3.22 2.63 -16.32
CA GLY A 57 -2.31 3.77 -16.08
C GLY A 57 -1.96 4.57 -17.34
N MET A 58 -2.98 5.03 -18.08
CA MET A 58 -2.85 5.78 -19.35
C MET A 58 -3.78 7.01 -19.45
N GLN A 59 -4.23 7.54 -18.30
CA GLN A 59 -5.12 8.71 -18.19
C GLN A 59 -4.50 9.96 -18.83
N PRO B 1 5.30 23.76 0.61
CA PRO B 1 5.05 23.63 -0.82
C PRO B 1 4.43 22.29 -1.22
N LEU B 2 4.46 21.29 -0.33
CA LEU B 2 3.92 19.95 -0.54
C LEU B 2 2.37 19.92 -0.52
N SER B 3 1.80 19.01 -1.31
CA SER B 3 0.35 18.78 -1.40
C SER B 3 -0.21 18.14 -0.12
N GLN B 4 -1.53 18.17 0.04
CA GLN B 4 -2.25 17.62 1.20
C GLN B 4 -3.07 16.36 0.86
N GLU B 5 -2.88 15.82 -0.34
CA GLU B 5 -3.61 14.66 -0.90
C GLU B 5 -2.66 13.55 -1.41
N THR B 6 -1.38 13.61 -1.02
CA THR B 6 -0.34 12.61 -1.38
C THR B 6 -0.61 11.23 -0.76
N PHE B 7 0.18 10.22 -1.14
CA PHE B 7 0.08 8.85 -0.61
C PHE B 7 0.04 8.79 0.93
N SER B 8 0.74 9.71 1.61
CA SER B 8 0.75 9.83 3.08
C SER B 8 -0.61 10.14 3.69
N ASP B 9 -1.47 10.89 2.98
CA ASP B 9 -2.83 11.21 3.45
C ASP B 9 -3.83 10.09 3.13
N LEU B 10 -3.55 9.27 2.11
CA LEU B 10 -4.40 8.11 1.77
C LEU B 10 -4.46 7.11 2.94
N TRP B 11 -3.37 6.96 3.70
CA TRP B 11 -3.34 6.10 4.90
C TRP B 11 -4.39 6.53 5.94
N LYS B 12 -4.65 7.84 6.06
CA LYS B 12 -5.65 8.43 6.96
C LYS B 12 -7.08 8.28 6.43
N LEU B 13 -7.26 8.34 5.10
CA LEU B 13 -8.57 8.18 4.43
C LEU B 13 -9.06 6.71 4.43
N LEU B 14 -8.13 5.75 4.37
CA LEU B 14 -8.40 4.31 4.41
C LEU B 14 -8.98 3.84 5.78
N PRO B 15 -9.56 2.62 5.88
CA PRO B 15 -10.14 1.98 7.09
C PRO B 15 -9.25 1.79 8.34
N GLU B 16 -8.31 2.69 8.61
CA GLU B 16 -7.39 2.69 9.77
C GLU B 16 -8.07 2.50 11.14
N ASN B 17 -9.35 2.87 11.26
CA ASN B 17 -10.17 2.70 12.46
C ASN B 17 -10.59 1.23 12.73
N ASN B 18 -10.30 0.32 11.80
CA ASN B 18 -10.71 -1.10 11.81
C ASN B 18 -9.55 -2.10 11.55
N VAL B 19 -8.30 -1.68 11.68
CA VAL B 19 -7.09 -2.52 11.48
C VAL B 19 -7.01 -3.79 12.33
N LEU B 20 -7.71 -3.81 13.48
CA LEU B 20 -7.72 -4.91 14.44
C LEU B 20 -8.19 -6.24 13.81
N SER B 21 -7.32 -7.24 13.87
CA SER B 21 -7.50 -8.61 13.35
C SER B 21 -6.51 -9.59 14.01
N PRO B 22 -6.81 -10.90 14.05
CA PRO B 22 -5.89 -11.92 14.61
C PRO B 22 -4.61 -12.10 13.76
N LEU B 23 -4.64 -11.67 12.49
CA LEU B 23 -3.53 -11.68 11.52
C LEU B 23 -3.20 -10.21 11.13
N PRO B 24 -2.53 -9.43 12.00
CA PRO B 24 -2.23 -8.02 11.76
C PRO B 24 -1.18 -7.76 10.66
N SER B 25 -0.36 -8.76 10.31
CA SER B 25 0.74 -8.64 9.33
C SER B 25 0.92 -9.82 8.37
N GLN B 26 0.08 -10.86 8.48
CA GLN B 26 0.11 -12.07 7.61
C GLN B 26 -0.90 -12.03 6.46
N ALA B 27 -1.58 -10.90 6.28
CA ALA B 27 -2.57 -10.64 5.24
C ALA B 27 -2.03 -10.65 3.79
N MET B 28 -0.71 -10.64 3.60
CA MET B 28 -0.04 -10.58 2.29
C MET B 28 0.84 -11.82 1.98
N ASP B 29 0.67 -12.90 2.75
CA ASP B 29 1.42 -14.16 2.62
C ASP B 29 1.31 -14.86 1.25
N ASP B 30 0.17 -14.69 0.56
CA ASP B 30 -0.14 -15.31 -0.75
C ASP B 30 -0.63 -14.29 -1.80
N LEU B 31 -0.49 -12.99 -1.51
CA LEU B 31 -0.89 -11.88 -2.38
C LEU B 31 0.01 -10.64 -2.18
N MET B 32 0.77 -10.30 -3.22
CA MET B 32 1.66 -9.12 -3.25
C MET B 32 1.64 -8.46 -4.64
N LEU B 33 1.50 -7.14 -4.60
CA LEU B 33 1.39 -6.20 -5.71
C LEU B 33 2.60 -6.16 -6.67
N SER B 34 2.45 -5.37 -7.73
CA SER B 34 3.44 -5.11 -8.79
C SER B 34 3.63 -3.58 -8.94
N PRO B 35 4.68 -3.08 -9.61
CA PRO B 35 4.92 -1.64 -9.76
C PRO B 35 3.74 -0.88 -10.38
N ASP B 36 2.93 -1.53 -11.23
CA ASP B 36 1.71 -0.97 -11.84
C ASP B 36 0.66 -0.53 -10.79
N ASP B 37 0.65 -1.15 -9.61
CA ASP B 37 -0.24 -0.79 -8.49
C ASP B 37 0.40 0.24 -7.55
N ILE B 38 1.74 0.24 -7.45
CA ILE B 38 2.53 1.13 -6.57
C ILE B 38 2.72 2.52 -7.22
N GLU B 39 2.81 2.61 -8.54
CA GLU B 39 2.90 3.88 -9.28
C GLU B 39 1.57 4.68 -9.27
N GLN B 40 0.55 4.18 -8.57
CA GLN B 40 -0.77 4.78 -8.45
C GLN B 40 -0.82 5.94 -7.44
N TRP B 41 -0.49 5.69 -6.16
CA TRP B 41 -0.65 6.68 -5.09
C TRP B 41 0.35 7.85 -5.07
N PHE B 42 1.50 7.72 -5.72
CA PHE B 42 2.50 8.80 -5.78
C PHE B 42 2.19 9.89 -6.82
N THR B 43 1.19 9.66 -7.70
CA THR B 43 0.79 10.58 -8.78
C THR B 43 0.41 12.01 -8.32
N GLU B 44 -0.08 12.16 -7.09
CA GLU B 44 -0.48 13.45 -6.50
C GLU B 44 0.71 14.27 -5.92
N ASP B 45 1.92 13.70 -5.86
CA ASP B 45 3.14 14.36 -5.40
C ASP B 45 3.62 15.41 -6.42
N PRO B 46 4.03 16.63 -6.00
CA PRO B 46 4.49 17.71 -6.86
C PRO B 46 5.86 17.48 -7.53
N GLY B 47 6.59 16.42 -7.17
CA GLY B 47 7.92 16.08 -7.71
C GLY B 47 8.11 14.57 -7.91
N PRO B 48 7.39 13.93 -8.86
CA PRO B 48 7.50 12.49 -9.13
C PRO B 48 8.82 12.08 -9.81
N ASP B 49 9.63 13.04 -10.29
CA ASP B 49 10.94 12.82 -10.92
C ASP B 49 11.91 12.03 -10.06
N PRO A 1 -0.37 9.96 18.14
CA PRO A 1 1.03 9.63 17.83
C PRO A 1 1.58 8.48 18.70
N ASN A 2 0.77 7.95 19.62
CA ASN A 2 1.13 6.84 20.52
C ASN A 2 1.18 5.45 19.81
N ARG A 3 0.67 5.35 18.58
CA ARG A 3 0.64 4.14 17.75
C ARG A 3 2.04 3.69 17.29
N SER A 4 2.15 2.42 16.92
CA SER A 4 3.37 1.75 16.45
C SER A 4 3.60 1.87 14.94
N ILE A 5 3.97 3.07 14.51
CA ILE A 5 4.19 3.48 13.11
C ILE A 5 5.28 4.55 13.00
N SER A 6 5.86 4.73 11.81
CA SER A 6 6.90 5.72 11.51
C SER A 6 6.76 6.27 10.09
N PRO A 7 6.89 7.60 9.87
CA PRO A 7 6.80 8.20 8.53
C PRO A 7 7.98 7.82 7.64
N SER A 8 9.13 7.47 8.20
CA SER A 8 10.33 7.02 7.45
C SER A 8 10.02 5.82 6.54
N ALA A 9 9.09 4.94 6.94
CA ALA A 9 8.63 3.80 6.15
C ALA A 9 8.05 4.23 4.79
N LEU A 10 7.40 5.40 4.73
CA LEU A 10 6.80 5.97 3.51
C LEU A 10 7.90 6.47 2.56
N GLN A 11 8.94 7.12 3.08
CA GLN A 11 10.09 7.57 2.28
C GLN A 11 10.90 6.37 1.74
N ASP A 12 11.11 5.34 2.58
CA ASP A 12 11.81 4.11 2.16
C ASP A 12 11.02 3.30 1.11
N LEU A 13 9.68 3.38 1.13
CA LEU A 13 8.84 2.78 0.10
C LEU A 13 9.12 3.46 -1.25
N LEU A 14 9.09 4.80 -1.30
CA LEU A 14 9.37 5.54 -2.54
C LEU A 14 10.78 5.25 -3.09
N ARG A 15 11.84 5.28 -2.26
CA ARG A 15 13.20 4.98 -2.73
C ARG A 15 13.33 3.55 -3.28
N THR A 16 12.52 2.61 -2.77
CA THR A 16 12.43 1.23 -3.26
C THR A 16 11.67 1.18 -4.60
N LEU A 17 10.58 1.94 -4.74
CA LEU A 17 9.77 2.08 -5.97
C LEU A 17 10.61 2.66 -7.14
N LYS A 18 11.56 3.56 -6.88
CA LYS A 18 12.44 4.14 -7.93
C LYS A 18 13.25 3.11 -8.74
N SER A 19 13.56 1.95 -8.17
CA SER A 19 14.29 0.86 -8.83
C SER A 19 13.49 0.22 -9.98
N PRO A 20 14.12 -0.50 -10.94
CA PRO A 20 13.40 -1.18 -12.01
C PRO A 20 12.53 -2.34 -11.46
N SER A 21 11.43 -2.62 -12.15
CA SER A 21 10.43 -3.64 -11.80
C SER A 21 11.02 -5.04 -11.61
N SER A 22 10.83 -5.65 -10.43
CA SER A 22 11.32 -7.00 -10.10
C SER A 22 10.64 -7.63 -8.87
N PRO A 23 10.69 -8.98 -8.71
CA PRO A 23 10.19 -9.66 -7.50
C PRO A 23 10.95 -9.19 -6.24
N GLN A 24 12.21 -8.76 -6.38
CA GLN A 24 13.02 -8.24 -5.27
C GLN A 24 12.43 -6.93 -4.74
N GLN A 25 12.02 -6.02 -5.63
CA GLN A 25 11.35 -4.76 -5.28
C GLN A 25 10.01 -5.03 -4.57
N GLN A 26 9.21 -5.94 -5.12
CA GLN A 26 7.94 -6.39 -4.56
C GLN A 26 8.13 -6.90 -3.12
N GLN A 27 9.10 -7.80 -2.90
CA GLN A 27 9.41 -8.34 -1.57
C GLN A 27 9.88 -7.26 -0.60
N GLN A 28 10.72 -6.30 -1.02
CA GLN A 28 11.16 -5.22 -0.14
C GLN A 28 10.00 -4.33 0.32
N VAL A 29 9.06 -3.96 -0.55
CA VAL A 29 7.89 -3.17 -0.11
C VAL A 29 7.02 -3.98 0.87
N LEU A 30 6.84 -5.29 0.64
CA LEU A 30 6.14 -6.17 1.59
C LEU A 30 6.90 -6.20 2.93
N ASN A 31 8.23 -6.30 2.92
CA ASN A 31 9.06 -6.28 4.14
C ASN A 31 8.89 -4.95 4.92
N ILE A 32 8.94 -3.81 4.21
CA ILE A 32 8.76 -2.47 4.76
C ILE A 32 7.38 -2.31 5.40
N LEU A 33 6.31 -2.76 4.73
CA LEU A 33 4.93 -2.68 5.24
C LEU A 33 4.68 -3.62 6.43
N LYS A 34 5.17 -4.87 6.38
CA LYS A 34 5.02 -5.87 7.46
C LYS A 34 5.77 -5.49 8.75
N SER A 35 6.66 -4.52 8.69
CA SER A 35 7.36 -3.94 9.87
C SER A 35 6.49 -2.88 10.61
N ASN A 36 5.36 -2.48 10.03
CA ASN A 36 4.38 -1.51 10.55
C ASN A 36 2.95 -1.90 10.06
N PRO A 37 2.43 -3.09 10.43
CA PRO A 37 1.16 -3.61 9.94
C PRO A 37 -0.08 -2.78 10.31
N GLN A 38 0.01 -1.86 11.28
CA GLN A 38 -1.06 -0.97 11.71
C GLN A 38 -1.70 -0.21 10.53
N LEU A 39 -0.85 0.38 9.67
CA LEU A 39 -1.27 1.12 8.47
C LEU A 39 -1.54 0.20 7.25
N MET A 40 -0.86 -0.95 7.17
CA MET A 40 -1.02 -1.91 6.07
C MET A 40 -2.39 -2.63 6.13
N ALA A 41 -2.77 -3.11 7.31
CA ALA A 41 -4.04 -3.80 7.52
C ALA A 41 -5.25 -2.89 7.20
N ALA A 42 -5.14 -1.58 7.50
CA ALA A 42 -6.15 -0.59 7.12
C ALA A 42 -6.18 -0.41 5.59
N PHE A 43 -5.02 -0.40 4.93
CA PHE A 43 -4.91 -0.30 3.47
C PHE A 43 -5.57 -1.47 2.77
N ILE A 44 -5.25 -2.73 3.12
CA ILE A 44 -5.88 -3.90 2.49
C ILE A 44 -7.39 -3.93 2.72
N LYS A 45 -7.88 -3.54 3.90
CA LYS A 45 -9.33 -3.45 4.21
C LYS A 45 -10.10 -2.53 3.22
N GLN A 46 -9.44 -1.51 2.67
CA GLN A 46 -10.03 -0.64 1.65
C GLN A 46 -9.72 -1.13 0.22
N ARG A 47 -8.48 -1.56 -0.05
CA ARG A 47 -8.02 -2.07 -1.36
C ARG A 47 -8.76 -3.33 -1.83
N THR A 48 -9.18 -4.20 -0.90
CA THR A 48 -9.94 -5.42 -1.19
C THR A 48 -11.27 -5.15 -1.90
N ALA A 49 -11.91 -4.01 -1.63
CA ALA A 49 -13.16 -3.57 -2.28
C ALA A 49 -13.02 -3.34 -3.81
N LYS A 50 -11.77 -3.27 -4.32
CA LYS A 50 -11.42 -3.07 -5.73
C LYS A 50 -10.48 -4.18 -6.27
N TYR A 51 -10.20 -5.21 -5.48
CA TYR A 51 -9.32 -6.34 -5.82
C TYR A 51 -10.03 -7.48 -6.58
N VAL A 52 -10.79 -7.07 -7.58
CA VAL A 52 -11.56 -7.91 -8.51
C VAL A 52 -11.18 -7.53 -9.95
N ALA A 53 -10.71 -8.52 -10.72
CA ALA A 53 -10.19 -8.33 -12.08
C ALA A 53 -11.18 -8.67 -13.22
N ASN A 54 -12.42 -9.04 -12.91
CA ASN A 54 -13.47 -9.42 -13.87
C ASN A 54 -14.80 -8.70 -13.60
N GLN A 55 -14.85 -7.42 -13.97
CA GLN A 55 -16.01 -6.51 -13.85
C GLN A 55 -16.10 -5.59 -15.09
N PRO A 56 -17.29 -5.09 -15.45
CA PRO A 56 -17.48 -4.21 -16.61
C PRO A 56 -16.86 -2.80 -16.41
N GLY A 57 -16.68 -2.09 -17.52
CA GLY A 57 -16.09 -0.73 -17.55
C GLY A 57 -16.45 0.08 -18.79
N MET A 58 -17.66 -0.11 -19.35
CA MET A 58 -18.18 0.57 -20.53
C MET A 58 -19.68 0.90 -20.36
N GLN A 59 -20.16 1.94 -21.06
CA GLN A 59 -21.54 2.41 -21.03
C GLN A 59 -22.52 1.34 -21.56
N PRO B 1 8.98 15.56 -6.73
CA PRO B 1 8.63 14.15 -6.92
C PRO B 1 7.40 13.69 -6.12
N LEU B 2 7.00 14.46 -5.11
CA LEU B 2 5.83 14.21 -4.26
C LEU B 2 5.23 15.50 -3.69
N SER B 3 4.04 15.39 -3.10
CA SER B 3 3.32 16.48 -2.42
C SER B 3 2.37 15.94 -1.35
N GLN B 4 1.76 16.86 -0.60
CA GLN B 4 0.77 16.64 0.47
C GLN B 4 -0.58 16.07 -0.03
N GLU B 5 -0.66 15.71 -1.31
CA GLU B 5 -1.85 15.20 -2.01
C GLU B 5 -1.58 13.87 -2.76
N THR B 6 -0.46 13.20 -2.43
CA THR B 6 -0.03 11.91 -3.02
C THR B 6 -0.40 10.74 -2.09
N PHE B 7 0.31 9.61 -2.19
CA PHE B 7 0.13 8.43 -1.32
C PHE B 7 0.03 8.78 0.18
N SER B 8 0.72 9.84 0.60
CA SER B 8 0.70 10.39 1.97
C SER B 8 -0.72 10.74 2.45
N ASP B 9 -1.57 11.26 1.55
CA ASP B 9 -2.97 11.59 1.83
C ASP B 9 -3.88 10.36 1.71
N LEU B 10 -3.53 9.38 0.86
CA LEU B 10 -4.27 8.13 0.73
C LEU B 10 -4.30 7.36 2.05
N TRP B 11 -3.21 7.37 2.85
CA TRP B 11 -3.21 6.71 4.17
C TRP B 11 -4.28 7.29 5.12
N LYS B 12 -4.60 8.59 4.99
CA LYS B 12 -5.60 9.30 5.82
C LYS B 12 -7.05 8.95 5.45
N LEU B 13 -7.30 8.48 4.21
CA LEU B 13 -8.63 8.07 3.72
C LEU B 13 -9.02 6.63 4.11
N LEU B 14 -8.08 5.85 4.64
CA LEU B 14 -8.27 4.45 5.06
C LEU B 14 -9.19 4.28 6.30
N PRO B 15 -9.82 3.11 6.49
CA PRO B 15 -10.65 2.76 7.65
C PRO B 15 -9.79 2.46 8.91
N GLU B 16 -8.72 3.23 9.13
CA GLU B 16 -7.75 3.08 10.24
C GLU B 16 -8.34 3.11 11.67
N ASN B 17 -9.59 3.55 11.82
CA ASN B 17 -10.30 3.67 13.09
C ASN B 17 -11.47 2.65 13.21
N ASN B 18 -11.56 1.68 12.29
CA ASN B 18 -12.62 0.67 12.24
C ASN B 18 -12.05 -0.76 12.27
N VAL B 19 -11.99 -1.33 13.48
CA VAL B 19 -11.44 -2.67 13.76
C VAL B 19 -12.35 -3.85 13.35
N LEU B 20 -13.67 -3.61 13.22
CA LEU B 20 -14.67 -4.62 12.86
C LEU B 20 -14.48 -5.27 11.48
N SER B 21 -15.24 -6.34 11.22
CA SER B 21 -15.23 -7.12 9.97
C SER B 21 -16.65 -7.60 9.59
N PRO B 22 -17.16 -7.27 8.38
CA PRO B 22 -18.50 -7.68 7.91
C PRO B 22 -18.60 -9.14 7.43
N LEU B 23 -17.51 -9.92 7.49
CA LEU B 23 -17.42 -11.31 7.06
C LEU B 23 -16.79 -12.21 8.15
N PRO B 24 -17.07 -13.53 8.16
CA PRO B 24 -16.51 -14.48 9.14
C PRO B 24 -14.98 -14.49 9.23
N SER B 25 -14.31 -14.16 8.12
CA SER B 25 -12.84 -14.10 8.00
C SER B 25 -12.43 -13.08 6.93
N GLN B 26 -11.28 -12.44 7.12
CA GLN B 26 -10.65 -11.47 6.21
C GLN B 26 -9.13 -11.62 6.27
N ALA B 27 -8.51 -11.87 5.12
CA ALA B 27 -7.06 -12.04 4.94
C ALA B 27 -6.64 -11.69 3.50
N MET B 28 -5.36 -11.90 3.18
CA MET B 28 -4.76 -11.59 1.87
C MET B 28 -3.85 -12.70 1.30
N ASP B 29 -3.99 -13.93 1.83
CA ASP B 29 -3.20 -15.12 1.50
C ASP B 29 -3.19 -15.55 0.00
N ASP B 30 -4.21 -15.15 -0.77
CA ASP B 30 -4.38 -15.49 -2.19
C ASP B 30 -4.50 -14.24 -3.09
N LEU B 31 -4.05 -13.08 -2.57
CA LEU B 31 -4.11 -11.76 -3.22
C LEU B 31 -2.92 -10.87 -2.78
N MET B 32 -1.70 -11.40 -2.89
CA MET B 32 -0.45 -10.70 -2.55
C MET B 32 -0.16 -9.55 -3.53
N LEU B 33 0.29 -8.40 -3.01
CA LEU B 33 0.61 -7.20 -3.80
C LEU B 33 1.73 -7.45 -4.83
N SER B 34 1.74 -6.62 -5.88
CA SER B 34 2.68 -6.62 -7.02
C SER B 34 3.12 -5.19 -7.36
N PRO B 35 4.17 -4.98 -8.19
CA PRO B 35 4.62 -3.63 -8.57
C PRO B 35 3.51 -2.76 -9.19
N ASP B 36 2.50 -3.37 -9.82
CA ASP B 36 1.32 -2.67 -10.37
C ASP B 36 0.53 -1.90 -9.28
N ASP B 37 0.50 -2.40 -8.05
CA ASP B 37 -0.15 -1.76 -6.90
C ASP B 37 0.74 -0.62 -6.34
N ILE B 38 2.06 -0.83 -6.35
CA ILE B 38 3.06 0.12 -5.83
C ILE B 38 3.21 1.33 -6.76
N GLU B 39 3.13 1.16 -8.09
CA GLU B 39 3.18 2.27 -9.05
C GLU B 39 1.88 3.09 -9.13
N GLN B 40 0.83 2.68 -8.42
CA GLN B 40 -0.47 3.35 -8.42
C GLN B 40 -0.56 4.55 -7.45
N TRP B 41 -0.12 4.42 -6.20
CA TRP B 41 -0.31 5.50 -5.19
C TRP B 41 0.59 6.74 -5.36
N PHE B 42 1.74 6.62 -6.03
CA PHE B 42 2.66 7.75 -6.26
C PHE B 42 2.33 8.60 -7.50
N THR B 43 1.52 8.05 -8.42
CA THR B 43 1.14 8.70 -9.70
C THR B 43 0.31 9.99 -9.54
N GLU B 44 -0.27 10.21 -8.35
CA GLU B 44 -1.10 11.38 -8.01
C GLU B 44 -0.33 12.70 -7.89
N ASP B 45 1.01 12.70 -8.03
CA ASP B 45 1.87 13.89 -7.97
C ASP B 45 1.39 15.03 -8.91
N PRO B 46 1.05 16.23 -8.38
CA PRO B 46 0.53 17.37 -9.14
C PRO B 46 1.61 18.12 -9.97
N GLY B 47 2.37 17.39 -10.79
CA GLY B 47 3.42 17.95 -11.66
C GLY B 47 2.89 18.82 -12.83
N PRO B 48 3.79 19.53 -13.54
CA PRO B 48 3.41 20.43 -14.65
C PRO B 48 3.03 19.71 -15.96
N ASP B 49 3.26 18.40 -16.07
CA ASP B 49 2.93 17.59 -17.26
C ASP B 49 1.45 17.65 -17.65
N PRO A 1 4.30 8.49 19.68
CA PRO A 1 4.37 7.86 18.37
C PRO A 1 4.96 6.43 18.38
N ASN A 2 5.32 5.92 19.56
CA ASN A 2 5.92 4.60 19.78
C ASN A 2 5.08 3.39 19.29
N ARG A 3 3.77 3.59 19.07
CA ARG A 3 2.79 2.58 18.60
C ARG A 3 2.16 2.96 17.25
N SER A 4 2.84 3.82 16.48
CA SER A 4 2.41 4.34 15.18
C SER A 4 3.49 4.15 14.10
N ILE A 5 3.14 4.44 12.84
CA ILE A 5 4.01 4.32 11.66
C ILE A 5 5.29 5.16 11.77
N SER A 6 6.39 4.66 11.20
CA SER A 6 7.68 5.37 11.14
C SER A 6 7.76 6.17 9.83
N PRO A 7 7.96 7.50 9.85
CA PRO A 7 7.99 8.32 8.63
C PRO A 7 9.12 7.96 7.65
N SER A 8 10.21 7.34 8.14
CA SER A 8 11.32 6.87 7.30
C SER A 8 10.89 5.75 6.33
N ALA A 9 9.98 4.87 6.76
CA ALA A 9 9.44 3.79 5.94
C ALA A 9 8.70 4.31 4.69
N LEU A 10 8.04 5.46 4.79
CA LEU A 10 7.33 6.11 3.68
C LEU A 10 8.35 6.55 2.62
N GLN A 11 9.48 7.13 3.04
CA GLN A 11 10.55 7.55 2.12
C GLN A 11 11.27 6.33 1.51
N ASP A 12 11.48 5.26 2.29
CA ASP A 12 12.07 4.01 1.80
C ASP A 12 11.16 3.31 0.77
N LEU A 13 9.82 3.45 0.89
CA LEU A 13 8.91 2.91 -0.13
C LEU A 13 9.15 3.61 -1.48
N LEU A 14 9.30 4.94 -1.48
CA LEU A 14 9.59 5.71 -2.70
C LEU A 14 10.93 5.31 -3.34
N ARG A 15 12.03 5.22 -2.59
CA ARG A 15 13.34 4.82 -3.15
C ARG A 15 13.28 3.39 -3.74
N THR A 16 12.48 2.51 -3.13
CA THR A 16 12.25 1.13 -3.59
C THR A 16 11.43 1.12 -4.89
N LEU A 17 10.37 1.94 -4.99
CA LEU A 17 9.53 2.09 -6.19
C LEU A 17 10.30 2.72 -7.37
N LYS A 18 11.15 3.72 -7.12
CA LYS A 18 11.95 4.42 -8.15
C LYS A 18 13.00 3.53 -8.83
N SER A 19 13.56 2.57 -8.09
CA SER A 19 14.52 1.57 -8.62
C SER A 19 13.79 0.52 -9.51
N PRO A 20 14.50 -0.21 -10.39
CA PRO A 20 13.87 -1.21 -11.28
C PRO A 20 13.17 -2.35 -10.52
N SER A 21 12.11 -2.88 -11.13
CA SER A 21 11.26 -3.95 -10.58
C SER A 21 11.87 -5.36 -10.67
N SER A 22 11.54 -6.19 -9.69
CA SER A 22 11.93 -7.61 -9.56
C SER A 22 11.11 -8.27 -8.42
N PRO A 23 11.03 -9.62 -8.34
CA PRO A 23 10.39 -10.30 -7.22
C PRO A 23 11.01 -9.89 -5.87
N GLN A 24 12.32 -9.61 -5.87
CA GLN A 24 13.07 -9.13 -4.70
C GLN A 24 12.61 -7.72 -4.31
N GLN A 25 12.41 -6.82 -5.29
CA GLN A 25 11.93 -5.46 -5.07
C GLN A 25 10.50 -5.45 -4.52
N GLN A 26 9.63 -6.35 -5.03
CA GLN A 26 8.27 -6.54 -4.54
C GLN A 26 8.30 -6.95 -3.05
N GLN A 27 9.13 -7.95 -2.70
CA GLN A 27 9.30 -8.39 -1.32
C GLN A 27 9.79 -7.25 -0.41
N GLN A 28 10.67 -6.36 -0.89
CA GLN A 28 11.13 -5.21 -0.11
C GLN A 28 10.00 -4.26 0.28
N VAL A 29 9.09 -3.92 -0.63
CA VAL A 29 7.92 -3.06 -0.31
C VAL A 29 7.00 -3.78 0.68
N LEU A 30 6.74 -5.07 0.50
CA LEU A 30 5.96 -5.88 1.45
C LEU A 30 6.63 -5.91 2.84
N ASN A 31 7.97 -5.99 2.93
CA ASN A 31 8.69 -5.94 4.20
C ASN A 31 8.50 -4.57 4.90
N ILE A 32 8.64 -3.47 4.14
CA ILE A 32 8.45 -2.09 4.62
C ILE A 32 7.01 -1.91 5.15
N LEU A 33 6.02 -2.41 4.42
CA LEU A 33 4.60 -2.40 4.79
C LEU A 33 4.31 -3.27 6.03
N LYS A 34 4.83 -4.50 6.09
CA LYS A 34 4.69 -5.42 7.24
C LYS A 34 5.32 -4.87 8.52
N SER A 35 6.33 -4.02 8.39
CA SER A 35 6.98 -3.32 9.52
C SER A 35 6.15 -2.12 10.03
N ASN A 36 5.07 -1.76 9.32
CA ASN A 36 4.13 -0.67 9.63
C ASN A 36 2.66 -1.14 9.40
N PRO A 37 2.17 -2.18 10.13
CA PRO A 37 0.85 -2.76 9.93
C PRO A 37 -0.33 -1.78 9.79
N GLN A 38 -0.30 -0.68 10.55
CA GLN A 38 -1.33 0.37 10.59
C GLN A 38 -1.76 0.84 9.19
N LEU A 39 -0.79 1.13 8.31
CA LEU A 39 -1.06 1.64 6.96
C LEU A 39 -1.38 0.56 5.91
N MET A 40 -0.81 -0.64 6.05
CA MET A 40 -1.05 -1.74 5.11
C MET A 40 -2.37 -2.45 5.35
N ALA A 41 -2.67 -2.78 6.62
CA ALA A 41 -3.91 -3.45 7.02
C ALA A 41 -5.17 -2.63 6.70
N ALA A 42 -5.05 -1.29 6.67
CA ALA A 42 -6.14 -0.41 6.28
C ALA A 42 -6.40 -0.42 4.76
N PHE A 43 -5.33 -0.48 3.95
CA PHE A 43 -5.42 -0.55 2.49
C PHE A 43 -5.90 -1.90 1.97
N ILE A 44 -5.31 -3.01 2.44
CA ILE A 44 -5.68 -4.39 2.03
C ILE A 44 -7.19 -4.65 2.23
N LYS A 45 -7.78 -4.12 3.32
CA LYS A 45 -9.21 -4.27 3.61
C LYS A 45 -10.14 -3.66 2.54
N GLN A 46 -9.63 -2.74 1.72
CA GLN A 46 -10.33 -2.19 0.55
C GLN A 46 -9.94 -2.97 -0.72
N ARG A 47 -8.64 -3.29 -0.88
CA ARG A 47 -8.09 -4.06 -2.02
C ARG A 47 -8.71 -5.46 -2.15
N THR A 48 -8.97 -6.15 -1.04
CA THR A 48 -9.57 -7.50 -1.03
C THR A 48 -10.93 -7.56 -1.75
N ALA A 49 -11.72 -6.48 -1.70
CA ALA A 49 -13.01 -6.39 -2.41
C ALA A 49 -12.85 -6.37 -3.95
N LYS A 50 -11.64 -6.06 -4.44
CA LYS A 50 -11.26 -6.04 -5.87
C LYS A 50 -10.40 -7.27 -6.25
N TYR A 51 -10.09 -8.17 -5.31
CA TYR A 51 -9.33 -9.41 -5.54
C TYR A 51 -10.21 -10.54 -6.13
N VAL A 52 -10.94 -10.15 -7.16
CA VAL A 52 -11.87 -10.91 -8.01
C VAL A 52 -11.66 -10.44 -9.45
N ALA A 53 -11.31 -11.36 -10.34
CA ALA A 53 -11.01 -11.09 -11.76
C ALA A 53 -11.45 -12.23 -12.70
N ASN A 54 -11.39 -11.97 -14.01
CA ASN A 54 -11.80 -12.86 -15.10
C ASN A 54 -10.89 -12.76 -16.35
N GLN A 55 -10.94 -13.78 -17.21
CA GLN A 55 -10.19 -13.86 -18.48
C GLN A 55 -10.61 -12.76 -19.49
N PRO A 56 -9.73 -12.38 -20.45
CA PRO A 56 -10.03 -11.38 -21.47
C PRO A 56 -11.04 -11.87 -22.53
N GLY A 57 -11.61 -10.93 -23.30
CA GLY A 57 -12.56 -11.18 -24.39
C GLY A 57 -13.78 -10.24 -24.39
N MET A 58 -14.12 -9.70 -23.21
CA MET A 58 -15.24 -8.75 -22.98
C MET A 58 -14.87 -7.29 -23.33
N GLN A 59 -15.78 -6.35 -23.08
CA GLN A 59 -15.65 -4.91 -23.36
C GLN A 59 -15.20 -4.62 -24.80
N PRO B 1 4.50 16.35 7.89
CA PRO B 1 5.43 17.47 7.70
C PRO B 1 5.04 18.40 6.54
N LEU B 2 4.19 17.93 5.62
CA LEU B 2 3.72 18.67 4.45
C LEU B 2 2.36 18.16 3.95
N SER B 3 1.76 18.88 2.99
CA SER B 3 0.52 18.46 2.32
C SER B 3 0.44 18.91 0.86
N GLN B 4 0.55 17.90 0.00
CA GLN B 4 0.30 17.95 -1.44
C GLN B 4 -0.62 16.76 -1.78
N GLU B 5 -1.35 16.27 -0.76
CA GLU B 5 -2.32 15.17 -0.77
C GLU B 5 -1.88 13.94 -1.59
N THR B 6 -0.64 13.55 -1.30
CA THR B 6 0.15 12.46 -1.91
C THR B 6 -0.07 11.11 -1.19
N PHE B 7 0.72 10.09 -1.55
CA PHE B 7 0.68 8.74 -0.95
C PHE B 7 0.64 8.72 0.60
N SER B 8 1.40 9.62 1.25
CA SER B 8 1.44 9.72 2.72
C SER B 8 0.11 10.16 3.33
N ASP B 9 -0.64 10.99 2.62
CA ASP B 9 -1.96 11.48 3.04
C ASP B 9 -3.06 10.42 2.88
N LEU B 10 -2.88 9.47 1.96
CA LEU B 10 -3.85 8.38 1.76
C LEU B 10 -3.94 7.49 3.02
N TRP B 11 -2.81 7.30 3.72
CA TRP B 11 -2.78 6.54 4.98
C TRP B 11 -3.68 7.16 6.07
N LYS B 12 -3.80 8.50 6.09
CA LYS B 12 -4.65 9.26 7.03
C LYS B 12 -6.14 9.14 6.68
N LEU B 13 -6.47 9.02 5.39
CA LEU B 13 -7.86 8.84 4.92
C LEU B 13 -8.36 7.40 5.19
N LEU B 14 -7.48 6.42 5.05
CA LEU B 14 -7.75 4.99 5.29
C LEU B 14 -8.01 4.68 6.79
N PRO B 15 -8.71 3.57 7.10
CA PRO B 15 -9.05 3.13 8.47
C PRO B 15 -7.86 2.54 9.27
N GLU B 16 -6.75 3.29 9.37
CA GLU B 16 -5.50 2.92 10.07
C GLU B 16 -5.66 2.34 11.50
N ASN B 17 -6.76 2.64 12.19
CA ASN B 17 -7.08 2.17 13.55
C ASN B 17 -7.59 0.70 13.62
N ASN B 18 -7.86 0.06 12.47
CA ASN B 18 -8.39 -1.31 12.38
C ASN B 18 -7.42 -2.45 12.79
N VAL B 19 -6.22 -2.14 13.29
CA VAL B 19 -5.20 -3.12 13.73
C VAL B 19 -5.70 -4.18 14.73
N LEU B 20 -6.76 -3.88 15.49
CA LEU B 20 -7.39 -4.79 16.47
C LEU B 20 -8.45 -5.75 15.87
N SER B 21 -8.69 -5.68 14.55
CA SER B 21 -9.63 -6.51 13.79
C SER B 21 -9.32 -8.02 13.88
N PRO B 22 -10.33 -8.92 13.77
CA PRO B 22 -10.10 -10.36 13.70
C PRO B 22 -9.34 -10.79 12.43
N LEU B 23 -9.23 -9.90 11.42
CA LEU B 23 -8.50 -10.06 10.16
C LEU B 23 -7.64 -8.81 9.91
N PRO B 24 -6.50 -8.66 10.61
CA PRO B 24 -5.60 -7.50 10.49
C PRO B 24 -4.63 -7.69 9.30
N SER B 25 -3.37 -7.24 9.41
CA SER B 25 -2.33 -7.36 8.37
C SER B 25 -2.04 -8.80 7.89
N GLN B 26 -2.53 -9.82 8.60
CA GLN B 26 -2.40 -11.24 8.27
C GLN B 26 -3.43 -11.73 7.23
N ALA B 27 -4.22 -10.82 6.67
CA ALA B 27 -5.22 -11.08 5.62
C ALA B 27 -4.64 -11.68 4.33
N MET B 28 -3.33 -11.52 4.11
CA MET B 28 -2.57 -12.00 2.95
C MET B 28 -2.27 -13.53 2.95
N ASP B 29 -3.01 -14.31 3.73
CA ASP B 29 -2.86 -15.77 3.82
C ASP B 29 -3.19 -16.53 2.51
N ASP B 30 -4.05 -15.95 1.65
CA ASP B 30 -4.48 -16.53 0.36
C ASP B 30 -4.57 -15.50 -0.78
N LEU B 31 -3.98 -14.31 -0.58
CA LEU B 31 -3.93 -13.19 -1.53
C LEU B 31 -2.65 -12.35 -1.34
N MET B 32 -2.12 -11.77 -2.42
CA MET B 32 -0.86 -10.99 -2.42
C MET B 32 -0.92 -9.82 -3.41
N LEU B 33 -0.36 -8.66 -3.02
CA LEU B 33 -0.32 -7.47 -3.88
C LEU B 33 0.63 -7.64 -5.09
N SER B 34 0.52 -6.70 -6.04
CA SER B 34 1.28 -6.61 -7.29
C SER B 34 1.89 -5.21 -7.43
N PRO B 35 2.87 -4.97 -8.32
CA PRO B 35 3.44 -3.63 -8.53
C PRO B 35 2.37 -2.58 -8.92
N ASP B 36 1.25 -3.02 -9.50
CA ASP B 36 0.08 -2.20 -9.83
C ASP B 36 -0.50 -1.48 -8.59
N ASP B 37 -0.43 -2.11 -7.40
CA ASP B 37 -0.87 -1.53 -6.14
C ASP B 37 0.12 -0.48 -5.60
N ILE B 38 1.41 -0.63 -5.91
CA ILE B 38 2.49 0.28 -5.49
C ILE B 38 2.49 1.54 -6.37
N GLU B 39 2.27 1.41 -7.67
CA GLU B 39 2.18 2.56 -8.59
C GLU B 39 0.82 3.32 -8.47
N GLN B 40 -0.09 2.84 -7.61
CA GLN B 40 -1.39 3.46 -7.38
C GLN B 40 -1.34 4.62 -6.37
N TRP B 41 -0.81 4.40 -5.16
CA TRP B 41 -0.83 5.44 -4.11
C TRP B 41 0.01 6.69 -4.41
N PHE B 42 1.06 6.58 -5.23
CA PHE B 42 1.90 7.72 -5.62
C PHE B 42 1.33 8.53 -6.80
N THR B 43 0.38 7.97 -7.57
CA THR B 43 -0.22 8.64 -8.75
C THR B 43 -1.03 9.90 -8.41
N GLU B 44 -1.48 10.02 -7.15
CA GLU B 44 -2.24 11.17 -6.64
C GLU B 44 -1.38 12.44 -6.46
N ASP B 45 -0.05 12.33 -6.43
CA ASP B 45 0.90 13.44 -6.27
C ASP B 45 0.86 14.44 -7.45
N PRO B 46 0.48 15.72 -7.23
CA PRO B 46 0.46 16.76 -8.27
C PRO B 46 1.86 17.23 -8.68
N GLY B 47 2.89 17.01 -7.84
CA GLY B 47 4.30 17.36 -8.09
C GLY B 47 4.99 18.05 -6.89
N PRO B 48 6.35 18.00 -6.81
CA PRO B 48 7.13 18.63 -5.74
C PRO B 48 7.07 20.17 -5.68
N ASP B 49 6.76 20.82 -6.82
CA ASP B 49 6.74 22.29 -7.03
C ASP B 49 7.86 23.06 -6.31
N PRO A 1 4.03 -3.15 14.44
CA PRO A 1 3.88 -3.79 15.74
C PRO A 1 3.23 -2.92 16.83
N ASN A 2 2.80 -1.70 16.48
CA ASN A 2 2.16 -0.74 17.40
C ASN A 2 1.07 0.11 16.70
N ARG A 3 0.27 0.83 17.50
CA ARG A 3 -0.83 1.71 17.05
C ARG A 3 -0.34 2.99 16.38
N SER A 4 0.76 3.59 16.85
CA SER A 4 1.38 4.77 16.26
C SER A 4 2.12 4.40 14.97
N ILE A 5 2.34 5.40 14.12
CA ILE A 5 2.97 5.24 12.78
C ILE A 5 4.21 6.12 12.59
N SER A 6 4.94 5.92 11.48
CA SER A 6 6.20 6.63 11.18
C SER A 6 6.22 7.26 9.77
N PRO A 7 6.62 8.55 9.62
CA PRO A 7 6.68 9.21 8.32
C PRO A 7 7.86 8.75 7.44
N SER A 8 8.90 8.18 8.06
CA SER A 8 10.09 7.70 7.38
C SER A 8 9.87 6.40 6.61
N ALA A 9 8.96 5.52 7.06
CA ALA A 9 8.63 4.27 6.36
C ALA A 9 8.05 4.54 4.96
N LEU A 10 7.32 5.66 4.84
CA LEU A 10 6.71 6.14 3.61
C LEU A 10 7.79 6.55 2.60
N GLN A 11 8.82 7.27 3.08
CA GLN A 11 9.96 7.67 2.24
C GLN A 11 10.82 6.45 1.85
N ASP A 12 10.98 5.48 2.76
CA ASP A 12 11.72 4.24 2.53
C ASP A 12 11.07 3.36 1.45
N LEU A 13 9.74 3.39 1.36
CA LEU A 13 8.99 2.74 0.27
C LEU A 13 9.33 3.43 -1.05
N LEU A 14 9.28 4.76 -1.11
CA LEU A 14 9.61 5.52 -2.32
C LEU A 14 11.04 5.24 -2.82
N ARG A 15 12.06 5.27 -1.95
CA ARG A 15 13.45 4.99 -2.37
C ARG A 15 13.63 3.57 -2.93
N THR A 16 12.79 2.62 -2.52
CA THR A 16 12.76 1.23 -3.00
C THR A 16 11.99 1.11 -4.32
N LEU A 17 10.85 1.79 -4.46
CA LEU A 17 10.00 1.84 -5.66
C LEU A 17 10.75 2.32 -6.91
N LYS A 18 11.79 3.16 -6.75
CA LYS A 18 12.61 3.65 -7.87
C LYS A 18 13.30 2.53 -8.67
N SER A 19 13.52 1.35 -8.07
CA SER A 19 14.08 0.17 -8.75
C SER A 19 13.04 -0.47 -9.70
N PRO A 20 13.44 -1.12 -10.81
CA PRO A 20 12.50 -1.72 -11.77
C PRO A 20 11.68 -2.88 -11.19
N SER A 21 10.50 -3.10 -11.77
CA SER A 21 9.50 -4.12 -11.40
C SER A 21 10.08 -5.54 -11.39
N SER A 22 10.03 -6.19 -10.23
CA SER A 22 10.52 -7.56 -10.00
C SER A 22 10.03 -8.14 -8.66
N PRO A 23 10.06 -9.47 -8.45
CA PRO A 23 9.74 -10.07 -7.15
C PRO A 23 10.63 -9.50 -6.02
N GLN A 24 11.87 -9.13 -6.36
CA GLN A 24 12.84 -8.52 -5.44
C GLN A 24 12.34 -7.14 -4.95
N GLN A 25 11.90 -6.28 -5.88
CA GLN A 25 11.32 -4.96 -5.59
C GLN A 25 10.04 -5.10 -4.75
N GLN A 26 9.13 -6.00 -5.15
CA GLN A 26 7.88 -6.28 -4.43
C GLN A 26 8.15 -6.74 -2.99
N GLN A 27 9.02 -7.73 -2.81
CA GLN A 27 9.36 -8.27 -1.49
C GLN A 27 9.99 -7.22 -0.58
N GLN A 28 10.87 -6.35 -1.06
CA GLN A 28 11.44 -5.28 -0.23
C GLN A 28 10.36 -4.30 0.24
N VAL A 29 9.49 -3.82 -0.67
CA VAL A 29 8.38 -2.92 -0.28
C VAL A 29 7.48 -3.60 0.76
N LEU A 30 7.14 -4.88 0.57
CA LEU A 30 6.34 -5.65 1.53
C LEU A 30 7.08 -5.83 2.87
N ASN A 31 8.39 -6.09 2.87
CA ASN A 31 9.20 -6.19 4.11
C ASN A 31 9.16 -4.88 4.90
N ILE A 32 9.30 -3.74 4.21
CA ILE A 32 9.23 -2.39 4.78
C ILE A 32 7.83 -2.16 5.37
N LEU A 33 6.76 -2.48 4.63
CA LEU A 33 5.37 -2.35 5.10
C LEU A 33 5.05 -3.28 6.28
N LYS A 34 5.60 -4.50 6.33
CA LYS A 34 5.44 -5.44 7.47
C LYS A 34 5.99 -4.90 8.80
N SER A 35 6.87 -3.90 8.76
CA SER A 35 7.41 -3.21 9.95
C SER A 35 6.47 -2.10 10.46
N ASN A 36 5.38 -1.82 9.73
CA ASN A 36 4.33 -0.84 10.00
C ASN A 36 3.00 -1.38 9.40
N PRO A 37 2.45 -2.50 9.93
CA PRO A 37 1.26 -3.15 9.40
C PRO A 37 0.00 -2.28 9.45
N GLN A 38 -0.06 -1.37 10.41
CA GLN A 38 -1.09 -0.34 10.64
C GLN A 38 -1.80 0.18 9.37
N LEU A 39 -1.08 0.96 8.55
CA LEU A 39 -1.51 1.57 7.30
C LEU A 39 -1.69 0.59 6.14
N MET A 40 -0.88 -0.47 6.05
CA MET A 40 -0.99 -1.48 4.99
C MET A 40 -2.26 -2.32 5.15
N ALA A 41 -2.54 -2.76 6.38
CA ALA A 41 -3.70 -3.56 6.73
C ALA A 41 -5.02 -2.82 6.45
N ALA A 42 -5.12 -1.54 6.84
CA ALA A 42 -6.31 -0.75 6.57
C ALA A 42 -6.57 -0.59 5.05
N PHE A 43 -5.51 -0.44 4.26
CA PHE A 43 -5.59 -0.34 2.80
C PHE A 43 -6.00 -1.68 2.17
N ILE A 44 -5.31 -2.79 2.45
CA ILE A 44 -5.61 -4.10 1.85
C ILE A 44 -7.03 -4.57 2.19
N LYS A 45 -7.45 -4.45 3.45
CA LYS A 45 -8.79 -4.86 3.91
C LYS A 45 -9.95 -4.17 3.18
N GLN A 46 -9.73 -2.97 2.64
CA GLN A 46 -10.71 -2.22 1.84
C GLN A 46 -10.49 -2.37 0.32
N ARG A 47 -9.23 -2.42 -0.14
CA ARG A 47 -8.83 -2.59 -1.55
C ARG A 47 -9.15 -3.99 -2.10
N THR A 48 -9.14 -5.03 -1.25
CA THR A 48 -9.47 -6.42 -1.63
C THR A 48 -10.87 -6.52 -2.25
N ALA A 49 -11.82 -5.71 -1.78
CA ALA A 49 -13.19 -5.62 -2.29
C ALA A 49 -13.27 -5.17 -3.78
N LYS A 50 -12.16 -4.64 -4.32
CA LYS A 50 -12.01 -4.13 -5.70
C LYS A 50 -10.92 -4.87 -6.51
N TYR A 51 -10.28 -5.90 -5.94
CA TYR A 51 -9.20 -6.67 -6.58
C TYR A 51 -9.75 -7.76 -7.52
N VAL A 52 -10.22 -7.25 -8.64
CA VAL A 52 -10.73 -7.94 -9.83
C VAL A 52 -10.28 -7.17 -11.07
N ALA A 53 -9.72 -7.86 -12.06
CA ALA A 53 -9.30 -7.22 -13.31
C ALA A 53 -10.49 -6.66 -14.12
N ASN A 54 -10.43 -5.36 -14.41
CA ASN A 54 -11.45 -4.58 -15.10
C ASN A 54 -10.87 -3.30 -15.75
N GLN A 55 -11.74 -2.47 -16.35
CA GLN A 55 -11.40 -1.16 -16.93
C GLN A 55 -12.13 -0.05 -16.14
N PRO A 56 -11.41 0.87 -15.48
CA PRO A 56 -12.02 1.93 -14.64
C PRO A 56 -12.72 3.07 -15.42
N GLY A 57 -12.52 3.17 -16.74
CA GLY A 57 -13.16 4.19 -17.60
C GLY A 57 -12.43 5.53 -17.69
N MET A 58 -11.27 5.68 -17.05
CA MET A 58 -10.42 6.90 -17.05
C MET A 58 -8.94 6.55 -16.82
N GLN A 59 -8.05 7.56 -16.87
CA GLN A 59 -6.60 7.42 -16.67
C GLN A 59 -6.03 8.51 -15.75
N PRO B 1 -2.48 21.15 3.29
CA PRO B 1 -1.36 21.78 2.61
C PRO B 1 -0.90 21.09 1.32
N LEU B 2 -1.46 19.91 1.03
CA LEU B 2 -1.19 19.09 -0.16
C LEU B 2 -2.43 18.33 -0.65
N SER B 3 -2.34 17.75 -1.85
CA SER B 3 -3.43 16.97 -2.45
C SER B 3 -3.72 15.68 -1.68
N GLN B 4 -4.96 15.50 -1.22
CA GLN B 4 -5.43 14.31 -0.48
C GLN B 4 -5.26 12.97 -1.22
N GLU B 5 -5.03 12.99 -2.54
CA GLU B 5 -4.82 11.80 -3.37
C GLU B 5 -3.37 11.25 -3.30
N THR B 6 -2.46 11.92 -2.57
CA THR B 6 -1.05 11.49 -2.42
C THR B 6 -0.87 10.36 -1.41
N PHE B 7 0.11 9.48 -1.65
CA PHE B 7 0.46 8.32 -0.81
C PHE B 7 0.40 8.57 0.70
N SER B 8 1.03 9.63 1.21
CA SER B 8 1.06 9.94 2.65
C SER B 8 -0.32 10.19 3.26
N ASP B 9 -1.23 10.84 2.53
CA ASP B 9 -2.59 11.09 3.02
C ASP B 9 -3.54 9.93 2.71
N LEU B 10 -3.26 9.11 1.68
CA LEU B 10 -4.02 7.88 1.39
C LEU B 10 -3.97 6.92 2.60
N TRP B 11 -2.87 6.90 3.37
CA TRP B 11 -2.80 6.11 4.61
C TRP B 11 -3.70 6.69 5.70
N LYS B 12 -3.65 8.02 5.91
CA LYS B 12 -4.43 8.76 6.91
C LYS B 12 -5.94 8.73 6.65
N LEU B 13 -6.36 8.66 5.38
CA LEU B 13 -7.77 8.57 4.97
C LEU B 13 -8.48 7.28 5.45
N LEU B 14 -7.72 6.23 5.83
CA LEU B 14 -8.22 4.92 6.28
C LEU B 14 -7.92 4.57 7.76
N PRO B 15 -8.47 5.33 8.74
CA PRO B 15 -8.26 5.12 10.18
C PRO B 15 -9.14 4.02 10.80
N GLU B 16 -10.30 3.72 10.20
CA GLU B 16 -11.32 2.79 10.73
C GLU B 16 -10.89 1.33 10.98
N ASN B 17 -9.81 0.87 10.35
CA ASN B 17 -9.28 -0.50 10.47
C ASN B 17 -7.75 -0.52 10.69
N ASN B 18 -7.19 0.62 11.08
CA ASN B 18 -5.74 0.89 11.21
C ASN B 18 -5.05 0.35 12.48
N VAL B 19 -5.83 0.06 13.51
CA VAL B 19 -5.36 -0.40 14.84
C VAL B 19 -5.74 -1.87 15.14
N LEU B 20 -6.56 -2.44 14.27
CA LEU B 20 -7.05 -3.81 14.26
C LEU B 20 -5.97 -4.79 13.73
N SER B 21 -6.25 -6.10 13.83
CA SER B 21 -5.38 -7.17 13.30
C SER B 21 -5.14 -7.03 11.78
N PRO B 22 -4.04 -7.57 11.23
CA PRO B 22 -3.68 -7.43 9.81
C PRO B 22 -4.71 -7.97 8.79
N LEU B 23 -5.52 -8.97 9.16
CA LEU B 23 -6.55 -9.56 8.29
C LEU B 23 -7.78 -10.09 9.06
N PRO B 24 -9.00 -10.00 8.51
CA PRO B 24 -10.23 -10.47 9.17
C PRO B 24 -10.49 -11.97 9.01
N SER B 25 -10.03 -12.55 7.90
CA SER B 25 -10.21 -13.95 7.50
C SER B 25 -9.10 -14.37 6.52
N GLN B 26 -9.19 -15.59 5.96
CA GLN B 26 -8.26 -16.19 4.99
C GLN B 26 -8.33 -15.57 3.56
N ALA B 27 -8.74 -14.31 3.48
CA ALA B 27 -8.95 -13.51 2.27
C ALA B 27 -7.75 -13.36 1.29
N MET B 28 -6.53 -13.74 1.69
CA MET B 28 -5.31 -13.62 0.87
C MET B 28 -4.74 -14.99 0.42
N ASP B 29 -5.58 -16.04 0.41
CA ASP B 29 -5.24 -17.43 0.08
C ASP B 29 -4.40 -17.67 -1.19
N ASP B 30 -4.66 -16.95 -2.28
CA ASP B 30 -3.97 -17.13 -3.58
C ASP B 30 -3.78 -15.80 -4.35
N LEU B 31 -3.52 -14.71 -3.62
CA LEU B 31 -3.30 -13.36 -4.18
C LEU B 31 -2.24 -12.57 -3.41
N MET B 32 -1.65 -11.57 -4.06
CA MET B 32 -0.62 -10.68 -3.50
C MET B 32 -0.57 -9.36 -4.27
N LEU B 33 0.02 -8.31 -3.67
CA LEU B 33 0.18 -6.99 -4.30
C LEU B 33 1.20 -7.05 -5.44
N SER B 34 0.79 -6.57 -6.61
CA SER B 34 1.61 -6.47 -7.83
C SER B 34 2.46 -5.19 -7.82
N PRO B 35 3.51 -5.07 -8.66
CA PRO B 35 4.30 -3.83 -8.73
C PRO B 35 3.41 -2.64 -9.17
N ASP B 36 2.35 -2.94 -9.93
CA ASP B 36 1.31 -2.00 -10.39
C ASP B 36 0.56 -1.32 -9.22
N ASP B 37 0.33 -2.05 -8.12
CA ASP B 37 -0.32 -1.50 -6.91
C ASP B 37 0.58 -0.47 -6.21
N ILE B 38 1.91 -0.65 -6.29
CA ILE B 38 2.91 0.21 -5.66
C ILE B 38 3.14 1.50 -6.47
N GLU B 39 3.18 1.43 -7.81
CA GLU B 39 3.35 2.62 -8.65
C GLU B 39 2.07 3.50 -8.74
N GLN B 40 0.98 3.09 -8.08
CA GLN B 40 -0.30 3.80 -8.07
C GLN B 40 -0.37 4.96 -7.07
N TRP B 41 -0.03 4.75 -5.79
CA TRP B 41 -0.19 5.80 -4.76
C TRP B 41 0.78 6.97 -4.86
N PHE B 42 1.96 6.78 -5.46
CA PHE B 42 2.97 7.83 -5.62
C PHE B 42 2.82 8.68 -6.89
N THR B 43 1.93 8.30 -7.83
CA THR B 43 1.76 9.00 -9.12
C THR B 43 1.36 10.49 -8.96
N GLU B 44 0.74 10.84 -7.83
CA GLU B 44 0.34 12.21 -7.48
C GLU B 44 1.49 13.04 -6.87
N ASP B 45 2.64 12.42 -6.55
CA ASP B 45 3.85 13.04 -6.00
C ASP B 45 5.10 12.17 -6.31
N PRO B 46 5.55 12.08 -7.58
CA PRO B 46 6.65 11.21 -8.01
C PRO B 46 8.04 11.58 -7.47
N GLY B 47 8.22 12.77 -6.89
CA GLY B 47 9.48 13.23 -6.29
C GLY B 47 9.48 14.73 -5.94
N PRO B 48 10.46 15.20 -5.14
CA PRO B 48 10.58 16.60 -4.73
C PRO B 48 11.05 17.56 -5.84
N ASP B 49 11.58 17.02 -6.95
CA ASP B 49 12.07 17.78 -8.11
C ASP B 49 11.94 16.96 -9.42
N PRO A 1 -1.46 -4.93 21.22
CA PRO A 1 -1.45 -4.78 19.77
C PRO A 1 -1.58 -3.33 19.27
N ASN A 2 -1.86 -2.39 20.17
CA ASN A 2 -1.98 -0.95 19.87
C ASN A 2 -0.58 -0.38 19.56
N ARG A 3 -0.34 0.08 18.33
CA ARG A 3 0.96 0.61 17.84
C ARG A 3 0.77 1.84 16.92
N SER A 4 1.89 2.46 16.55
CA SER A 4 1.98 3.65 15.66
C SER A 4 2.82 3.37 14.41
N ILE A 5 3.12 4.41 13.62
CA ILE A 5 3.91 4.33 12.36
C ILE A 5 5.02 5.41 12.33
N SER A 6 5.91 5.36 11.34
CA SER A 6 7.06 6.31 11.20
C SER A 6 7.20 6.88 9.77
N PRO A 7 7.69 8.12 9.60
CA PRO A 7 7.84 8.76 8.29
C PRO A 7 8.93 8.13 7.40
N SER A 8 9.93 7.48 7.99
CA SER A 8 11.04 6.79 7.31
C SER A 8 10.57 5.70 6.36
N ALA A 9 9.51 4.98 6.72
CA ALA A 9 8.91 3.90 5.91
C ALA A 9 8.47 4.40 4.52
N LEU A 10 7.86 5.58 4.44
CA LEU A 10 7.40 6.16 3.18
C LEU A 10 8.57 6.57 2.28
N GLN A 11 9.69 7.03 2.87
CA GLN A 11 10.91 7.37 2.12
C GLN A 11 11.55 6.11 1.52
N ASP A 12 11.57 5.02 2.30
CA ASP A 12 12.09 3.73 1.85
C ASP A 12 11.22 3.13 0.72
N LEU A 13 9.89 3.35 0.75
CA LEU A 13 8.98 2.93 -0.31
C LEU A 13 9.28 3.71 -1.61
N LEU A 14 9.49 5.03 -1.52
CA LEU A 14 9.88 5.83 -2.69
C LEU A 14 11.19 5.35 -3.30
N ARG A 15 12.25 5.13 -2.50
CA ARG A 15 13.52 4.62 -3.06
C ARG A 15 13.37 3.21 -3.65
N THR A 16 12.50 2.37 -3.06
CA THR A 16 12.16 1.04 -3.58
C THR A 16 11.49 1.16 -4.95
N LEU A 17 10.49 2.03 -5.12
CA LEU A 17 9.83 2.28 -6.41
C LEU A 17 10.78 2.88 -7.46
N LYS A 18 11.70 3.77 -7.04
CA LYS A 18 12.70 4.40 -7.94
C LYS A 18 13.67 3.38 -8.55
N SER A 19 14.04 2.34 -7.80
CA SER A 19 14.87 1.23 -8.29
C SER A 19 14.07 0.35 -9.28
N PRO A 20 14.73 -0.33 -10.25
CA PRO A 20 14.04 -1.13 -11.26
C PRO A 20 13.24 -2.32 -10.70
N SER A 21 12.19 -2.70 -11.44
CA SER A 21 11.26 -3.79 -11.12
C SER A 21 11.90 -5.18 -11.04
N SER A 22 11.56 -5.92 -9.97
CA SER A 22 12.00 -7.29 -9.68
C SER A 22 11.18 -7.89 -8.54
N PRO A 23 11.15 -9.22 -8.35
CA PRO A 23 10.50 -9.85 -7.20
C PRO A 23 11.01 -9.29 -5.88
N GLN A 24 12.30 -8.93 -5.81
CA GLN A 24 12.95 -8.33 -4.66
C GLN A 24 12.40 -6.91 -4.37
N GLN A 25 12.15 -6.11 -5.42
CA GLN A 25 11.56 -4.77 -5.29
C GLN A 25 10.13 -4.85 -4.74
N GLN A 26 9.34 -5.78 -5.28
CA GLN A 26 7.97 -6.07 -4.83
C GLN A 26 7.97 -6.53 -3.36
N GLN A 27 8.89 -7.44 -3.00
CA GLN A 27 9.06 -7.92 -1.62
C GLN A 27 9.49 -6.78 -0.66
N GLN A 28 10.32 -5.83 -1.11
CA GLN A 28 10.73 -4.69 -0.28
C GLN A 28 9.52 -3.86 0.19
N VAL A 29 8.51 -3.65 -0.68
CA VAL A 29 7.27 -2.97 -0.27
C VAL A 29 6.57 -3.76 0.82
N LEU A 30 6.44 -5.08 0.68
CA LEU A 30 5.84 -5.94 1.71
C LEU A 30 6.64 -5.87 3.03
N ASN A 31 7.97 -5.78 2.99
CA ASN A 31 8.82 -5.64 4.19
C ASN A 31 8.51 -4.31 4.92
N ILE A 32 8.44 -3.21 4.18
CA ILE A 32 8.12 -1.85 4.67
C ILE A 32 6.72 -1.81 5.29
N LEU A 33 5.73 -2.40 4.58
CA LEU A 33 4.35 -2.48 5.04
C LEU A 33 4.20 -3.36 6.29
N LYS A 34 4.85 -4.54 6.35
CA LYS A 34 4.84 -5.40 7.56
C LYS A 34 5.55 -4.78 8.76
N SER A 35 6.42 -3.78 8.54
CA SER A 35 7.06 -3.00 9.61
C SER A 35 6.12 -1.89 10.15
N ASN A 36 4.97 -1.67 9.50
CA ASN A 36 3.94 -0.68 9.82
C ASN A 36 2.54 -1.30 9.60
N PRO A 37 2.16 -2.36 10.35
CA PRO A 37 0.91 -3.09 10.12
C PRO A 37 -0.38 -2.25 10.15
N GLN A 38 -0.38 -1.15 10.91
CA GLN A 38 -1.52 -0.22 11.03
C GLN A 38 -2.06 0.24 9.67
N LEU A 39 -1.16 0.67 8.78
CA LEU A 39 -1.53 1.22 7.47
C LEU A 39 -1.85 0.15 6.41
N MET A 40 -1.20 -1.03 6.43
CA MET A 40 -1.47 -2.09 5.45
C MET A 40 -2.72 -2.92 5.77
N ALA A 41 -2.99 -3.21 7.05
CA ALA A 41 -4.16 -3.97 7.45
C ALA A 41 -5.47 -3.18 7.27
N ALA A 42 -5.41 -1.85 7.47
CA ALA A 42 -6.54 -0.97 7.23
C ALA A 42 -6.86 -0.88 5.72
N PHE A 43 -5.81 -0.76 4.91
CA PHE A 43 -5.88 -0.69 3.44
C PHE A 43 -6.52 -1.95 2.85
N ILE A 44 -6.03 -3.16 3.17
CA ILE A 44 -6.57 -4.41 2.62
C ILE A 44 -8.05 -4.63 2.95
N LYS A 45 -8.52 -4.26 4.16
CA LYS A 45 -9.93 -4.39 4.56
C LYS A 45 -10.90 -3.72 3.57
N GLN A 46 -10.48 -2.63 2.93
CA GLN A 46 -11.27 -1.94 1.90
C GLN A 46 -10.85 -2.40 0.49
N ARG A 47 -9.56 -2.60 0.21
CA ARG A 47 -9.06 -3.06 -1.10
C ARG A 47 -9.58 -4.44 -1.50
N THR A 48 -9.84 -5.34 -0.56
CA THR A 48 -10.37 -6.70 -0.83
C THR A 48 -11.69 -6.67 -1.64
N ALA A 49 -12.51 -5.63 -1.44
CA ALA A 49 -13.76 -5.40 -2.17
C ALA A 49 -13.55 -4.87 -3.62
N LYS A 50 -12.32 -4.48 -3.98
CA LYS A 50 -11.90 -3.88 -5.26
C LYS A 50 -10.60 -4.49 -5.85
N TYR A 51 -10.17 -5.65 -5.32
CA TYR A 51 -8.93 -6.37 -5.64
C TYR A 51 -8.79 -6.94 -7.06
N VAL A 52 -9.76 -6.65 -7.90
CA VAL A 52 -9.83 -7.06 -9.32
C VAL A 52 -8.62 -6.60 -10.15
N ALA A 53 -7.90 -5.57 -9.69
CA ALA A 53 -6.67 -5.03 -10.29
C ALA A 53 -5.54 -6.07 -10.46
N ASN A 54 -5.58 -7.19 -9.71
CA ASN A 54 -4.59 -8.27 -9.75
C ASN A 54 -5.22 -9.65 -10.08
N GLN A 55 -6.43 -9.65 -10.66
CA GLN A 55 -7.23 -10.87 -10.91
C GLN A 55 -7.83 -10.88 -12.33
N PRO A 56 -8.15 -12.07 -12.90
CA PRO A 56 -8.75 -12.22 -14.23
C PRO A 56 -10.22 -11.76 -14.36
N GLY A 57 -10.75 -11.01 -13.38
CA GLY A 57 -12.13 -10.50 -13.37
C GLY A 57 -12.35 -9.15 -14.07
N MET A 58 -11.29 -8.45 -14.49
CA MET A 58 -11.36 -7.17 -15.19
C MET A 58 -11.82 -7.29 -16.67
N GLN A 59 -12.04 -6.15 -17.33
CA GLN A 59 -12.49 -6.06 -18.74
C GLN A 59 -11.58 -6.86 -19.70
N PRO B 1 5.71 19.70 2.55
CA PRO B 1 6.38 18.84 1.58
C PRO B 1 5.44 17.82 0.90
N LEU B 2 4.19 17.73 1.36
CA LEU B 2 3.15 16.82 0.85
C LEU B 2 1.75 17.49 0.88
N SER B 3 0.78 16.80 0.28
CA SER B 3 -0.63 17.22 0.14
C SER B 3 -1.58 16.03 0.29
N GLN B 4 -2.88 16.28 0.50
CA GLN B 4 -3.94 15.27 0.63
C GLN B 4 -4.19 14.38 -0.63
N GLU B 5 -3.33 14.49 -1.63
CA GLU B 5 -3.37 13.77 -2.91
C GLU B 5 -2.11 12.88 -3.12
N THR B 6 -1.26 12.75 -2.09
CA THR B 6 -0.02 11.95 -2.15
C THR B 6 -0.16 10.57 -1.53
N PHE B 7 0.71 9.63 -1.94
CA PHE B 7 0.75 8.27 -1.38
C PHE B 7 0.91 8.27 0.15
N SER B 8 1.73 9.18 0.69
CA SER B 8 1.96 9.33 2.13
C SER B 8 0.69 9.70 2.90
N ASP B 9 -0.20 10.49 2.31
CA ASP B 9 -1.45 10.87 2.97
C ASP B 9 -2.50 9.76 2.95
N LEU B 10 -2.51 8.91 1.90
CA LEU B 10 -3.43 7.76 1.82
C LEU B 10 -3.29 6.85 3.06
N TRP B 11 -2.04 6.64 3.53
CA TRP B 11 -1.78 5.84 4.72
C TRP B 11 -2.28 6.46 6.04
N LYS B 12 -2.62 7.77 6.05
CA LYS B 12 -3.19 8.46 7.23
C LYS B 12 -4.72 8.34 7.24
N LEU B 13 -5.34 8.30 6.05
CA LEU B 13 -6.80 8.20 5.89
C LEU B 13 -7.36 6.81 6.21
N LEU B 14 -6.74 5.74 5.69
CA LEU B 14 -7.18 4.36 5.89
C LEU B 14 -7.33 3.86 7.35
N PRO B 15 -6.30 3.95 8.22
CA PRO B 15 -6.28 3.41 9.59
C PRO B 15 -7.30 3.93 10.61
N GLU B 16 -8.31 4.72 10.22
CA GLU B 16 -9.40 5.13 11.14
C GLU B 16 -10.19 3.93 11.73
N ASN B 17 -10.05 2.75 11.09
CA ASN B 17 -10.65 1.46 11.49
C ASN B 17 -9.59 0.48 12.06
N ASN B 18 -8.40 0.96 12.43
CA ASN B 18 -7.26 0.19 12.95
C ASN B 18 -6.58 0.86 14.17
N VAL B 19 -7.15 1.95 14.69
CA VAL B 19 -6.66 2.75 15.83
C VAL B 19 -6.38 1.98 17.14
N LEU B 20 -6.93 0.78 17.29
CA LEU B 20 -6.81 -0.08 18.48
C LEU B 20 -6.48 -1.57 18.22
N SER B 21 -6.45 -2.01 16.96
CA SER B 21 -6.16 -3.40 16.58
C SER B 21 -5.65 -3.50 15.12
N PRO B 22 -4.53 -4.20 14.86
CA PRO B 22 -3.93 -4.35 13.54
C PRO B 22 -4.48 -5.52 12.69
N LEU B 23 -5.48 -6.27 13.17
CA LEU B 23 -6.03 -7.44 12.45
C LEU B 23 -6.85 -7.05 11.19
N PRO B 24 -6.46 -7.50 9.97
CA PRO B 24 -7.19 -7.23 8.73
C PRO B 24 -8.35 -8.22 8.51
N SER B 25 -9.08 -8.04 7.40
CA SER B 25 -10.09 -9.00 6.93
C SER B 25 -9.41 -10.33 6.55
N GLN B 26 -9.91 -11.45 7.06
CA GLN B 26 -9.34 -12.81 6.87
C GLN B 26 -9.54 -13.43 5.47
N ALA B 27 -9.90 -12.62 4.48
CA ALA B 27 -10.14 -13.01 3.08
C ALA B 27 -8.89 -13.27 2.22
N MET B 28 -7.68 -13.07 2.76
CA MET B 28 -6.38 -13.22 2.08
C MET B 28 -5.96 -14.67 1.76
N ASP B 29 -6.84 -15.45 1.12
CA ASP B 29 -6.60 -16.85 0.76
C ASP B 29 -5.44 -17.05 -0.24
N ASP B 30 -5.38 -16.22 -1.29
CA ASP B 30 -4.34 -16.27 -2.35
C ASP B 30 -4.01 -14.90 -2.99
N LEU B 31 -4.90 -13.91 -2.89
CA LEU B 31 -4.73 -12.55 -3.42
C LEU B 31 -3.53 -11.79 -2.83
N MET B 32 -2.80 -11.06 -3.68
CA MET B 32 -1.63 -10.24 -3.31
C MET B 32 -1.34 -9.14 -4.35
N LEU B 33 -0.68 -8.06 -3.93
CA LEU B 33 -0.31 -6.91 -4.78
C LEU B 33 0.71 -7.27 -5.89
N SER B 34 0.87 -6.34 -6.83
CA SER B 34 1.74 -6.38 -8.02
C SER B 34 2.54 -5.05 -8.15
N PRO B 35 3.52 -4.93 -9.07
CA PRO B 35 4.22 -3.67 -9.27
C PRO B 35 3.29 -2.53 -9.74
N ASP B 36 2.15 -2.87 -10.36
CA ASP B 36 1.12 -1.92 -10.78
C ASP B 36 0.46 -1.20 -9.58
N ASP B 37 0.38 -1.88 -8.42
CA ASP B 37 -0.15 -1.31 -7.18
C ASP B 37 0.85 -0.35 -6.50
N ILE B 38 2.15 -0.57 -6.70
CA ILE B 38 3.19 0.33 -6.19
C ILE B 38 3.17 1.65 -6.96
N GLU B 39 2.89 1.61 -8.27
CA GLU B 39 2.71 2.81 -9.10
C GLU B 39 1.27 3.38 -9.03
N GLN B 40 0.36 2.77 -8.25
CA GLN B 40 -1.02 3.25 -8.06
C GLN B 40 -1.10 4.34 -6.99
N TRP B 41 -0.66 4.08 -5.74
CA TRP B 41 -0.84 5.05 -4.65
C TRP B 41 -0.13 6.40 -4.84
N PHE B 42 0.92 6.46 -5.66
CA PHE B 42 1.63 7.71 -5.99
C PHE B 42 1.06 8.45 -7.22
N THR B 43 0.22 7.80 -8.03
CA THR B 43 -0.37 8.38 -9.25
C THR B 43 -1.43 9.44 -8.99
N GLU B 44 -1.94 9.51 -7.74
CA GLU B 44 -2.95 10.49 -7.30
C GLU B 44 -2.46 11.95 -7.36
N ASP B 45 -1.16 12.19 -7.55
CA ASP B 45 -0.51 13.50 -7.72
C ASP B 45 0.24 13.54 -9.08
N PRO B 46 -0.47 13.69 -10.22
CA PRO B 46 0.13 13.69 -11.55
C PRO B 46 1.01 14.92 -11.86
N GLY B 47 0.74 16.06 -11.23
CA GLY B 47 1.51 17.31 -11.41
C GLY B 47 0.70 18.59 -11.18
N PRO B 48 1.33 19.78 -11.29
CA PRO B 48 0.71 21.09 -11.10
C PRO B 48 -0.15 21.56 -12.30
N ASP B 49 -0.19 20.81 -13.40
CA ASP B 49 -0.94 21.10 -14.64
C ASP B 49 -1.53 19.84 -15.30
N PRO A 1 5.31 -6.82 20.10
CA PRO A 1 5.63 -6.25 21.40
C PRO A 1 6.13 -4.79 21.36
N ASN A 2 6.30 -4.22 20.15
CA ASN A 2 6.78 -2.87 19.89
C ASN A 2 6.07 -2.21 18.67
N ARG A 3 4.82 -2.62 18.40
CA ARG A 3 3.98 -2.16 17.27
C ARG A 3 3.72 -0.64 17.29
N SER A 4 4.03 0.02 16.17
CA SER A 4 3.86 1.48 15.95
C SER A 4 3.98 1.82 14.45
N ILE A 5 4.08 3.12 14.10
CA ILE A 5 4.30 3.64 12.73
C ILE A 5 5.35 4.77 12.75
N SER A 6 5.94 5.08 11.59
CA SER A 6 6.94 6.15 11.43
C SER A 6 6.97 6.69 9.98
N PRO A 7 7.25 7.99 9.76
CA PRO A 7 7.30 8.60 8.43
C PRO A 7 8.51 8.17 7.60
N SER A 8 9.59 7.66 8.23
CA SER A 8 10.79 7.17 7.53
C SER A 8 10.48 6.06 6.51
N ALA A 9 9.49 5.21 6.81
CA ALA A 9 9.03 4.14 5.93
C ALA A 9 8.54 4.65 4.56
N LEU A 10 8.01 5.89 4.50
CA LEU A 10 7.53 6.51 3.27
C LEU A 10 8.71 6.83 2.33
N GLN A 11 9.80 7.41 2.87
CA GLN A 11 11.02 7.66 2.08
C GLN A 11 11.68 6.33 1.66
N ASP A 12 11.68 5.32 2.53
CA ASP A 12 12.24 4.00 2.25
C ASP A 12 11.46 3.28 1.13
N LEU A 13 10.13 3.41 1.10
CA LEU A 13 9.27 2.88 0.04
C LEU A 13 9.63 3.56 -1.28
N LEU A 14 9.71 4.90 -1.31
CA LEU A 14 10.08 5.67 -2.50
C LEU A 14 11.47 5.27 -3.05
N ARG A 15 12.50 5.18 -2.20
CA ARG A 15 13.84 4.77 -2.65
C ARG A 15 13.89 3.34 -3.21
N THR A 16 12.97 2.47 -2.77
CA THR A 16 12.81 1.09 -3.27
C THR A 16 12.03 1.08 -4.60
N LEU A 17 10.95 1.87 -4.70
CA LEU A 17 10.09 2.01 -5.89
C LEU A 17 10.84 2.59 -7.10
N LYS A 18 11.82 3.48 -6.88
CA LYS A 18 12.66 4.15 -7.91
C LYS A 18 13.71 3.22 -8.57
N SER A 19 13.32 1.98 -8.87
CA SER A 19 14.09 0.90 -9.50
C SER A 19 13.19 0.01 -10.38
N PRO A 20 13.75 -0.89 -11.22
CA PRO A 20 12.98 -1.81 -12.07
C PRO A 20 11.95 -2.67 -11.32
N SER A 21 10.85 -3.02 -12.02
CA SER A 21 9.77 -3.87 -11.49
C SER A 21 10.17 -5.34 -11.37
N SER A 22 10.00 -5.92 -10.18
CA SER A 22 10.31 -7.33 -9.88
C SER A 22 9.63 -7.80 -8.57
N PRO A 23 9.43 -9.12 -8.37
CA PRO A 23 8.92 -9.64 -7.10
C PRO A 23 9.87 -9.33 -5.93
N GLN A 24 11.17 -9.13 -6.19
CA GLN A 24 12.16 -8.74 -5.18
C GLN A 24 11.90 -7.29 -4.71
N GLN A 25 11.59 -6.37 -5.63
CA GLN A 25 11.22 -4.99 -5.29
C GLN A 25 9.95 -4.99 -4.44
N GLN A 26 8.94 -5.77 -4.85
CA GLN A 26 7.69 -5.93 -4.10
C GLN A 26 7.97 -6.47 -2.69
N GLN A 27 8.83 -7.49 -2.55
CA GLN A 27 9.19 -8.05 -1.25
C GLN A 27 9.82 -6.99 -0.33
N GLN A 28 10.72 -6.13 -0.83
CA GLN A 28 11.28 -5.06 -0.01
C GLN A 28 10.20 -4.06 0.43
N VAL A 29 9.29 -3.65 -0.45
CA VAL A 29 8.18 -2.76 -0.05
C VAL A 29 7.30 -3.44 1.00
N LEU A 30 6.98 -4.74 0.84
CA LEU A 30 6.23 -5.50 1.84
C LEU A 30 7.01 -5.60 3.16
N ASN A 31 8.34 -5.78 3.14
CA ASN A 31 9.18 -5.81 4.34
C ASN A 31 9.09 -4.46 5.09
N ILE A 32 9.15 -3.35 4.35
CA ILE A 32 9.02 -1.96 4.87
C ILE A 32 7.63 -1.72 5.47
N LEU A 33 6.57 -2.20 4.82
CA LEU A 33 5.18 -2.08 5.30
C LEU A 33 4.87 -2.98 6.51
N LYS A 34 5.44 -4.19 6.57
CA LYS A 34 5.24 -5.16 7.68
C LYS A 34 5.65 -4.61 9.06
N SER A 35 6.56 -3.63 9.11
CA SER A 35 6.97 -2.95 10.36
C SER A 35 5.97 -1.89 10.85
N ASN A 36 4.93 -1.60 10.06
CA ASN A 36 3.87 -0.61 10.30
C ASN A 36 2.53 -1.12 9.69
N PRO A 37 1.97 -2.24 10.22
CA PRO A 37 0.78 -2.90 9.65
C PRO A 37 -0.50 -2.04 9.64
N GLN A 38 -0.61 -1.05 10.52
CA GLN A 38 -1.77 -0.14 10.65
C GLN A 38 -2.29 0.38 9.30
N LEU A 39 -1.37 0.87 8.45
CA LEU A 39 -1.69 1.44 7.14
C LEU A 39 -1.84 0.44 5.99
N MET A 40 -1.08 -0.67 5.96
CA MET A 40 -1.19 -1.66 4.89
C MET A 40 -2.37 -2.63 5.07
N ALA A 41 -2.71 -2.99 6.31
CA ALA A 41 -3.82 -3.89 6.60
C ALA A 41 -5.17 -3.26 6.21
N ALA A 42 -5.33 -1.95 6.39
CA ALA A 42 -6.55 -1.27 5.95
C ALA A 42 -6.67 -1.25 4.42
N PHE A 43 -5.55 -1.01 3.70
CA PHE A 43 -5.54 -1.00 2.24
C PHE A 43 -5.91 -2.36 1.66
N ILE A 44 -5.24 -3.45 2.07
CA ILE A 44 -5.53 -4.79 1.53
C ILE A 44 -6.98 -5.20 1.77
N LYS A 45 -7.53 -4.94 2.97
CA LYS A 45 -8.94 -5.26 3.31
C LYS A 45 -9.98 -4.49 2.47
N GLN A 46 -9.58 -3.44 1.75
CA GLN A 46 -10.43 -2.73 0.79
C GLN A 46 -10.12 -3.20 -0.65
N ARG A 47 -8.84 -3.40 -0.99
CA ARG A 47 -8.34 -3.91 -2.29
C ARG A 47 -8.92 -5.29 -2.63
N THR A 48 -8.99 -6.19 -1.64
CA THR A 48 -9.53 -7.55 -1.77
C THR A 48 -10.99 -7.61 -2.26
N ALA A 49 -11.81 -6.60 -1.96
CA ALA A 49 -13.21 -6.53 -2.40
C ALA A 49 -13.35 -6.46 -3.94
N LYS A 50 -12.39 -5.82 -4.62
CA LYS A 50 -12.34 -5.71 -6.09
C LYS A 50 -11.55 -6.87 -6.73
N TYR A 51 -10.73 -7.57 -5.94
CA TYR A 51 -9.89 -8.72 -6.31
C TYR A 51 -10.66 -10.05 -6.49
N VAL A 52 -11.97 -9.96 -6.74
CA VAL A 52 -12.88 -11.11 -6.96
C VAL A 52 -13.10 -11.27 -8.47
N ALA A 53 -12.04 -11.71 -9.17
CA ALA A 53 -12.05 -11.90 -10.62
C ALA A 53 -11.19 -13.10 -11.11
N ASN A 54 -10.43 -13.75 -10.22
CA ASN A 54 -9.58 -14.92 -10.52
C ASN A 54 -9.55 -15.84 -9.29
N GLN A 55 -9.88 -17.13 -9.50
CA GLN A 55 -9.96 -18.16 -8.46
C GLN A 55 -9.85 -19.58 -9.05
N PRO A 56 -9.25 -20.56 -8.34
CA PRO A 56 -9.13 -21.95 -8.81
C PRO A 56 -10.43 -22.76 -8.69
N GLY A 57 -11.38 -22.32 -7.85
CA GLY A 57 -12.67 -22.97 -7.59
C GLY A 57 -13.71 -22.69 -8.68
N MET A 58 -13.56 -23.34 -9.85
CA MET A 58 -14.44 -23.17 -11.02
C MET A 58 -14.93 -24.50 -11.59
N GLN A 59 -16.06 -24.47 -12.31
CA GLN A 59 -16.68 -25.61 -12.99
C GLN A 59 -15.76 -26.24 -14.05
N PRO B 1 10.39 15.64 1.06
CA PRO B 1 10.57 14.64 0.00
C PRO B 1 9.26 14.19 -0.66
N LEU B 2 8.11 14.57 -0.10
CA LEU B 2 6.76 14.22 -0.55
C LEU B 2 5.73 15.33 -0.20
N SER B 3 4.48 15.18 -0.62
CA SER B 3 3.42 16.19 -0.44
C SER B 3 2.07 15.61 0.02
N GLN B 4 1.25 16.46 0.65
CA GLN B 4 -0.11 16.20 1.16
C GLN B 4 -1.18 15.86 0.08
N GLU B 5 -0.75 15.53 -1.14
CA GLU B 5 -1.58 15.18 -2.30
C GLU B 5 -1.12 13.84 -2.93
N THR B 6 -0.38 13.04 -2.16
CA THR B 6 0.23 11.75 -2.57
C THR B 6 -0.07 10.63 -1.55
N PHE B 7 0.57 9.46 -1.71
CA PHE B 7 0.47 8.30 -0.81
C PHE B 7 0.57 8.66 0.69
N SER B 8 1.37 9.68 1.04
CA SER B 8 1.53 10.18 2.41
C SER B 8 0.19 10.56 3.06
N ASP B 9 -0.74 11.11 2.29
CA ASP B 9 -2.06 11.50 2.80
C ASP B 9 -3.06 10.34 2.78
N LEU B 10 -2.88 9.35 1.91
CA LEU B 10 -3.72 8.15 1.92
C LEU B 10 -3.54 7.41 3.26
N TRP B 11 -2.31 7.37 3.81
CA TRP B 11 -2.04 6.77 5.13
C TRP B 11 -2.69 7.51 6.30
N LYS B 12 -3.05 8.80 6.12
CA LYS B 12 -3.74 9.62 7.15
C LYS B 12 -5.26 9.40 7.16
N LEU B 13 -5.77 8.63 6.20
CA LEU B 13 -7.20 8.31 6.02
C LEU B 13 -7.49 6.81 6.13
N LEU B 14 -6.68 5.96 5.48
CA LEU B 14 -6.84 4.50 5.41
C LEU B 14 -7.03 3.72 6.73
N PRO B 15 -6.17 3.89 7.76
CA PRO B 15 -6.19 3.13 9.01
C PRO B 15 -7.53 2.99 9.76
N GLU B 16 -8.59 3.70 9.38
CA GLU B 16 -9.91 3.56 10.03
C GLU B 16 -10.51 2.14 9.88
N ASN B 17 -10.14 1.42 8.81
CA ASN B 17 -10.59 0.06 8.52
C ASN B 17 -9.67 -1.04 9.11
N ASN B 18 -8.53 -0.66 9.72
CA ASN B 18 -7.58 -1.61 10.31
C ASN B 18 -8.07 -2.16 11.66
N VAL B 19 -7.85 -3.47 11.87
CA VAL B 19 -8.06 -4.23 13.10
C VAL B 19 -7.10 -5.41 13.00
N LEU B 20 -6.25 -5.50 13.99
CA LEU B 20 -5.17 -6.47 14.13
C LEU B 20 -5.44 -7.47 15.26
N SER B 21 -5.22 -8.74 14.96
CA SER B 21 -5.44 -9.92 15.82
C SER B 21 -4.65 -11.11 15.24
N PRO B 22 -4.67 -12.34 15.80
CA PRO B 22 -4.00 -13.49 15.19
C PRO B 22 -4.64 -13.95 13.86
N LEU B 23 -5.85 -13.46 13.53
CA LEU B 23 -6.60 -13.72 12.29
C LEU B 23 -7.23 -12.39 11.77
N PRO B 24 -6.44 -11.47 11.17
CA PRO B 24 -6.95 -10.20 10.65
C PRO B 24 -7.82 -10.36 9.41
N SER B 25 -7.55 -11.40 8.62
CA SER B 25 -8.26 -11.76 7.39
C SER B 25 -7.98 -13.23 7.04
N GLN B 26 -8.99 -13.94 6.54
CA GLN B 26 -8.86 -15.33 6.06
C GLN B 26 -8.74 -15.43 4.53
N ALA B 27 -8.74 -14.27 3.86
CA ALA B 27 -8.61 -14.14 2.41
C ALA B 27 -7.16 -14.31 1.92
N MET B 28 -6.19 -14.00 2.79
CA MET B 28 -4.74 -14.07 2.56
C MET B 28 -4.18 -15.49 2.26
N ASP B 29 -5.05 -16.50 2.27
CA ASP B 29 -4.76 -17.91 2.02
C ASP B 29 -4.15 -18.22 0.63
N ASP B 30 -4.52 -17.45 -0.41
CA ASP B 30 -4.10 -17.70 -1.80
C ASP B 30 -3.91 -16.42 -2.66
N LEU B 31 -3.81 -15.24 -2.05
CA LEU B 31 -3.67 -13.95 -2.75
C LEU B 31 -2.76 -12.95 -2.04
N MET B 32 -2.20 -12.01 -2.81
CA MET B 32 -1.30 -10.93 -2.37
C MET B 32 -1.25 -9.80 -3.40
N LEU B 33 -0.70 -8.64 -3.02
CA LEU B 33 -0.53 -7.46 -3.88
C LEU B 33 0.41 -7.70 -5.08
N SER B 34 0.51 -6.68 -5.93
CA SER B 34 1.30 -6.61 -7.18
C SER B 34 2.11 -5.29 -7.21
N PRO B 35 3.18 -5.16 -8.03
CA PRO B 35 3.87 -3.88 -8.20
C PRO B 35 2.91 -2.76 -8.68
N ASP B 36 1.78 -3.13 -9.29
CA ASP B 36 0.70 -2.23 -9.70
C ASP B 36 0.10 -1.44 -8.51
N ASP B 37 0.00 -2.07 -7.33
CA ASP B 37 -0.48 -1.42 -6.09
C ASP B 37 0.51 -0.37 -5.57
N ILE B 38 1.81 -0.59 -5.82
CA ILE B 38 2.90 0.31 -5.40
C ILE B 38 2.99 1.53 -6.32
N GLU B 39 2.92 1.34 -7.65
CA GLU B 39 2.93 2.45 -8.61
C GLU B 39 1.61 3.24 -8.65
N GLN B 40 0.58 2.79 -7.90
CA GLN B 40 -0.73 3.43 -7.81
C GLN B 40 -0.76 4.58 -6.79
N TRP B 41 -0.48 4.33 -5.50
CA TRP B 41 -0.65 5.34 -4.45
C TRP B 41 0.20 6.61 -4.59
N PHE B 42 1.35 6.55 -5.25
CA PHE B 42 2.24 7.70 -5.45
C PHE B 42 1.93 8.53 -6.72
N THR B 43 1.06 8.03 -7.61
CA THR B 43 0.76 8.66 -8.91
C THR B 43 -0.34 9.73 -8.89
N GLU B 44 -1.25 9.70 -7.91
CA GLU B 44 -2.41 10.59 -7.89
C GLU B 44 -2.12 12.09 -7.74
N ASP B 45 -3.12 12.89 -8.08
CA ASP B 45 -3.18 14.35 -8.08
C ASP B 45 -4.63 14.80 -7.74
N PRO B 46 -4.87 16.08 -7.39
CA PRO B 46 -6.20 16.60 -7.04
C PRO B 46 -7.22 16.61 -8.20
N GLY B 47 -6.76 16.50 -9.46
CA GLY B 47 -7.61 16.50 -10.65
C GLY B 47 -6.84 16.33 -11.97
N PRO B 48 -6.15 15.19 -12.19
CA PRO B 48 -5.39 14.92 -13.41
C PRO B 48 -6.30 14.50 -14.58
N ASP B 49 -5.66 14.03 -15.64
CA ASP B 49 -6.29 13.54 -16.88
C ASP B 49 -7.24 12.37 -16.65
N PRO A 1 0.71 -5.66 16.92
CA PRO A 1 0.13 -5.41 18.23
C PRO A 1 1.15 -4.95 19.29
N ASN A 2 2.41 -4.77 18.90
CA ASN A 2 3.53 -4.34 19.75
C ASN A 2 4.46 -3.29 19.06
N ARG A 3 3.92 -2.52 18.11
CA ARG A 3 4.65 -1.50 17.32
C ARG A 3 3.77 -0.30 16.93
N SER A 4 4.40 0.66 16.23
CA SER A 4 3.80 1.90 15.71
C SER A 4 4.31 2.17 14.28
N ILE A 5 4.20 3.41 13.78
CA ILE A 5 4.61 3.81 12.42
C ILE A 5 5.57 5.02 12.45
N SER A 6 6.29 5.24 11.35
CA SER A 6 7.23 6.35 11.14
C SER A 6 7.15 6.87 9.70
N PRO A 7 7.21 8.20 9.46
CA PRO A 7 7.10 8.78 8.12
C PRO A 7 8.27 8.38 7.19
N SER A 8 9.43 8.07 7.76
CA SER A 8 10.63 7.65 7.05
C SER A 8 10.46 6.31 6.31
N ALA A 9 9.71 5.36 6.87
CA ALA A 9 9.45 4.07 6.25
C ALA A 9 8.68 4.22 4.91
N LEU A 10 7.81 5.23 4.80
CA LEU A 10 7.07 5.51 3.56
C LEU A 10 8.04 6.06 2.49
N GLN A 11 9.06 6.84 2.89
CA GLN A 11 10.09 7.30 1.95
C GLN A 11 10.95 6.11 1.48
N ASP A 12 11.17 5.13 2.36
CA ASP A 12 11.89 3.89 2.04
C ASP A 12 11.09 3.03 1.04
N LEU A 13 9.75 3.09 1.08
CA LEU A 13 8.90 2.46 0.07
C LEU A 13 9.09 3.16 -1.28
N LEU A 14 9.20 4.51 -1.30
CA LEU A 14 9.45 5.24 -2.55
C LEU A 14 10.79 4.87 -3.20
N ARG A 15 11.91 4.69 -2.45
CA ARG A 15 13.17 4.23 -3.07
C ARG A 15 13.01 2.86 -3.75
N THR A 16 12.12 2.02 -3.21
CA THR A 16 11.78 0.69 -3.74
C THR A 16 10.93 0.83 -5.02
N LEU A 17 9.94 1.75 -5.03
CA LEU A 17 9.12 2.08 -6.21
C LEU A 17 9.97 2.65 -7.36
N LYS A 18 10.94 3.51 -7.04
CA LYS A 18 11.89 4.13 -8.00
C LYS A 18 12.94 3.16 -8.56
N SER A 19 12.82 1.85 -8.28
CA SER A 19 13.71 0.77 -8.74
C SER A 19 12.90 -0.30 -9.52
N PRO A 20 13.50 -1.00 -10.50
CA PRO A 20 12.79 -1.97 -11.34
C PRO A 20 12.34 -3.25 -10.62
N SER A 21 11.26 -3.85 -11.11
CA SER A 21 10.63 -5.07 -10.58
C SER A 21 11.55 -6.29 -10.58
N SER A 22 11.53 -7.05 -9.47
CA SER A 22 12.25 -8.31 -9.24
C SER A 22 11.69 -9.02 -8.00
N PRO A 23 11.96 -10.32 -7.78
CA PRO A 23 11.55 -11.02 -6.56
C PRO A 23 12.07 -10.30 -5.29
N GLN A 24 13.26 -9.69 -5.40
CA GLN A 24 13.89 -8.91 -4.34
C GLN A 24 13.11 -7.60 -4.08
N GLN A 25 12.70 -6.90 -5.14
CA GLN A 25 11.90 -5.66 -5.04
C GLN A 25 10.53 -5.95 -4.41
N GLN A 26 9.89 -7.04 -4.82
CA GLN A 26 8.61 -7.51 -4.27
C GLN A 26 8.74 -7.77 -2.75
N GLN A 27 9.80 -8.48 -2.34
CA GLN A 27 10.06 -8.74 -0.92
C GLN A 27 10.36 -7.44 -0.13
N GLN A 28 11.09 -6.48 -0.71
CA GLN A 28 11.35 -5.18 -0.08
C GLN A 28 10.05 -4.43 0.24
N VAL A 29 9.10 -4.36 -0.71
CA VAL A 29 7.78 -3.73 -0.47
C VAL A 29 7.07 -4.41 0.69
N LEU A 30 6.98 -5.75 0.68
CA LEU A 30 6.35 -6.52 1.75
C LEU A 30 7.03 -6.30 3.11
N ASN A 31 8.37 -6.28 3.18
CA ASN A 31 9.11 -6.05 4.42
C ASN A 31 8.84 -4.65 5.00
N ILE A 32 8.90 -3.61 4.17
CA ILE A 32 8.64 -2.22 4.57
C ILE A 32 7.20 -2.05 5.07
N LEU A 33 6.22 -2.64 4.38
CA LEU A 33 4.81 -2.62 4.78
C LEU A 33 4.59 -3.41 6.08
N LYS A 34 5.13 -4.63 6.20
CA LYS A 34 5.04 -5.45 7.44
C LYS A 34 5.73 -4.82 8.65
N SER A 35 6.64 -3.87 8.44
CA SER A 35 7.27 -3.07 9.51
C SER A 35 6.34 -1.96 10.04
N ASN A 36 5.20 -1.74 9.37
CA ASN A 36 4.15 -0.75 9.69
C ASN A 36 2.74 -1.37 9.54
N PRO A 37 2.38 -2.47 10.25
CA PRO A 37 1.10 -3.16 10.10
C PRO A 37 -0.15 -2.27 10.16
N GLN A 38 -0.12 -1.23 11.00
CA GLN A 38 -1.22 -0.29 11.23
C GLN A 38 -1.78 0.30 9.93
N LEU A 39 -0.91 0.80 9.05
CA LEU A 39 -1.30 1.40 7.76
C LEU A 39 -1.51 0.38 6.63
N MET A 40 -0.73 -0.72 6.57
CA MET A 40 -0.90 -1.72 5.50
C MET A 40 -2.16 -2.58 5.68
N ALA A 41 -2.54 -2.94 6.90
CA ALA A 41 -3.72 -3.76 7.16
C ALA A 41 -5.03 -3.04 6.77
N ALA A 42 -5.10 -1.72 7.00
CA ALA A 42 -6.24 -0.91 6.60
C ALA A 42 -6.37 -0.91 5.06
N PHE A 43 -5.29 -0.58 4.35
CA PHE A 43 -5.25 -0.54 2.88
C PHE A 43 -5.55 -1.91 2.23
N ILE A 44 -4.84 -2.98 2.60
CA ILE A 44 -5.05 -4.31 2.02
C ILE A 44 -6.50 -4.76 2.21
N LYS A 45 -7.10 -4.56 3.38
CA LYS A 45 -8.50 -4.96 3.61
C LYS A 45 -9.51 -4.16 2.75
N GLN A 46 -9.20 -2.93 2.33
CA GLN A 46 -10.04 -2.21 1.36
C GLN A 46 -9.87 -2.84 -0.04
N ARG A 47 -8.61 -3.13 -0.42
CA ARG A 47 -8.20 -3.73 -1.71
C ARG A 47 -8.75 -5.15 -1.91
N THR A 48 -8.67 -6.02 -0.90
CA THR A 48 -9.13 -7.42 -0.93
C THR A 48 -10.64 -7.55 -1.19
N ALA A 49 -11.45 -6.65 -0.60
CA ALA A 49 -12.89 -6.59 -0.82
C ALA A 49 -13.29 -6.28 -2.28
N LYS A 50 -12.30 -5.87 -3.10
CA LYS A 50 -12.39 -5.52 -4.53
C LYS A 50 -11.36 -6.28 -5.38
N TYR A 51 -10.84 -7.39 -4.85
CA TYR A 51 -9.84 -8.30 -5.44
C TYR A 51 -10.19 -9.78 -5.19
N VAL A 52 -11.50 -10.05 -5.10
CA VAL A 52 -12.12 -11.38 -4.87
C VAL A 52 -13.04 -11.77 -6.05
N ALA A 53 -12.83 -11.15 -7.21
CA ALA A 53 -13.57 -11.34 -8.45
C ALA A 53 -13.47 -12.76 -9.04
N ASN A 54 -14.36 -13.05 -10.01
CA ASN A 54 -14.41 -14.32 -10.74
C ASN A 54 -13.08 -14.65 -11.45
N GLN A 55 -12.78 -15.94 -11.60
CA GLN A 55 -11.53 -16.45 -12.18
C GLN A 55 -11.75 -17.05 -13.60
N PRO A 56 -10.74 -17.01 -14.50
CA PRO A 56 -10.82 -17.61 -15.83
C PRO A 56 -11.16 -19.12 -15.81
N GLY A 57 -11.69 -19.64 -16.92
CA GLY A 57 -12.09 -21.05 -17.05
C GLY A 57 -12.32 -21.50 -18.49
N MET A 58 -11.34 -21.28 -19.36
CA MET A 58 -11.39 -21.64 -20.80
C MET A 58 -10.10 -22.33 -21.27
N GLN A 59 -10.17 -23.01 -22.42
CA GLN A 59 -9.06 -23.74 -23.04
C GLN A 59 -7.86 -22.83 -23.36
N PRO B 1 6.46 16.75 5.41
CA PRO B 1 7.52 17.45 4.70
C PRO B 1 7.20 17.74 3.22
N LEU B 2 6.07 17.22 2.74
CA LEU B 2 5.55 17.34 1.37
C LEU B 2 4.04 17.67 1.37
N SER B 3 3.43 17.84 0.20
CA SER B 3 2.00 18.16 0.09
C SER B 3 1.08 17.11 0.75
N GLN B 4 0.12 17.58 1.54
CA GLN B 4 -0.84 16.77 2.30
C GLN B 4 -2.02 16.28 1.44
N GLU B 5 -1.70 15.81 0.24
CA GLU B 5 -2.61 15.23 -0.76
C GLU B 5 -2.00 14.03 -1.53
N THR B 6 -0.76 13.66 -1.17
CA THR B 6 0.01 12.53 -1.73
C THR B 6 -0.32 11.21 -1.04
N PHE B 7 0.37 10.12 -1.40
CA PHE B 7 0.20 8.78 -0.80
C PHE B 7 0.18 8.78 0.74
N SER B 8 0.99 9.64 1.38
CA SER B 8 1.05 9.80 2.85
C SER B 8 -0.25 10.31 3.47
N ASP B 9 -1.09 11.00 2.70
CA ASP B 9 -2.40 11.48 3.14
C ASP B 9 -3.51 10.45 2.85
N LEU B 10 -3.34 9.63 1.80
CA LEU B 10 -4.29 8.55 1.48
C LEU B 10 -4.45 7.56 2.65
N TRP B 11 -3.40 7.31 3.45
CA TRP B 11 -3.49 6.48 4.65
C TRP B 11 -4.41 7.09 5.72
N LYS B 12 -4.46 8.43 5.80
CA LYS B 12 -5.23 9.22 6.77
C LYS B 12 -6.69 9.44 6.36
N LEU B 13 -6.97 9.50 5.05
CA LEU B 13 -8.32 9.77 4.50
C LEU B 13 -9.39 8.74 4.87
N LEU B 14 -9.05 7.46 5.15
CA LEU B 14 -10.02 6.41 5.50
C LEU B 14 -10.85 6.80 6.75
N PRO B 15 -12.18 7.07 6.62
CA PRO B 15 -13.02 7.53 7.74
C PRO B 15 -13.67 6.44 8.59
N GLU B 16 -13.74 5.19 8.08
CA GLU B 16 -14.43 4.06 8.73
C GLU B 16 -13.51 2.86 9.07
N ASN B 17 -12.25 2.91 8.63
CA ASN B 17 -11.23 1.90 8.83
C ASN B 17 -9.88 2.56 9.23
N ASN B 18 -9.93 3.77 9.82
CA ASN B 18 -8.75 4.55 10.22
C ASN B 18 -7.79 3.78 11.15
N VAL B 19 -8.40 3.07 12.10
CA VAL B 19 -7.80 2.18 13.12
C VAL B 19 -8.68 0.95 13.43
N LEU B 20 -9.97 1.01 13.10
CA LEU B 20 -10.99 -0.01 13.33
C LEU B 20 -10.76 -1.28 12.48
N SER B 21 -11.51 -2.34 12.78
CA SER B 21 -11.46 -3.65 12.10
C SER B 21 -12.85 -4.26 11.79
N PRO B 22 -13.79 -3.52 11.15
CA PRO B 22 -15.14 -4.01 10.85
C PRO B 22 -15.22 -5.01 9.69
N LEU B 23 -14.27 -4.97 8.75
CA LEU B 23 -14.24 -5.84 7.57
C LEU B 23 -13.90 -7.32 7.92
N PRO B 24 -14.39 -8.31 7.15
CA PRO B 24 -14.17 -9.74 7.38
C PRO B 24 -12.75 -10.25 7.65
N SER B 25 -12.69 -11.52 8.04
CA SER B 25 -11.49 -12.33 8.34
C SER B 25 -10.52 -12.54 7.15
N GLN B 26 -10.91 -12.15 5.93
CA GLN B 26 -10.13 -12.30 4.70
C GLN B 26 -8.73 -11.66 4.79
N ALA B 27 -7.73 -12.36 4.26
CA ALA B 27 -6.33 -11.93 4.18
C ALA B 27 -5.76 -12.24 2.78
N MET B 28 -4.44 -12.28 2.64
CA MET B 28 -3.72 -12.57 1.39
C MET B 28 -3.73 -14.06 0.98
N ASP B 29 -4.79 -14.80 1.32
CA ASP B 29 -4.95 -16.24 1.10
C ASP B 29 -4.85 -16.71 -0.37
N ASP B 30 -5.28 -15.88 -1.33
CA ASP B 30 -5.31 -16.21 -2.77
C ASP B 30 -5.07 -14.97 -3.67
N LEU B 31 -4.38 -13.95 -3.15
CA LEU B 31 -4.10 -12.68 -3.84
C LEU B 31 -2.79 -12.01 -3.37
N MET B 32 -2.24 -11.14 -4.22
CA MET B 32 -1.01 -10.36 -3.96
C MET B 32 -0.99 -9.07 -4.80
N LEU B 33 -0.40 -7.99 -4.26
CA LEU B 33 -0.29 -6.69 -4.93
C LEU B 33 0.64 -6.73 -6.17
N SER B 34 0.52 -5.69 -6.99
CA SER B 34 1.29 -5.46 -8.23
C SER B 34 1.83 -4.02 -8.24
N PRO B 35 2.92 -3.73 -8.98
CA PRO B 35 3.51 -2.38 -9.03
C PRO B 35 2.55 -1.31 -9.57
N ASP B 36 1.55 -1.69 -10.38
CA ASP B 36 0.52 -0.78 -10.90
C ASP B 36 -0.30 -0.11 -9.78
N ASP B 37 -0.56 -0.83 -8.68
CA ASP B 37 -1.26 -0.32 -7.50
C ASP B 37 -0.38 0.68 -6.71
N ILE B 38 0.95 0.52 -6.76
CA ILE B 38 1.94 1.34 -6.05
C ILE B 38 2.23 2.65 -6.83
N GLU B 39 2.38 2.60 -8.16
CA GLU B 39 2.61 3.81 -8.97
C GLU B 39 1.38 4.74 -9.06
N GLN B 40 0.25 4.34 -8.46
CA GLN B 40 -1.01 5.10 -8.46
C GLN B 40 -1.04 6.23 -7.41
N TRP B 41 -0.58 5.99 -6.18
CA TRP B 41 -0.72 6.96 -5.08
C TRP B 41 0.27 8.13 -5.06
N PHE B 42 1.40 8.04 -5.76
CA PHE B 42 2.41 9.10 -5.82
C PHE B 42 2.20 10.13 -6.96
N THR B 43 1.25 9.88 -7.88
CA THR B 43 0.93 10.73 -9.03
C THR B 43 0.52 12.18 -8.67
N GLU B 44 0.02 12.40 -7.45
CA GLU B 44 -0.42 13.70 -6.92
C GLU B 44 0.73 14.69 -6.58
N ASP B 45 1.95 14.42 -7.05
CA ASP B 45 3.15 15.26 -6.89
C ASP B 45 3.79 15.53 -8.28
N PRO B 46 3.14 16.36 -9.14
CA PRO B 46 3.60 16.63 -10.51
C PRO B 46 4.84 17.51 -10.64
N GLY B 47 5.16 18.35 -9.65
CA GLY B 47 6.32 19.26 -9.68
C GLY B 47 6.31 20.34 -8.58
N PRO B 48 7.33 21.22 -8.55
CA PRO B 48 7.47 22.30 -7.56
C PRO B 48 6.49 23.47 -7.75
N ASP B 49 5.90 23.62 -8.94
CA ASP B 49 4.95 24.68 -9.31
C ASP B 49 3.97 24.22 -10.41
N PRO A 1 6.46 4.07 22.48
CA PRO A 1 5.02 3.98 22.59
C PRO A 1 4.26 5.27 22.18
N ASN A 2 4.99 6.33 21.80
CA ASN A 2 4.44 7.63 21.39
C ASN A 2 3.79 7.63 19.99
N ARG A 3 3.99 6.58 19.19
CA ARG A 3 3.46 6.40 17.81
C ARG A 3 3.12 4.93 17.52
N SER A 4 2.36 4.71 16.44
CA SER A 4 1.91 3.38 15.95
C SER A 4 2.45 2.98 14.58
N ILE A 5 3.13 3.91 13.92
CA ILE A 5 3.73 3.86 12.57
C ILE A 5 4.84 4.92 12.48
N SER A 6 5.74 4.82 11.49
CA SER A 6 6.87 5.75 11.33
C SER A 6 6.94 6.40 9.93
N PRO A 7 7.33 7.70 9.84
CA PRO A 7 7.46 8.41 8.56
C PRO A 7 8.62 7.91 7.70
N SER A 8 9.59 7.20 8.26
CA SER A 8 10.72 6.58 7.53
C SER A 8 10.23 5.68 6.39
N ALA A 9 9.11 4.98 6.61
CA ALA A 9 8.44 4.13 5.63
C ALA A 9 8.11 4.85 4.32
N LEU A 10 7.81 6.15 4.36
CA LEU A 10 7.48 6.96 3.18
C LEU A 10 8.73 7.15 2.30
N GLN A 11 9.89 7.43 2.90
CA GLN A 11 11.16 7.54 2.18
C GLN A 11 11.60 6.18 1.63
N ASP A 12 11.47 5.10 2.42
CA ASP A 12 11.82 3.74 2.00
C ASP A 12 10.91 3.26 0.84
N LEU A 13 9.63 3.64 0.84
CA LEU A 13 8.71 3.32 -0.26
C LEU A 13 9.17 4.02 -1.54
N LEU A 14 9.45 5.33 -1.49
CA LEU A 14 9.94 6.06 -2.66
C LEU A 14 11.27 5.52 -3.20
N ARG A 15 12.24 5.12 -2.35
CA ARG A 15 13.49 4.49 -2.85
C ARG A 15 13.22 3.12 -3.48
N THR A 16 12.21 2.39 -2.97
CA THR A 16 11.77 1.09 -3.51
C THR A 16 11.04 1.24 -4.85
N LEU A 17 10.23 2.30 -5.03
CA LEU A 17 9.51 2.61 -6.28
C LEU A 17 10.49 2.76 -7.46
N LYS A 18 11.68 3.33 -7.22
CA LYS A 18 12.73 3.49 -8.26
C LYS A 18 13.22 2.18 -8.89
N SER A 19 13.13 1.06 -8.19
CA SER A 19 13.56 -0.26 -8.67
C SER A 19 12.74 -0.76 -9.88
N PRO A 20 13.31 -1.65 -10.73
CA PRO A 20 12.58 -2.25 -11.85
C PRO A 20 11.56 -3.28 -11.36
N SER A 21 10.67 -3.73 -12.25
CA SER A 21 9.64 -4.76 -11.98
C SER A 21 10.30 -6.10 -11.62
N SER A 22 10.42 -6.41 -10.31
CA SER A 22 11.13 -7.60 -9.81
C SER A 22 10.54 -8.15 -8.50
N PRO A 23 10.79 -9.44 -8.15
CA PRO A 23 10.37 -10.00 -6.87
C PRO A 23 11.15 -9.38 -5.69
N GLN A 24 12.31 -8.75 -5.96
CA GLN A 24 13.09 -8.02 -4.96
C GLN A 24 12.33 -6.76 -4.51
N GLN A 25 11.68 -6.06 -5.44
CA GLN A 25 10.84 -4.91 -5.15
C GLN A 25 9.62 -5.33 -4.30
N GLN A 26 8.99 -6.46 -4.63
CA GLN A 26 7.88 -7.04 -3.85
C GLN A 26 8.33 -7.29 -2.40
N GLN A 27 9.48 -7.93 -2.19
CA GLN A 27 10.02 -8.18 -0.86
C GLN A 27 10.27 -6.86 -0.09
N GLN A 28 10.82 -5.83 -0.75
CA GLN A 28 11.03 -4.53 -0.11
C GLN A 28 9.72 -3.86 0.31
N VAL A 29 8.68 -3.87 -0.54
CA VAL A 29 7.34 -3.35 -0.19
C VAL A 29 6.79 -4.09 1.03
N LEU A 30 6.90 -5.42 1.06
CA LEU A 30 6.50 -6.23 2.21
C LEU A 30 7.33 -5.91 3.46
N ASN A 31 8.65 -5.70 3.36
CA ASN A 31 9.49 -5.34 4.51
C ASN A 31 8.99 -4.04 5.19
N ILE A 32 8.71 -3.01 4.38
CA ILE A 32 8.22 -1.70 4.84
C ILE A 32 6.82 -1.83 5.47
N LEU A 33 5.90 -2.50 4.79
CA LEU A 33 4.52 -2.69 5.25
C LEU A 33 4.42 -3.61 6.49
N LYS A 34 5.20 -4.69 6.58
CA LYS A 34 5.24 -5.59 7.76
C LYS A 34 5.86 -4.91 8.99
N SER A 35 6.56 -3.80 8.81
CA SER A 35 7.09 -2.95 9.89
C SER A 35 6.08 -1.88 10.33
N ASN A 36 4.98 -1.72 9.59
CA ASN A 36 3.87 -0.77 9.82
C ASN A 36 2.51 -1.45 9.49
N PRO A 37 2.18 -2.62 10.08
CA PRO A 37 0.97 -3.38 9.73
C PRO A 37 -0.35 -2.64 9.96
N GLN A 38 -0.36 -1.60 10.81
CA GLN A 38 -1.53 -0.75 11.10
C GLN A 38 -2.12 -0.14 9.83
N LEU A 39 -1.26 0.40 8.96
CA LEU A 39 -1.65 0.98 7.67
C LEU A 39 -1.80 -0.07 6.56
N MET A 40 -1.06 -1.19 6.62
CA MET A 40 -1.15 -2.27 5.63
C MET A 40 -2.47 -3.04 5.71
N ALA A 41 -2.89 -3.46 6.90
CA ALA A 41 -4.12 -4.23 7.10
C ALA A 41 -5.39 -3.45 6.71
N ALA A 42 -5.40 -2.12 6.94
CA ALA A 42 -6.50 -1.26 6.52
C ALA A 42 -6.52 -1.08 4.99
N PHE A 43 -5.34 -1.02 4.36
CA PHE A 43 -5.16 -0.89 2.91
C PHE A 43 -5.54 -2.16 2.14
N ILE A 44 -4.98 -3.33 2.50
CA ILE A 44 -5.20 -4.60 1.79
C ILE A 44 -6.69 -4.96 1.69
N LYS A 45 -7.44 -4.87 2.80
CA LYS A 45 -8.88 -5.17 2.84
C LYS A 45 -9.76 -4.29 1.95
N GLN A 46 -9.25 -3.12 1.53
CA GLN A 46 -9.92 -2.21 0.59
C GLN A 46 -9.38 -2.41 -0.84
N ARG A 47 -8.05 -2.56 -0.99
CA ARG A 47 -7.36 -2.83 -2.27
C ARG A 47 -7.80 -4.14 -2.93
N THR A 48 -8.05 -5.19 -2.15
CA THR A 48 -8.52 -6.51 -2.66
C THR A 48 -9.79 -6.41 -3.52
N ALA A 49 -10.64 -5.41 -3.28
CA ALA A 49 -11.85 -5.14 -4.09
C ALA A 49 -11.54 -4.86 -5.58
N LYS A 50 -10.30 -4.45 -5.91
CA LYS A 50 -9.78 -4.16 -7.25
C LYS A 50 -8.54 -4.99 -7.63
N TYR A 51 -7.97 -5.76 -6.69
CA TYR A 51 -6.77 -6.57 -6.84
C TYR A 51 -6.97 -8.07 -6.59
N VAL A 52 -8.23 -8.52 -6.64
CA VAL A 52 -8.62 -9.93 -6.50
C VAL A 52 -8.09 -10.78 -7.66
N ALA A 53 -7.94 -10.19 -8.86
CA ALA A 53 -7.39 -10.83 -10.05
C ALA A 53 -5.85 -10.95 -10.00
N ASN A 54 -5.34 -12.00 -10.65
CA ASN A 54 -3.90 -12.28 -10.82
C ASN A 54 -3.20 -11.27 -11.78
N GLN A 55 -1.89 -11.44 -11.96
CA GLN A 55 -1.07 -10.63 -12.89
C GLN A 55 -1.65 -10.67 -14.33
N PRO A 56 -1.47 -9.59 -15.13
CA PRO A 56 -1.98 -9.51 -16.51
C PRO A 56 -1.25 -10.37 -17.54
N GLY A 57 -0.17 -11.08 -17.16
CA GLY A 57 0.62 -11.97 -18.03
C GLY A 57 2.10 -11.60 -18.16
N MET A 58 2.48 -10.39 -17.72
CA MET A 58 3.87 -9.88 -17.76
C MET A 58 4.82 -10.62 -16.78
N GLN A 59 6.11 -10.28 -16.84
CA GLN A 59 7.17 -10.89 -16.01
C GLN A 59 8.13 -9.81 -15.46
N PRO B 1 7.80 13.35 1.90
CA PRO B 1 9.09 14.02 2.03
C PRO B 1 9.30 15.17 1.04
N LEU B 2 8.41 15.29 0.06
CA LEU B 2 8.41 16.31 -1.01
C LEU B 2 7.03 16.97 -1.25
N SER B 3 5.99 16.42 -0.64
CA SER B 3 4.58 16.82 -0.68
C SER B 3 3.82 16.08 0.41
N GLN B 4 2.64 16.58 0.79
CA GLN B 4 1.78 16.00 1.83
C GLN B 4 0.31 15.84 1.39
N GLU B 5 0.10 15.85 0.06
CA GLU B 5 -1.21 15.72 -0.62
C GLU B 5 -1.22 14.54 -1.63
N THR B 6 -0.13 13.75 -1.63
CA THR B 6 0.11 12.54 -2.45
C THR B 6 -0.18 11.29 -1.60
N PHE B 7 0.49 10.16 -1.86
CA PHE B 7 0.38 8.91 -1.09
C PHE B 7 0.44 9.13 0.44
N SER B 8 1.22 10.13 0.90
CA SER B 8 1.37 10.52 2.30
C SER B 8 0.03 10.87 2.98
N ASP B 9 -0.92 11.44 2.24
CA ASP B 9 -2.25 11.81 2.72
C ASP B 9 -3.20 10.61 2.86
N LEU B 10 -2.97 9.55 2.08
CA LEU B 10 -3.76 8.32 2.14
C LEU B 10 -3.58 7.63 3.51
N TRP B 11 -2.36 7.66 4.08
CA TRP B 11 -2.09 7.08 5.41
C TRP B 11 -2.93 7.71 6.53
N LYS B 12 -3.34 8.98 6.36
CA LYS B 12 -4.21 9.70 7.30
C LYS B 12 -5.68 9.24 7.22
N LEU B 13 -6.08 8.66 6.08
CA LEU B 13 -7.46 8.27 5.77
C LEU B 13 -7.75 6.75 5.82
N LEU B 14 -6.88 5.89 5.28
CA LEU B 14 -7.06 4.41 5.27
C LEU B 14 -7.47 3.77 6.61
N PRO B 15 -6.85 4.11 7.76
CA PRO B 15 -7.13 3.56 9.09
C PRO B 15 -8.59 3.63 9.58
N GLU B 16 -9.50 4.34 8.89
CA GLU B 16 -10.93 4.39 9.23
C GLU B 16 -11.63 3.01 9.16
N ASN B 17 -11.14 2.11 8.29
CA ASN B 17 -11.61 0.72 8.19
C ASN B 17 -11.18 -0.09 9.42
N ASN B 18 -10.01 0.27 9.96
CA ASN B 18 -9.33 -0.26 11.13
C ASN B 18 -9.01 -1.77 11.04
N VAL B 19 -8.48 -2.33 12.13
CA VAL B 19 -8.06 -3.74 12.24
C VAL B 19 -9.11 -4.66 12.87
N LEU B 20 -10.07 -4.07 13.58
CA LEU B 20 -11.21 -4.74 14.24
C LEU B 20 -12.30 -5.28 13.29
N SER B 21 -12.11 -5.18 11.97
CA SER B 21 -13.05 -5.64 10.94
C SER B 21 -13.34 -7.16 11.02
N PRO B 22 -14.51 -7.64 10.56
CA PRO B 22 -14.86 -9.06 10.59
C PRO B 22 -14.01 -9.93 9.64
N LEU B 23 -13.40 -9.34 8.61
CA LEU B 23 -12.55 -10.04 7.63
C LEU B 23 -11.11 -10.22 8.19
N PRO B 24 -10.59 -11.46 8.33
CA PRO B 24 -9.25 -11.73 8.84
C PRO B 24 -8.13 -11.49 7.81
N SER B 25 -6.89 -11.65 8.26
CA SER B 25 -5.65 -11.53 7.47
C SER B 25 -5.49 -12.55 6.33
N GLN B 26 -6.32 -13.60 6.28
CA GLN B 26 -6.29 -14.68 5.27
C GLN B 26 -6.76 -14.29 3.86
N ALA B 27 -6.89 -12.98 3.59
CA ALA B 27 -7.30 -12.41 2.30
C ALA B 27 -6.32 -12.70 1.13
N MET B 28 -5.06 -13.01 1.45
CA MET B 28 -3.97 -13.29 0.50
C MET B 28 -3.96 -14.74 -0.04
N ASP B 29 -5.15 -15.33 -0.25
CA ASP B 29 -5.32 -16.72 -0.71
C ASP B 29 -4.66 -17.03 -2.08
N ASP B 30 -4.71 -16.09 -3.03
CA ASP B 30 -4.17 -16.25 -4.39
C ASP B 30 -3.64 -14.93 -5.01
N LEU B 31 -3.23 -13.97 -4.16
CA LEU B 31 -2.70 -12.65 -4.56
C LEU B 31 -1.58 -12.18 -3.61
N MET B 32 -0.70 -11.32 -4.12
CA MET B 32 0.44 -10.72 -3.39
C MET B 32 0.89 -9.41 -4.06
N LEU B 33 1.54 -8.51 -3.31
CA LEU B 33 2.01 -7.18 -3.76
C LEU B 33 2.87 -7.24 -5.04
N SER B 34 2.76 -6.21 -5.87
CA SER B 34 3.43 -6.03 -7.17
C SER B 34 3.66 -4.53 -7.47
N PRO B 35 4.45 -4.15 -8.50
CA PRO B 35 4.67 -2.74 -8.86
C PRO B 35 3.39 -1.93 -9.10
N ASP B 36 2.31 -2.60 -9.53
CA ASP B 36 0.99 -2.01 -9.75
C ASP B 36 0.40 -1.35 -8.49
N ASP B 37 0.66 -1.93 -7.31
CA ASP B 37 0.23 -1.38 -6.01
C ASP B 37 1.00 -0.10 -5.65
N ILE B 38 2.26 0.00 -6.11
CA ILE B 38 3.18 1.11 -5.85
C ILE B 38 2.91 2.30 -6.78
N GLU B 39 2.75 2.05 -8.08
CA GLU B 39 2.47 3.08 -9.08
C GLU B 39 1.04 3.65 -8.98
N GLN B 40 0.23 3.11 -8.07
CA GLN B 40 -1.14 3.55 -7.81
C GLN B 40 -1.19 4.79 -6.90
N TRP B 41 -0.66 4.72 -5.68
CA TRP B 41 -0.77 5.82 -4.70
C TRP B 41 0.09 7.06 -5.00
N PHE B 42 1.17 6.93 -5.77
CA PHE B 42 2.03 8.07 -6.12
C PHE B 42 1.42 8.98 -7.20
N THR B 43 0.33 8.54 -7.85
CA THR B 43 -0.38 9.27 -8.93
C THR B 43 -1.35 10.35 -8.41
N GLU B 44 -1.67 10.35 -7.11
CA GLU B 44 -2.62 11.28 -6.48
C GLU B 44 -2.31 12.77 -6.74
N ASP B 45 -3.36 13.58 -6.87
CA ASP B 45 -3.33 15.01 -7.13
C ASP B 45 -4.35 15.76 -6.23
N PRO B 46 -4.02 16.95 -5.70
CA PRO B 46 -4.88 17.72 -4.81
C PRO B 46 -6.19 18.28 -5.40
N GLY B 47 -6.39 18.27 -6.73
CA GLY B 47 -7.60 18.80 -7.35
C GLY B 47 -7.80 18.52 -8.86
N PRO B 48 -7.85 17.26 -9.30
CA PRO B 48 -8.05 16.90 -10.71
C PRO B 48 -9.50 17.15 -11.21
N ASP B 49 -10.47 17.29 -10.29
CA ASP B 49 -11.89 17.53 -10.56
C ASP B 49 -12.56 18.33 -9.43
N PRO A 1 6.22 -0.40 20.84
CA PRO A 1 5.89 0.25 19.58
C PRO A 1 4.91 -0.54 18.69
N ASN A 2 4.31 -1.61 19.23
CA ASN A 2 3.35 -2.52 18.56
C ASN A 2 2.13 -1.86 17.87
N ARG A 3 1.82 -0.60 18.18
CA ARG A 3 0.69 0.19 17.64
C ARG A 3 1.14 1.46 16.88
N SER A 4 2.44 1.75 16.87
CA SER A 4 3.06 2.92 16.23
C SER A 4 3.50 2.66 14.79
N ILE A 5 3.91 3.73 14.11
CA ILE A 5 4.47 3.76 12.74
C ILE A 5 5.58 4.82 12.67
N SER A 6 6.42 4.79 11.62
CA SER A 6 7.53 5.73 11.42
C SER A 6 7.51 6.35 10.02
N PRO A 7 7.73 7.68 9.87
CA PRO A 7 7.71 8.35 8.57
C PRO A 7 8.88 7.96 7.65
N SER A 8 9.99 7.45 8.19
CA SER A 8 11.15 6.97 7.40
C SER A 8 10.76 5.88 6.39
N ALA A 9 9.78 5.04 6.75
CA ALA A 9 9.24 3.99 5.90
C ALA A 9 8.64 4.52 4.59
N LEU A 10 8.08 5.74 4.60
CA LEU A 10 7.49 6.38 3.43
C LEU A 10 8.59 6.73 2.41
N GLN A 11 9.74 7.24 2.87
CA GLN A 11 10.90 7.49 1.98
C GLN A 11 11.46 6.18 1.42
N ASP A 12 11.47 5.10 2.22
CA ASP A 12 11.93 3.78 1.79
C ASP A 12 11.02 3.18 0.71
N LEU A 13 9.69 3.39 0.79
CA LEU A 13 8.75 2.96 -0.24
C LEU A 13 9.08 3.65 -1.58
N LEU A 14 9.35 4.96 -1.55
CA LEU A 14 9.73 5.71 -2.76
C LEU A 14 11.06 5.23 -3.35
N ARG A 15 12.11 4.99 -2.54
CA ARG A 15 13.39 4.47 -3.05
C ARG A 15 13.22 3.06 -3.68
N THR A 16 12.33 2.26 -3.10
CA THR A 16 11.98 0.92 -3.61
C THR A 16 11.25 1.03 -4.95
N LEU A 17 10.27 1.93 -5.07
CA LEU A 17 9.53 2.20 -6.31
C LEU A 17 10.44 2.72 -7.44
N LYS A 18 11.41 3.58 -7.12
CA LYS A 18 12.38 4.14 -8.09
C LYS A 18 13.41 3.11 -8.60
N SER A 19 13.57 1.97 -7.92
CA SER A 19 14.43 0.86 -8.34
C SER A 19 13.68 -0.04 -9.35
N PRO A 20 14.36 -0.84 -10.20
CA PRO A 20 13.70 -1.65 -11.24
C PRO A 20 12.82 -2.77 -10.67
N SER A 21 11.72 -3.05 -11.38
CA SER A 21 10.70 -4.04 -11.01
C SER A 21 11.21 -5.48 -10.98
N SER A 22 10.88 -6.21 -9.91
CA SER A 22 11.22 -7.62 -9.67
C SER A 22 10.42 -8.18 -8.48
N PRO A 23 10.32 -9.51 -8.31
CA PRO A 23 9.71 -10.12 -7.12
C PRO A 23 10.35 -9.60 -5.82
N GLN A 24 11.66 -9.34 -5.86
CA GLN A 24 12.43 -8.78 -4.75
C GLN A 24 12.03 -7.32 -4.46
N GLN A 25 11.73 -6.52 -5.48
CA GLN A 25 11.24 -5.15 -5.33
C GLN A 25 9.85 -5.12 -4.68
N GLN A 26 8.96 -6.01 -5.12
CA GLN A 26 7.63 -6.21 -4.51
C GLN A 26 7.79 -6.60 -3.03
N GLN A 27 8.68 -7.55 -2.72
CA GLN A 27 8.99 -7.98 -1.37
C GLN A 27 9.51 -6.83 -0.50
N GLN A 28 10.31 -5.90 -1.03
CA GLN A 28 10.79 -4.74 -0.25
C GLN A 28 9.63 -3.86 0.24
N VAL A 29 8.63 -3.56 -0.61
CA VAL A 29 7.45 -2.80 -0.16
C VAL A 29 6.70 -3.59 0.92
N LEU A 30 6.54 -4.90 0.75
CA LEU A 30 5.92 -5.76 1.77
C LEU A 30 6.74 -5.75 3.09
N ASN A 31 8.08 -5.74 3.04
CA ASN A 31 8.94 -5.67 4.24
C ASN A 31 8.70 -4.34 5.00
N ILE A 32 8.67 -3.22 4.27
CA ILE A 32 8.44 -1.87 4.80
C ILE A 32 7.04 -1.78 5.43
N LEU A 33 6.02 -2.32 4.75
CA LEU A 33 4.63 -2.37 5.22
C LEU A 33 4.49 -3.29 6.45
N LYS A 34 5.13 -4.45 6.48
CA LYS A 34 5.13 -5.38 7.64
C LYS A 34 5.79 -4.78 8.88
N SER A 35 6.61 -3.74 8.72
CA SER A 35 7.24 -2.98 9.82
C SER A 35 6.33 -1.83 10.32
N ASN A 36 5.22 -1.57 9.62
CA ASN A 36 4.21 -0.54 9.89
C ASN A 36 2.80 -1.12 9.59
N PRO A 37 2.38 -2.23 10.22
CA PRO A 37 1.15 -2.94 9.87
C PRO A 37 -0.16 -2.15 9.99
N GLN A 38 -0.19 -1.08 10.78
CA GLN A 38 -1.37 -0.22 10.97
C GLN A 38 -1.89 0.34 9.63
N LEU A 39 -1.00 0.89 8.82
CA LEU A 39 -1.35 1.47 7.51
C LEU A 39 -1.54 0.39 6.42
N MET A 40 -0.90 -0.78 6.54
CA MET A 40 -1.04 -1.88 5.59
C MET A 40 -2.38 -2.62 5.74
N ALA A 41 -2.75 -3.00 6.97
CA ALA A 41 -3.98 -3.73 7.26
C ALA A 41 -5.23 -2.92 6.86
N ALA A 42 -5.19 -1.59 7.04
CA ALA A 42 -6.27 -0.70 6.63
C ALA A 42 -6.49 -0.72 5.09
N PHE A 43 -5.41 -0.81 4.30
CA PHE A 43 -5.48 -0.89 2.84
C PHE A 43 -5.98 -2.25 2.34
N ILE A 44 -5.37 -3.36 2.78
CA ILE A 44 -5.76 -4.69 2.27
C ILE A 44 -7.23 -5.01 2.53
N LYS A 45 -7.77 -4.59 3.68
CA LYS A 45 -9.17 -4.78 4.07
C LYS A 45 -10.18 -4.19 3.07
N GLN A 46 -9.81 -3.21 2.25
CA GLN A 46 -10.65 -2.70 1.15
C GLN A 46 -10.26 -3.30 -0.22
N ARG A 47 -8.96 -3.58 -0.45
CA ARG A 47 -8.45 -4.21 -1.69
C ARG A 47 -8.97 -5.64 -1.87
N THR A 48 -9.16 -6.41 -0.80
CA THR A 48 -9.69 -7.79 -0.87
C THR A 48 -11.05 -7.87 -1.61
N ALA A 49 -11.90 -6.84 -1.47
CA ALA A 49 -13.19 -6.74 -2.16
C ALA A 49 -13.10 -6.49 -3.68
N LYS A 50 -11.89 -6.19 -4.19
CA LYS A 50 -11.57 -5.93 -5.61
C LYS A 50 -10.62 -6.98 -6.22
N TYR A 51 -10.06 -7.87 -5.41
CA TYR A 51 -9.18 -8.96 -5.85
C TYR A 51 -9.99 -10.04 -6.59
N VAL A 52 -9.40 -10.65 -7.62
CA VAL A 52 -10.04 -11.67 -8.48
C VAL A 52 -9.13 -12.90 -8.62
N ALA A 53 -9.46 -13.94 -7.85
CA ALA A 53 -8.79 -15.23 -7.82
C ALA A 53 -9.80 -16.37 -7.58
N ASN A 54 -9.43 -17.61 -7.94
CA ASN A 54 -10.27 -18.80 -7.74
C ASN A 54 -10.57 -19.04 -6.24
N GLN A 55 -11.74 -19.65 -5.95
CA GLN A 55 -12.23 -19.91 -4.60
C GLN A 55 -12.83 -21.33 -4.46
N PRO A 56 -12.74 -21.99 -3.28
CA PRO A 56 -13.32 -23.32 -3.03
C PRO A 56 -14.83 -23.42 -3.33
N GLY A 57 -15.31 -24.65 -3.57
CA GLY A 57 -16.73 -24.91 -3.85
C GLY A 57 -17.09 -26.30 -4.41
N MET A 58 -16.09 -27.14 -4.74
CA MET A 58 -16.26 -28.50 -5.31
C MET A 58 -15.18 -29.46 -4.76
N GLN A 59 -14.98 -30.60 -5.42
CA GLN A 59 -14.04 -31.68 -5.04
C GLN A 59 -12.82 -31.71 -5.97
N PRO B 1 8.37 14.82 6.73
CA PRO B 1 9.55 15.06 5.90
C PRO B 1 9.28 15.12 4.39
N LEU B 2 8.05 14.83 3.96
CA LEU B 2 7.60 14.84 2.56
C LEU B 2 6.14 15.32 2.38
N SER B 3 5.63 15.27 1.15
CA SER B 3 4.30 15.71 0.71
C SER B 3 3.10 15.21 1.52
N GLN B 4 2.00 15.97 1.43
CA GLN B 4 0.69 15.73 2.07
C GLN B 4 -0.46 15.67 1.03
N GLU B 5 -0.11 15.42 -0.24
CA GLU B 5 -0.99 15.31 -1.40
C GLU B 5 -0.68 14.04 -2.23
N THR B 6 -0.03 13.06 -1.60
CA THR B 6 0.45 11.78 -2.17
C THR B 6 0.03 10.57 -1.31
N PHE B 7 0.58 9.38 -1.58
CA PHE B 7 0.32 8.12 -0.86
C PHE B 7 0.32 8.28 0.68
N SER B 8 1.19 9.13 1.22
CA SER B 8 1.32 9.43 2.64
C SER B 8 0.04 10.00 3.27
N ASP B 9 -0.80 10.68 2.48
CA ASP B 9 -2.09 11.22 2.92
C ASP B 9 -3.23 10.20 2.75
N LEU B 10 -3.06 9.18 1.90
CA LEU B 10 -4.05 8.10 1.76
C LEU B 10 -4.13 7.28 3.05
N TRP B 11 -3.01 7.11 3.77
CA TRP B 11 -2.99 6.42 5.06
C TRP B 11 -3.92 7.10 6.10
N LYS B 12 -4.09 8.43 6.00
CA LYS B 12 -4.97 9.25 6.85
C LYS B 12 -6.45 9.20 6.43
N LEU B 13 -6.75 8.68 5.22
CA LEU B 13 -8.11 8.54 4.68
C LEU B 13 -8.64 7.09 4.80
N LEU B 14 -7.74 6.11 4.78
CA LEU B 14 -8.01 4.68 4.99
C LEU B 14 -8.53 4.39 6.41
N PRO B 15 -9.13 3.21 6.67
CA PRO B 15 -9.67 2.80 7.98
C PRO B 15 -8.57 2.46 9.02
N GLU B 16 -7.66 3.40 9.27
CA GLU B 16 -6.54 3.35 10.23
C GLU B 16 -6.93 3.03 11.70
N ASN B 17 -8.22 2.97 12.01
CA ASN B 17 -8.80 2.67 13.32
C ASN B 17 -9.41 1.26 13.41
N ASN B 18 -9.38 0.49 12.30
CA ASN B 18 -9.88 -0.87 12.18
C ASN B 18 -8.74 -1.92 12.21
N VAL B 19 -7.55 -1.49 12.64
CA VAL B 19 -6.29 -2.26 12.75
C VAL B 19 -6.31 -3.43 13.74
N LEU B 20 -7.38 -3.56 14.52
CA LEU B 20 -7.64 -4.62 15.51
C LEU B 20 -7.55 -6.08 14.99
N SER B 21 -7.44 -6.27 13.67
CA SER B 21 -7.22 -7.54 12.98
C SER B 21 -6.33 -7.27 11.76
N PRO B 22 -5.15 -7.91 11.63
CA PRO B 22 -4.17 -7.62 10.58
C PRO B 22 -4.55 -8.06 9.15
N LEU B 23 -5.45 -9.03 9.00
CA LEU B 23 -5.89 -9.56 7.69
C LEU B 23 -7.38 -9.98 7.71
N PRO B 24 -8.09 -9.85 6.56
CA PRO B 24 -9.49 -10.28 6.45
C PRO B 24 -9.64 -11.81 6.49
N SER B 25 -8.68 -12.51 5.88
CA SER B 25 -8.61 -13.97 5.79
C SER B 25 -7.16 -14.45 5.56
N GLN B 26 -6.91 -15.75 5.68
CA GLN B 26 -5.59 -16.37 5.47
C GLN B 26 -5.27 -16.69 3.99
N ALA B 27 -6.15 -16.27 3.08
CA ALA B 27 -6.06 -16.48 1.62
C ALA B 27 -4.86 -15.80 0.90
N MET B 28 -4.08 -14.98 1.61
CA MET B 28 -2.91 -14.22 1.14
C MET B 28 -1.69 -15.10 0.81
N ASP B 29 -1.90 -16.08 -0.07
CA ASP B 29 -0.93 -17.09 -0.51
C ASP B 29 -0.99 -17.33 -2.04
N ASP B 30 -2.19 -17.35 -2.62
CA ASP B 30 -2.41 -17.51 -4.07
C ASP B 30 -2.68 -16.16 -4.77
N LEU B 31 -2.61 -15.05 -4.01
CA LEU B 31 -2.78 -13.66 -4.44
C LEU B 31 -1.80 -12.76 -3.67
N MET B 32 -1.06 -11.92 -4.41
CA MET B 32 -0.05 -10.98 -3.89
C MET B 32 0.09 -9.78 -4.84
N LEU B 33 0.31 -8.58 -4.28
CA LEU B 33 0.42 -7.33 -5.03
C LEU B 33 1.59 -7.30 -6.04
N SER B 34 1.44 -6.47 -7.08
CA SER B 34 2.37 -6.26 -8.20
C SER B 34 2.94 -4.83 -8.21
N PRO B 35 4.02 -4.52 -8.96
CA PRO B 35 4.58 -3.16 -9.01
C PRO B 35 3.58 -2.11 -9.50
N ASP B 36 2.58 -2.52 -10.28
CA ASP B 36 1.46 -1.69 -10.75
C ASP B 36 0.65 -1.09 -9.57
N ASP B 37 0.60 -1.79 -8.44
CA ASP B 37 -0.06 -1.36 -7.19
C ASP B 37 0.78 -0.32 -6.43
N ILE B 38 2.12 -0.35 -6.59
CA ILE B 38 3.04 0.59 -5.95
C ILE B 38 3.08 1.93 -6.72
N GLU B 39 3.10 1.89 -8.06
CA GLU B 39 3.07 3.09 -8.91
C GLU B 39 1.68 3.79 -8.92
N GLN B 40 0.70 3.23 -8.22
CA GLN B 40 -0.66 3.75 -8.15
C GLN B 40 -0.81 4.94 -7.18
N TRP B 41 -0.44 4.78 -5.90
CA TRP B 41 -0.69 5.80 -4.88
C TRP B 41 0.22 7.04 -4.90
N PHE B 42 1.39 6.99 -5.54
CA PHE B 42 2.32 8.13 -5.62
C PHE B 42 2.03 9.11 -6.79
N THR B 43 1.18 8.71 -7.74
CA THR B 43 0.87 9.43 -8.99
C THR B 43 0.25 10.83 -8.83
N GLU B 44 -0.34 11.12 -7.66
CA GLU B 44 -1.04 12.39 -7.39
C GLU B 44 -0.14 13.65 -7.33
N ASP B 45 1.18 13.52 -7.17
CA ASP B 45 2.11 14.66 -7.16
C ASP B 45 2.21 15.34 -8.54
N PRO B 46 1.90 16.65 -8.66
CA PRO B 46 1.93 17.38 -9.94
C PRO B 46 3.34 17.73 -10.46
N GLY B 47 4.41 17.50 -9.71
CA GLY B 47 5.79 17.81 -10.11
C GLY B 47 6.87 17.27 -9.15
N PRO B 48 7.11 15.94 -9.10
CA PRO B 48 8.10 15.32 -8.21
C PRO B 48 9.52 15.91 -8.28
N ASP B 49 9.99 16.28 -9.47
CA ASP B 49 11.33 16.86 -9.69
C ASP B 49 11.45 18.28 -9.13
N PRO A 1 0.95 4.24 19.78
CA PRO A 1 1.06 4.37 18.33
C PRO A 1 2.18 5.32 17.86
N ASN A 2 2.87 5.99 18.78
CA ASN A 2 3.97 6.92 18.48
C ASN A 2 5.26 6.23 17.96
N ARG A 3 5.38 4.90 18.14
CA ARG A 3 6.58 4.11 17.77
C ARG A 3 6.27 2.84 16.95
N SER A 4 5.00 2.48 16.77
CA SER A 4 4.58 1.30 15.96
C SER A 4 4.56 1.55 14.45
N ILE A 5 4.79 2.79 14.06
CA ILE A 5 4.85 3.34 12.71
C ILE A 5 5.86 4.49 12.65
N SER A 6 6.49 4.72 11.50
CA SER A 6 7.51 5.78 11.30
C SER A 6 7.41 6.42 9.91
N PRO A 7 7.75 7.72 9.76
CA PRO A 7 7.71 8.42 8.47
C PRO A 7 8.74 7.89 7.47
N SER A 8 9.83 7.27 7.97
CA SER A 8 10.91 6.66 7.18
C SER A 8 10.41 5.51 6.29
N ALA A 9 9.43 4.73 6.74
CA ALA A 9 8.84 3.64 5.96
C ALA A 9 8.26 4.14 4.62
N LEU A 10 7.63 5.33 4.62
CA LEU A 10 7.07 5.93 3.42
C LEU A 10 8.16 6.45 2.47
N GLN A 11 9.32 6.88 3.00
CA GLN A 11 10.46 7.31 2.17
C GLN A 11 11.13 6.08 1.54
N ASP A 12 11.27 4.99 2.30
CA ASP A 12 11.83 3.72 1.82
C ASP A 12 10.93 3.07 0.76
N LEU A 13 9.60 3.19 0.91
CA LEU A 13 8.63 2.73 -0.08
C LEU A 13 8.91 3.42 -1.43
N LEU A 14 9.05 4.75 -1.44
CA LEU A 14 9.37 5.53 -2.64
C LEU A 14 10.73 5.16 -3.25
N ARG A 15 11.80 5.03 -2.45
CA ARG A 15 13.13 4.66 -2.98
C ARG A 15 13.11 3.26 -3.61
N THR A 16 12.39 2.32 -3.00
CA THR A 16 12.22 0.94 -3.50
C THR A 16 11.41 0.92 -4.80
N LEU A 17 10.31 1.68 -4.85
CA LEU A 17 9.44 1.81 -6.03
C LEU A 17 10.20 2.38 -7.24
N LYS A 18 11.08 3.38 -7.04
CA LYS A 18 11.88 4.01 -8.11
C LYS A 18 12.92 3.08 -8.75
N SER A 19 13.47 2.12 -8.00
CA SER A 19 14.44 1.14 -8.51
C SER A 19 13.84 0.20 -9.58
N PRO A 20 14.65 -0.44 -10.46
CA PRO A 20 14.13 -1.34 -11.49
C PRO A 20 13.40 -2.54 -10.91
N SER A 21 12.35 -2.97 -11.61
CA SER A 21 11.46 -4.07 -11.18
C SER A 21 12.15 -5.44 -11.13
N SER A 22 11.90 -6.16 -10.04
CA SER A 22 12.37 -7.53 -9.77
C SER A 22 11.56 -8.13 -8.60
N PRO A 23 11.53 -9.47 -8.45
CA PRO A 23 10.88 -10.11 -7.29
C PRO A 23 11.43 -9.57 -5.96
N GLN A 24 12.73 -9.25 -5.92
CA GLN A 24 13.42 -8.67 -4.77
C GLN A 24 12.92 -7.25 -4.46
N GLN A 25 12.68 -6.43 -5.50
CA GLN A 25 12.13 -5.07 -5.35
C GLN A 25 10.72 -5.11 -4.75
N GLN A 26 9.86 -5.98 -5.28
CA GLN A 26 8.51 -6.21 -4.76
C GLN A 26 8.57 -6.69 -3.30
N GLN A 27 9.43 -7.66 -3.00
CA GLN A 27 9.64 -8.19 -1.64
C GLN A 27 10.05 -7.10 -0.64
N GLN A 28 10.90 -6.13 -1.03
CA GLN A 28 11.27 -5.04 -0.13
C GLN A 28 10.06 -4.17 0.26
N VAL A 29 9.15 -3.86 -0.66
CA VAL A 29 7.93 -3.11 -0.29
C VAL A 29 7.05 -3.94 0.64
N LEU A 30 6.92 -5.26 0.40
CA LEU A 30 6.19 -6.15 1.31
C LEU A 30 6.84 -6.15 2.70
N ASN A 31 8.18 -6.18 2.79
CA ASN A 31 8.93 -6.13 4.05
C ASN A 31 8.64 -4.81 4.81
N ILE A 32 8.77 -3.67 4.10
CA ILE A 32 8.51 -2.32 4.62
C ILE A 32 7.07 -2.21 5.17
N LEU A 33 6.07 -2.66 4.42
CA LEU A 33 4.66 -2.64 4.82
C LEU A 33 4.35 -3.59 5.99
N LYS A 34 4.82 -4.85 5.96
CA LYS A 34 4.62 -5.81 7.07
C LYS A 34 5.31 -5.39 8.37
N SER A 35 6.34 -4.53 8.29
CA SER A 35 7.03 -3.94 9.45
C SER A 35 6.26 -2.76 10.07
N ASN A 36 5.24 -2.24 9.36
CA ASN A 36 4.36 -1.13 9.75
C ASN A 36 2.88 -1.52 9.49
N PRO A 37 2.36 -2.58 10.15
CA PRO A 37 1.04 -3.14 9.86
C PRO A 37 -0.16 -2.23 10.12
N GLN A 38 -0.07 -1.27 11.06
CA GLN A 38 -1.18 -0.37 11.42
C GLN A 38 -1.80 0.34 10.22
N LEU A 39 -0.97 0.96 9.36
CA LEU A 39 -1.43 1.68 8.18
C LEU A 39 -1.73 0.78 6.96
N MET A 40 -1.00 -0.33 6.80
CA MET A 40 -1.25 -1.27 5.69
C MET A 40 -2.53 -2.08 5.88
N ALA A 41 -2.76 -2.64 7.08
CA ALA A 41 -3.93 -3.45 7.37
C ALA A 41 -5.26 -2.68 7.18
N ALA A 42 -5.28 -1.38 7.56
CA ALA A 42 -6.45 -0.53 7.36
C ALA A 42 -6.72 -0.29 5.86
N PHE A 43 -5.67 -0.08 5.07
CA PHE A 43 -5.73 0.11 3.62
C PHE A 43 -6.16 -1.17 2.87
N ILE A 44 -5.49 -2.30 3.10
CA ILE A 44 -5.75 -3.56 2.37
C ILE A 44 -7.16 -4.09 2.58
N LYS A 45 -7.70 -4.04 3.81
CA LYS A 45 -9.05 -4.52 4.12
C LYS A 45 -10.17 -3.81 3.35
N GLN A 46 -9.90 -2.62 2.80
CA GLN A 46 -10.81 -1.90 1.90
C GLN A 46 -10.38 -2.12 0.44
N ARG A 47 -9.09 -1.93 0.10
CA ARG A 47 -8.54 -2.12 -1.26
C ARG A 47 -8.81 -3.51 -1.84
N THR A 48 -8.79 -4.57 -1.03
CA THR A 48 -9.06 -5.96 -1.44
C THR A 48 -10.38 -6.12 -2.20
N ALA A 49 -11.40 -5.30 -1.89
CA ALA A 49 -12.70 -5.27 -2.55
C ALA A 49 -12.65 -4.83 -4.03
N LYS A 50 -11.52 -4.29 -4.49
CA LYS A 50 -11.29 -3.75 -5.85
C LYS A 50 -9.88 -4.02 -6.41
N TYR A 51 -9.05 -4.79 -5.71
CA TYR A 51 -7.67 -5.10 -6.06
C TYR A 51 -7.54 -6.17 -7.14
N VAL A 52 -7.00 -5.71 -8.25
CA VAL A 52 -6.68 -6.40 -9.48
C VAL A 52 -5.54 -5.66 -10.18
N ALA A 53 -4.47 -6.38 -10.51
CA ALA A 53 -3.30 -5.82 -11.19
C ALA A 53 -3.56 -5.51 -12.69
N ASN A 54 -2.77 -4.58 -13.25
CA ASN A 54 -2.89 -4.08 -14.62
C ASN A 54 -1.53 -3.80 -15.28
N GLN A 55 -1.55 -3.42 -16.57
CA GLN A 55 -0.38 -3.00 -17.35
C GLN A 55 -0.01 -1.54 -16.98
N PRO A 56 1.28 -1.17 -16.91
CA PRO A 56 1.73 0.21 -16.61
C PRO A 56 1.11 1.28 -17.52
N GLY A 57 0.92 2.49 -16.97
CA GLY A 57 0.32 3.62 -17.72
C GLY A 57 0.15 4.91 -16.91
N MET A 58 1.22 5.39 -16.26
CA MET A 58 1.21 6.62 -15.46
C MET A 58 0.81 7.85 -16.32
N GLN A 59 -0.41 8.34 -16.12
CA GLN A 59 -1.02 9.47 -16.84
C GLN A 59 -1.88 10.30 -15.86
N PRO B 1 -2.97 19.18 -7.39
CA PRO B 1 -4.16 19.44 -6.59
C PRO B 1 -3.93 19.31 -5.07
N LEU B 2 -2.90 18.58 -4.64
CA LEU B 2 -2.55 18.35 -3.23
C LEU B 2 -1.05 18.14 -2.94
N SER B 3 -0.20 18.36 -3.94
CA SER B 3 1.26 18.21 -3.92
C SER B 3 1.75 16.75 -3.83
N GLN B 4 3.07 16.59 -3.79
CA GLN B 4 3.83 15.34 -3.70
C GLN B 4 3.51 14.44 -2.46
N GLU B 5 2.60 14.85 -1.58
CA GLU B 5 2.19 14.08 -0.38
C GLU B 5 1.30 12.86 -0.71
N THR B 6 0.71 12.85 -1.91
CA THR B 6 -0.16 11.84 -2.55
C THR B 6 -0.47 10.55 -1.76
N PHE B 7 0.39 9.55 -1.87
CA PHE B 7 0.33 8.24 -1.22
C PHE B 7 0.25 8.30 0.31
N SER B 8 1.00 9.21 0.96
CA SER B 8 0.96 9.44 2.40
C SER B 8 -0.39 10.02 2.83
N ASP B 9 -1.02 10.80 1.93
CA ASP B 9 -2.34 11.38 2.15
C ASP B 9 -3.49 10.36 1.97
N LEU B 10 -3.27 9.25 1.26
CA LEU B 10 -4.27 8.17 1.14
C LEU B 10 -4.47 7.45 2.50
N TRP B 11 -3.42 7.33 3.33
CA TRP B 11 -3.53 6.69 4.65
C TRP B 11 -4.52 7.44 5.56
N LYS B 12 -4.54 8.78 5.43
CA LYS B 12 -5.37 9.71 6.20
C LYS B 12 -6.86 9.66 5.86
N LEU B 13 -7.21 9.22 4.64
CA LEU B 13 -8.61 9.11 4.18
C LEU B 13 -9.38 7.94 4.79
N LEU B 14 -8.74 6.80 5.05
CA LEU B 14 -9.37 5.60 5.62
C LEU B 14 -10.30 5.85 6.82
N PRO B 15 -9.83 6.44 7.94
CA PRO B 15 -10.64 6.71 9.13
C PRO B 15 -11.73 7.78 8.97
N GLU B 16 -11.88 8.43 7.80
CA GLU B 16 -12.89 9.48 7.57
C GLU B 16 -13.82 9.25 6.35
N ASN B 17 -13.57 8.22 5.53
CA ASN B 17 -14.40 7.85 4.37
C ASN B 17 -14.79 6.35 4.36
N ASN B 18 -14.38 5.59 5.37
CA ASN B 18 -14.66 4.17 5.51
C ASN B 18 -14.69 3.74 7.00
N VAL B 19 -15.34 2.60 7.26
CA VAL B 19 -15.41 1.92 8.56
C VAL B 19 -15.47 0.44 8.25
N LEU B 20 -14.37 -0.20 8.58
CA LEU B 20 -14.10 -1.60 8.34
C LEU B 20 -14.92 -2.55 9.24
N SER B 21 -14.87 -3.84 8.93
CA SER B 21 -15.52 -4.90 9.72
C SER B 21 -14.96 -4.97 11.15
N PRO B 22 -15.74 -5.42 12.16
CA PRO B 22 -15.31 -5.49 13.56
C PRO B 22 -14.25 -6.57 13.85
N LEU B 23 -13.96 -7.46 12.90
CA LEU B 23 -12.94 -8.52 13.02
C LEU B 23 -11.54 -7.90 13.16
N PRO B 24 -10.84 -8.06 14.32
CA PRO B 24 -9.52 -7.45 14.56
C PRO B 24 -8.39 -7.87 13.60
N SER B 25 -8.41 -9.11 13.13
CA SER B 25 -7.35 -9.70 12.28
C SER B 25 -7.31 -9.18 10.83
N GLN B 26 -6.25 -9.54 10.11
CA GLN B 26 -5.97 -9.23 8.70
C GLN B 26 -5.04 -10.30 8.11
N ALA B 27 -5.31 -10.73 6.87
CA ALA B 27 -4.50 -11.70 6.14
C ALA B 27 -4.52 -11.48 4.62
N MET B 28 -3.82 -12.36 3.88
CA MET B 28 -3.59 -12.28 2.43
C MET B 28 -3.64 -13.69 1.79
N ASP B 29 -4.58 -14.53 2.26
CA ASP B 29 -4.76 -15.94 1.87
C ASP B 29 -4.87 -16.26 0.36
N ASP B 30 -5.33 -15.31 -0.46
CA ASP B 30 -5.56 -15.49 -1.91
C ASP B 30 -5.09 -14.29 -2.76
N LEU B 31 -4.16 -13.48 -2.23
CA LEU B 31 -3.67 -12.25 -2.86
C LEU B 31 -2.25 -11.84 -2.39
N MET B 32 -1.58 -11.00 -3.17
CA MET B 32 -0.27 -10.42 -2.86
C MET B 32 -0.08 -9.14 -3.69
N LEU B 33 0.40 -8.05 -3.08
CA LEU B 33 0.60 -6.76 -3.77
C LEU B 33 1.64 -6.82 -4.90
N SER B 34 1.27 -6.25 -6.04
CA SER B 34 2.07 -6.16 -7.27
C SER B 34 2.68 -4.76 -7.44
N PRO B 35 3.69 -4.57 -8.32
CA PRO B 35 4.24 -3.24 -8.58
C PRO B 35 3.20 -2.26 -9.15
N ASP B 36 2.17 -2.76 -9.87
CA ASP B 36 1.08 -1.94 -10.40
C ASP B 36 0.26 -1.25 -9.29
N ASP B 37 0.03 -1.93 -8.16
CA ASP B 37 -0.68 -1.33 -7.03
C ASP B 37 0.19 -0.33 -6.25
N ILE B 38 1.52 -0.56 -6.20
CA ILE B 38 2.48 0.33 -5.54
C ILE B 38 2.72 1.60 -6.39
N GLU B 39 2.77 1.50 -7.72
CA GLU B 39 2.91 2.68 -8.60
C GLU B 39 1.60 3.49 -8.74
N GLN B 40 0.49 3.02 -8.16
CA GLN B 40 -0.81 3.69 -8.21
C GLN B 40 -0.95 4.84 -7.20
N TRP B 41 -0.66 4.62 -5.91
CA TRP B 41 -0.92 5.63 -4.88
C TRP B 41 -0.11 6.94 -4.97
N PHE B 42 1.07 6.92 -5.59
CA PHE B 42 1.93 8.10 -5.72
C PHE B 42 1.72 8.96 -6.99
N THR B 43 0.93 8.46 -7.96
CA THR B 43 0.74 9.12 -9.28
C THR B 43 -0.20 10.34 -9.31
N GLU B 44 -0.94 10.60 -8.22
CA GLU B 44 -1.95 11.67 -8.14
C GLU B 44 -1.48 13.13 -8.35
N ASP B 45 -0.16 13.40 -8.29
CA ASP B 45 0.40 14.75 -8.47
C ASP B 45 1.77 14.69 -9.20
N PRO B 46 1.95 15.39 -10.33
CA PRO B 46 3.21 15.36 -11.10
C PRO B 46 4.40 16.10 -10.47
N GLY B 47 4.23 16.84 -9.37
CA GLY B 47 5.29 17.61 -8.69
C GLY B 47 6.10 18.56 -9.61
N PRO B 48 5.46 19.49 -10.36
CA PRO B 48 6.13 20.36 -11.33
C PRO B 48 6.90 21.56 -10.72
N ASP B 49 6.73 21.85 -9.42
CA ASP B 49 7.38 22.98 -8.73
C ASP B 49 7.74 22.68 -7.26
N PRO A 1 1.06 1.03 21.59
CA PRO A 1 1.83 0.02 20.88
C PRO A 1 1.02 -0.76 19.82
N ASN A 2 -0.23 -0.38 19.58
CA ASN A 2 -1.17 -1.01 18.63
C ASN A 2 -1.65 -0.06 17.50
N ARG A 3 -1.09 1.16 17.43
CA ARG A 3 -1.40 2.22 16.44
C ARG A 3 -0.14 2.88 15.84
N SER A 4 1.02 2.68 16.47
CA SER A 4 2.32 3.23 16.07
C SER A 4 2.75 2.85 14.65
N ILE A 5 3.31 3.83 13.95
CA ILE A 5 3.88 3.77 12.59
C ILE A 5 5.01 4.81 12.45
N SER A 6 5.80 4.76 11.37
CA SER A 6 6.90 5.70 11.11
C SER A 6 6.83 6.29 9.70
N PRO A 7 6.97 7.62 9.51
CA PRO A 7 6.90 8.26 8.18
C PRO A 7 8.08 7.90 7.26
N SER A 8 9.20 7.46 7.83
CA SER A 8 10.40 7.00 7.11
C SER A 8 10.11 5.75 6.25
N ALA A 9 9.19 4.88 6.70
CA ALA A 9 8.77 3.70 5.95
C ALA A 9 8.18 4.05 4.58
N LEU A 10 7.44 5.17 4.50
CA LEU A 10 6.86 5.66 3.25
C LEU A 10 7.96 6.16 2.30
N GLN A 11 9.02 6.79 2.82
CA GLN A 11 10.16 7.24 2.01
C GLN A 11 10.93 6.04 1.43
N ASP A 12 11.09 4.97 2.23
CA ASP A 12 11.69 3.71 1.79
C ASP A 12 10.82 3.03 0.72
N LEU A 13 9.49 3.07 0.87
CA LEU A 13 8.55 2.54 -0.13
C LEU A 13 8.70 3.30 -1.46
N LEU A 14 8.81 4.63 -1.43
CA LEU A 14 9.05 5.43 -2.64
C LEU A 14 10.39 5.10 -3.31
N ARG A 15 11.50 4.96 -2.55
CA ARG A 15 12.79 4.57 -3.16
C ARG A 15 12.74 3.15 -3.75
N THR A 16 11.98 2.25 -3.13
CA THR A 16 11.73 0.89 -3.63
C THR A 16 10.93 0.92 -4.94
N LEU A 17 9.89 1.77 -5.03
CA LEU A 17 9.07 1.99 -6.23
C LEU A 17 9.89 2.62 -7.39
N LYS A 18 10.72 3.62 -7.08
CA LYS A 18 11.57 4.33 -8.05
C LYS A 18 12.71 3.47 -8.63
N SER A 19 13.16 2.47 -7.87
CA SER A 19 14.19 1.50 -8.29
C SER A 19 13.63 0.46 -9.29
N PRO A 20 14.46 -0.21 -10.12
CA PRO A 20 13.99 -1.18 -11.11
C PRO A 20 13.37 -2.44 -10.46
N SER A 21 12.39 -3.02 -11.15
CA SER A 21 11.64 -4.21 -10.70
C SER A 21 12.45 -5.50 -10.71
N SER A 22 12.21 -6.34 -9.70
CA SER A 22 12.81 -7.68 -9.47
C SER A 22 12.08 -8.39 -8.32
N PRO A 23 12.21 -9.72 -8.15
CA PRO A 23 11.65 -10.42 -6.99
C PRO A 23 12.10 -9.79 -5.66
N GLN A 24 13.35 -9.29 -5.63
CA GLN A 24 13.94 -8.59 -4.49
C GLN A 24 13.24 -7.24 -4.23
N GLN A 25 12.94 -6.48 -5.29
CA GLN A 25 12.22 -5.20 -5.18
C GLN A 25 10.79 -5.43 -4.66
N GLN A 26 10.10 -6.45 -5.16
CA GLN A 26 8.75 -6.82 -4.69
C GLN A 26 8.78 -7.22 -3.21
N GLN A 27 9.78 -8.03 -2.80
CA GLN A 27 9.97 -8.45 -1.41
C GLN A 27 10.19 -7.25 -0.48
N GLN A 28 10.93 -6.22 -0.90
CA GLN A 28 11.14 -5.01 -0.10
C GLN A 28 9.83 -4.29 0.27
N VAL A 29 8.86 -4.22 -0.64
CA VAL A 29 7.55 -3.60 -0.38
C VAL A 29 6.85 -4.33 0.77
N LEU A 30 6.79 -5.66 0.69
CA LEU A 30 6.21 -6.52 1.72
C LEU A 30 7.01 -6.41 3.04
N ASN A 31 8.35 -6.35 3.00
CA ASN A 31 9.19 -6.17 4.19
C ASN A 31 8.84 -4.87 4.94
N ILE A 32 8.79 -3.75 4.21
CA ILE A 32 8.45 -2.41 4.73
C ILE A 32 7.04 -2.40 5.35
N LEU A 33 6.06 -2.96 4.63
CA LEU A 33 4.66 -3.02 5.08
C LEU A 33 4.47 -3.98 6.28
N LYS A 34 5.11 -5.15 6.31
CA LYS A 34 5.06 -6.10 7.45
C LYS A 34 5.72 -5.53 8.72
N SER A 35 6.57 -4.52 8.59
CA SER A 35 7.19 -3.78 9.70
C SER A 35 6.29 -2.64 10.21
N ASN A 36 5.23 -2.30 9.46
CA ASN A 36 4.22 -1.27 9.76
C ASN A 36 2.80 -1.84 9.47
N PRO A 37 2.38 -2.95 10.13
CA PRO A 37 1.12 -3.62 9.82
C PRO A 37 -0.13 -2.77 10.07
N GLN A 38 -0.07 -1.74 10.92
CA GLN A 38 -1.20 -0.83 11.20
C GLN A 38 -1.73 -0.19 9.91
N LEU A 39 -0.83 0.41 9.11
CA LEU A 39 -1.19 1.06 7.85
C LEU A 39 -1.49 0.04 6.72
N MET A 40 -0.79 -1.09 6.68
CA MET A 40 -1.02 -2.13 5.66
C MET A 40 -2.38 -2.82 5.84
N ALA A 41 -2.71 -3.22 7.07
CA ALA A 41 -3.97 -3.89 7.37
C ALA A 41 -5.18 -2.97 7.12
N ALA A 42 -5.10 -1.70 7.52
CA ALA A 42 -6.14 -0.70 7.24
C ALA A 42 -6.35 -0.53 5.72
N PHE A 43 -5.25 -0.50 4.95
CA PHE A 43 -5.30 -0.41 3.49
C PHE A 43 -5.92 -1.64 2.84
N ILE A 44 -5.44 -2.86 3.15
CA ILE A 44 -5.97 -4.08 2.50
C ILE A 44 -7.43 -4.35 2.84
N LYS A 45 -7.84 -4.17 4.09
CA LYS A 45 -9.24 -4.38 4.54
C LYS A 45 -10.26 -3.45 3.87
N GLN A 46 -9.80 -2.35 3.26
CA GLN A 46 -10.61 -1.42 2.46
C GLN A 46 -10.43 -1.74 0.97
N ARG A 47 -9.19 -1.95 0.51
CA ARG A 47 -8.81 -2.28 -0.88
C ARG A 47 -9.50 -3.55 -1.38
N THR A 48 -9.50 -4.62 -0.57
CA THR A 48 -10.09 -5.93 -0.92
C THR A 48 -11.56 -5.88 -1.37
N ALA A 49 -12.32 -4.86 -0.94
CA ALA A 49 -13.70 -4.62 -1.37
C ALA A 49 -13.84 -4.25 -2.87
N LYS A 50 -12.73 -3.93 -3.55
CA LYS A 50 -12.64 -3.53 -4.97
C LYS A 50 -11.49 -4.22 -5.74
N TYR A 51 -10.44 -4.64 -5.04
CA TYR A 51 -9.20 -5.25 -5.53
C TYR A 51 -9.39 -6.25 -6.68
N VAL A 52 -8.86 -5.85 -7.83
CA VAL A 52 -8.83 -6.47 -9.13
C VAL A 52 -7.85 -7.66 -9.26
N ALA A 53 -7.61 -8.37 -8.15
CA ALA A 53 -6.68 -9.50 -8.05
C ALA A 53 -7.06 -10.76 -8.86
N ASN A 54 -8.32 -10.88 -9.30
CA ASN A 54 -8.82 -12.00 -10.10
C ASN A 54 -8.32 -11.97 -11.56
N GLN A 55 -8.37 -13.12 -12.25
CA GLN A 55 -7.96 -13.30 -13.65
C GLN A 55 -8.71 -14.47 -14.33
N PRO A 56 -8.82 -14.50 -15.67
CA PRO A 56 -9.44 -15.62 -16.38
C PRO A 56 -8.57 -16.89 -16.28
N GLY A 57 -9.16 -18.05 -16.60
CA GLY A 57 -8.50 -19.36 -16.54
C GLY A 57 -9.23 -20.45 -17.34
N MET A 58 -9.74 -20.10 -18.52
CA MET A 58 -10.49 -20.99 -19.43
C MET A 58 -10.10 -20.72 -20.89
N GLN A 59 -8.85 -21.09 -21.23
CA GLN A 59 -8.22 -20.90 -22.53
C GLN A 59 -7.33 -22.11 -22.91
N PRO B 1 5.99 16.22 8.55
CA PRO B 1 6.48 14.95 8.02
C PRO B 1 5.87 14.56 6.66
N LEU B 2 4.82 15.27 6.22
CA LEU B 2 4.13 15.08 4.95
C LEU B 2 3.59 16.40 4.36
N SER B 3 2.95 16.31 3.19
CA SER B 3 2.35 17.44 2.46
C SER B 3 0.96 17.08 1.92
N GLN B 4 0.39 17.95 1.08
CA GLN B 4 -0.91 17.80 0.41
C GLN B 4 -0.72 17.55 -1.10
N GLU B 5 0.51 17.18 -1.47
CA GLU B 5 1.00 16.87 -2.82
C GLU B 5 1.73 15.50 -2.83
N THR B 6 1.49 14.67 -1.80
CA THR B 6 2.16 13.37 -1.59
C THR B 6 1.22 12.21 -1.24
N PHE B 7 1.63 10.98 -1.61
CA PHE B 7 0.89 9.75 -1.32
C PHE B 7 0.63 9.50 0.18
N SER B 8 1.47 10.05 1.07
CA SER B 8 1.32 9.93 2.52
C SER B 8 -0.06 10.37 3.02
N ASP B 9 -0.63 11.42 2.41
CA ASP B 9 -1.97 11.94 2.73
C ASP B 9 -3.11 11.01 2.28
N LEU B 10 -2.86 10.12 1.32
CA LEU B 10 -3.83 9.13 0.85
C LEU B 10 -4.05 8.05 1.94
N TRP B 11 -3.00 7.71 2.69
CA TRP B 11 -3.09 6.75 3.80
C TRP B 11 -3.93 7.28 4.97
N LYS B 12 -3.74 8.56 5.38
CA LYS B 12 -4.51 9.15 6.49
C LYS B 12 -6.02 9.26 6.23
N LEU B 13 -6.43 9.18 4.96
CA LEU B 13 -7.84 9.25 4.51
C LEU B 13 -8.47 7.87 4.25
N LEU B 14 -7.72 6.77 4.30
CA LEU B 14 -8.21 5.40 4.09
C LEU B 14 -9.55 5.00 4.77
N PRO B 15 -9.73 5.23 6.08
CA PRO B 15 -10.95 4.87 6.80
C PRO B 15 -12.18 5.75 6.45
N GLU B 16 -12.10 6.64 5.45
CA GLU B 16 -13.23 7.53 5.07
C GLU B 16 -14.53 6.79 4.73
N ASN B 17 -14.43 5.60 4.14
CA ASN B 17 -15.57 4.75 3.75
C ASN B 17 -16.26 4.07 4.95
N ASN B 18 -15.58 4.03 6.10
CA ASN B 18 -16.00 3.47 7.41
C ASN B 18 -16.72 2.12 7.45
N VAL B 19 -16.41 1.32 6.45
CA VAL B 19 -16.85 -0.06 6.26
C VAL B 19 -15.74 -0.83 5.55
N LEU B 20 -15.23 -1.76 6.32
CA LEU B 20 -14.14 -2.68 6.03
C LEU B 20 -14.63 -4.12 5.89
N SER B 21 -13.76 -5.01 5.40
CA SER B 21 -14.04 -6.45 5.26
C SER B 21 -14.34 -7.14 6.61
N PRO B 22 -15.11 -8.24 6.63
CA PRO B 22 -15.38 -9.00 7.87
C PRO B 22 -14.20 -9.91 8.29
N LEU B 23 -13.18 -10.06 7.44
CA LEU B 23 -12.00 -10.91 7.65
C LEU B 23 -10.86 -10.18 8.38
N PRO B 24 -9.98 -10.88 9.12
CA PRO B 24 -8.83 -10.27 9.78
C PRO B 24 -7.70 -9.95 8.79
N SER B 25 -6.63 -9.32 9.31
CA SER B 25 -5.42 -8.94 8.58
C SER B 25 -4.69 -10.12 7.87
N GLN B 26 -4.91 -11.35 8.35
CA GLN B 26 -4.28 -12.59 7.84
C GLN B 26 -4.95 -13.20 6.60
N ALA B 27 -5.82 -12.45 5.92
CA ALA B 27 -6.55 -12.87 4.71
C ALA B 27 -5.66 -13.11 3.46
N MET B 28 -4.37 -12.78 3.53
CA MET B 28 -3.35 -12.87 2.46
C MET B 28 -2.89 -14.31 2.14
N ASP B 29 -3.79 -15.29 2.17
CA ASP B 29 -3.50 -16.71 1.92
C ASP B 29 -3.00 -17.03 0.48
N ASP B 30 -3.41 -16.23 -0.50
CA ASP B 30 -3.02 -16.36 -1.92
C ASP B 30 -2.82 -15.00 -2.61
N LEU B 31 -3.75 -14.05 -2.42
CA LEU B 31 -3.62 -12.69 -2.96
C LEU B 31 -2.44 -11.95 -2.32
N MET B 32 -1.63 -11.29 -3.17
CA MET B 32 -0.42 -10.54 -2.79
C MET B 32 -0.20 -9.40 -3.81
N LEU B 33 0.29 -8.25 -3.33
CA LEU B 33 0.53 -7.07 -4.18
C LEU B 33 1.50 -7.28 -5.35
N SER B 34 1.34 -6.38 -6.32
CA SER B 34 2.07 -6.24 -7.58
C SER B 34 2.43 -4.76 -7.78
N PRO B 35 3.43 -4.42 -8.62
CA PRO B 35 3.85 -3.02 -8.85
C PRO B 35 2.71 -2.12 -9.35
N ASP B 36 1.70 -2.67 -10.03
CA ASP B 36 0.52 -1.94 -10.53
C ASP B 36 -0.26 -1.19 -9.41
N ASP B 37 -0.32 -1.77 -8.20
CA ASP B 37 -0.95 -1.16 -7.03
C ASP B 37 -0.11 -0.02 -6.43
N ILE B 38 1.21 -0.10 -6.58
CA ILE B 38 2.20 0.83 -6.01
C ILE B 38 2.39 2.04 -6.92
N GLU B 39 2.42 1.84 -8.24
CA GLU B 39 2.55 2.94 -9.23
C GLU B 39 1.27 3.80 -9.34
N GLN B 40 0.24 3.50 -8.55
CA GLN B 40 -1.03 4.22 -8.51
C GLN B 40 -0.97 5.48 -7.62
N TRP B 41 -0.68 5.33 -6.32
CA TRP B 41 -0.77 6.42 -5.34
C TRP B 41 0.26 7.54 -5.51
N PHE B 42 1.34 7.34 -6.26
CA PHE B 42 2.35 8.38 -6.55
C PHE B 42 2.05 9.19 -7.85
N THR B 43 1.07 8.76 -8.66
CA THR B 43 0.75 9.37 -9.96
C THR B 43 0.15 10.78 -9.92
N GLU B 44 -0.46 11.16 -8.78
CA GLU B 44 -1.16 12.43 -8.47
C GLU B 44 -0.97 13.60 -9.47
N ASP B 45 -1.88 13.69 -10.44
CA ASP B 45 -1.89 14.72 -11.48
C ASP B 45 -3.33 14.99 -11.97
N PRO B 46 -3.92 16.18 -11.72
CA PRO B 46 -5.26 16.54 -12.20
C PRO B 46 -5.40 16.47 -13.73
N GLY B 47 -4.29 16.63 -14.46
CA GLY B 47 -4.23 16.58 -15.91
C GLY B 47 -4.78 17.83 -16.64
N PRO B 48 -4.92 17.77 -17.98
CA PRO B 48 -5.40 18.87 -18.81
C PRO B 48 -6.92 19.14 -18.70
N ASP B 49 -7.68 18.28 -18.00
CA ASP B 49 -9.14 18.40 -17.81
C ASP B 49 -9.58 17.89 -16.43
N PRO A 1 4.64 -8.16 15.34
CA PRO A 1 4.82 -7.02 14.45
C PRO A 1 4.63 -5.65 15.14
N ASN A 2 5.02 -4.58 14.42
CA ASN A 2 4.92 -3.19 14.88
C ASN A 2 3.46 -2.79 15.14
N ARG A 3 3.18 -2.12 16.27
CA ARG A 3 1.85 -1.62 16.69
C ARG A 3 1.63 -0.12 16.39
N SER A 4 2.58 0.52 15.73
CA SER A 4 2.58 1.95 15.33
C SER A 4 3.04 2.11 13.87
N ILE A 5 3.42 3.32 13.45
CA ILE A 5 3.88 3.66 12.10
C ILE A 5 5.08 4.63 12.14
N SER A 6 5.84 4.70 11.06
CA SER A 6 7.02 5.59 10.92
C SER A 6 7.06 6.24 9.52
N PRO A 7 7.39 7.55 9.41
CA PRO A 7 7.46 8.25 8.11
C PRO A 7 8.62 7.76 7.24
N SER A 8 9.68 7.17 7.82
CA SER A 8 10.82 6.61 7.08
C SER A 8 10.40 5.55 6.05
N ALA A 9 9.32 4.80 6.32
CA ALA A 9 8.75 3.80 5.43
C ALA A 9 8.28 4.39 4.10
N LEU A 10 7.78 5.64 4.11
CA LEU A 10 7.30 6.34 2.91
C LEU A 10 8.47 6.61 1.96
N GLN A 11 9.62 7.08 2.47
CA GLN A 11 10.83 7.31 1.67
C GLN A 11 11.41 5.98 1.15
N ASP A 12 11.43 4.94 1.98
CA ASP A 12 11.96 3.61 1.60
C ASP A 12 11.08 2.95 0.51
N LEU A 13 9.75 3.10 0.57
CA LEU A 13 8.86 2.56 -0.46
C LEU A 13 9.00 3.37 -1.77
N LEU A 14 9.20 4.69 -1.70
CA LEU A 14 9.48 5.50 -2.89
C LEU A 14 10.79 5.05 -3.56
N ARG A 15 11.89 4.89 -2.81
CA ARG A 15 13.17 4.42 -3.38
C ARG A 15 13.07 3.00 -3.94
N THR A 16 12.25 2.14 -3.33
CA THR A 16 11.98 0.76 -3.80
C THR A 16 11.22 0.79 -5.13
N LEU A 17 10.15 1.61 -5.24
CA LEU A 17 9.37 1.81 -6.48
C LEU A 17 10.25 2.36 -7.61
N LYS A 18 11.15 3.29 -7.29
CA LYS A 18 12.07 3.97 -8.22
C LYS A 18 13.26 3.11 -8.73
N SER A 19 13.22 1.80 -8.52
CA SER A 19 14.23 0.81 -8.97
C SER A 19 13.58 -0.29 -9.83
N PRO A 20 14.33 -0.99 -10.70
CA PRO A 20 13.77 -2.02 -11.60
C PRO A 20 13.14 -3.20 -10.87
N SER A 21 12.14 -3.80 -11.52
CA SER A 21 11.38 -4.95 -10.99
C SER A 21 12.27 -6.20 -10.84
N SER A 22 12.21 -6.81 -9.64
CA SER A 22 12.95 -8.02 -9.26
C SER A 22 12.32 -8.67 -8.03
N PRO A 23 12.59 -9.96 -7.75
CA PRO A 23 12.13 -10.61 -6.52
C PRO A 23 12.56 -9.83 -5.27
N GLN A 24 13.74 -9.22 -5.31
CA GLN A 24 14.30 -8.38 -4.24
C GLN A 24 13.47 -7.09 -4.06
N GLN A 25 13.07 -6.44 -5.16
CA GLN A 25 12.22 -5.25 -5.12
C GLN A 25 10.85 -5.57 -4.51
N GLN A 26 10.22 -6.65 -4.99
CA GLN A 26 8.94 -7.15 -4.47
C GLN A 26 9.03 -7.47 -2.96
N GLN A 27 10.09 -8.16 -2.53
CA GLN A 27 10.32 -8.47 -1.12
C GLN A 27 10.49 -7.19 -0.28
N GLN A 28 11.21 -6.18 -0.79
CA GLN A 28 11.37 -4.88 -0.10
C GLN A 28 10.02 -4.21 0.16
N VAL A 29 9.11 -4.18 -0.82
CA VAL A 29 7.76 -3.61 -0.67
C VAL A 29 7.03 -4.28 0.50
N LEU A 30 6.97 -5.62 0.50
CA LEU A 30 6.33 -6.40 1.55
C LEU A 30 7.01 -6.18 2.91
N ASN A 31 8.35 -6.14 2.98
CA ASN A 31 9.07 -5.87 4.22
C ASN A 31 8.68 -4.51 4.84
N ILE A 32 8.67 -3.45 4.04
CA ILE A 32 8.32 -2.09 4.48
C ILE A 32 6.86 -2.01 4.95
N LEU A 33 5.92 -2.55 4.16
CA LEU A 33 4.48 -2.56 4.51
C LEU A 33 4.20 -3.41 5.76
N LYS A 34 4.80 -4.60 5.87
CA LYS A 34 4.66 -5.49 7.06
C LYS A 34 5.33 -4.90 8.31
N SER A 35 6.24 -3.94 8.17
CA SER A 35 6.85 -3.19 9.28
C SER A 35 5.96 -2.03 9.76
N ASN A 36 4.82 -1.78 9.09
CA ASN A 36 3.83 -0.75 9.41
C ASN A 36 2.38 -1.30 9.22
N PRO A 37 1.98 -2.42 9.88
CA PRO A 37 0.66 -3.06 9.70
C PRO A 37 -0.55 -2.11 9.78
N GLN A 38 -0.52 -1.12 10.67
CA GLN A 38 -1.61 -0.16 10.92
C GLN A 38 -2.13 0.51 9.64
N LEU A 39 -1.23 1.06 8.82
CA LEU A 39 -1.55 1.74 7.55
C LEU A 39 -1.74 0.78 6.35
N MET A 40 -1.07 -0.38 6.38
CA MET A 40 -1.12 -1.40 5.32
C MET A 40 -2.40 -2.25 5.40
N ALA A 41 -2.76 -2.75 6.59
CA ALA A 41 -3.97 -3.54 6.82
C ALA A 41 -5.25 -2.75 6.53
N ALA A 42 -5.25 -1.43 6.79
CA ALA A 42 -6.39 -0.56 6.50
C ALA A 42 -6.69 -0.50 4.98
N PHE A 43 -5.66 -0.53 4.13
CA PHE A 43 -5.81 -0.54 2.67
C PHE A 43 -6.23 -1.90 2.10
N ILE A 44 -5.50 -2.98 2.44
CA ILE A 44 -5.75 -4.33 1.90
C ILE A 44 -7.18 -4.81 2.15
N LYS A 45 -7.73 -4.59 3.35
CA LYS A 45 -9.11 -5.00 3.69
C LYS A 45 -10.19 -4.33 2.83
N GLN A 46 -9.86 -3.26 2.10
CA GLN A 46 -10.76 -2.62 1.13
C GLN A 46 -10.43 -3.11 -0.29
N ARG A 47 -9.13 -3.18 -0.64
CA ARG A 47 -8.66 -3.68 -1.95
C ARG A 47 -9.08 -5.12 -2.24
N THR A 48 -9.16 -5.99 -1.22
CA THR A 48 -9.61 -7.40 -1.36
C THR A 48 -11.02 -7.52 -1.96
N ALA A 49 -11.90 -6.52 -1.78
CA ALA A 49 -13.24 -6.49 -2.36
C ALA A 49 -13.23 -6.30 -3.91
N LYS A 50 -12.11 -5.85 -4.48
CA LYS A 50 -11.89 -5.59 -5.90
C LYS A 50 -10.87 -6.56 -6.52
N TYR A 51 -9.86 -6.96 -5.74
CA TYR A 51 -8.78 -7.90 -6.08
C TYR A 51 -9.23 -9.36 -5.95
N VAL A 52 -10.13 -9.69 -6.88
CA VAL A 52 -10.78 -10.99 -7.05
C VAL A 52 -10.56 -11.50 -8.48
N ALA A 53 -10.04 -12.71 -8.59
CA ALA A 53 -9.76 -13.42 -9.86
C ALA A 53 -10.33 -14.86 -9.83
N ASN A 54 -10.45 -15.47 -11.02
CA ASN A 54 -11.02 -16.82 -11.21
C ASN A 54 -10.23 -17.63 -12.26
N GLN A 55 -10.47 -18.95 -12.28
CA GLN A 55 -9.85 -19.93 -13.19
C GLN A 55 -10.91 -20.44 -14.20
N PRO A 56 -10.54 -20.68 -15.48
CA PRO A 56 -11.48 -21.22 -16.48
C PRO A 56 -11.97 -22.63 -16.10
N GLY A 57 -13.22 -22.96 -16.48
CA GLY A 57 -13.86 -24.24 -16.16
C GLY A 57 -13.35 -25.47 -16.94
N MET A 58 -12.63 -25.26 -18.06
CA MET A 58 -12.09 -26.33 -18.90
C MET A 58 -11.00 -27.17 -18.20
N GLN A 59 -11.06 -28.49 -18.37
CA GLN A 59 -10.14 -29.48 -17.81
C GLN A 59 -10.06 -30.73 -18.72
N PRO B 1 10.24 18.70 3.98
CA PRO B 1 10.93 17.96 2.92
C PRO B 1 9.99 17.41 1.83
N LEU B 2 8.68 17.40 2.09
CA LEU B 2 7.63 16.95 1.16
C LEU B 2 6.31 17.70 1.39
N SER B 3 5.46 17.74 0.36
CA SER B 3 4.13 18.35 0.47
C SER B 3 3.15 17.41 1.20
N GLN B 4 2.35 17.97 2.09
CA GLN B 4 1.39 17.21 2.92
C GLN B 4 0.11 16.77 2.17
N GLU B 5 -0.05 17.16 0.91
CA GLU B 5 -1.20 16.81 0.04
C GLU B 5 -0.95 15.52 -0.78
N THR B 6 0.13 14.79 -0.49
CA THR B 6 0.58 13.57 -1.20
C THR B 6 0.17 12.27 -0.50
N PHE B 7 0.72 11.12 -0.95
CA PHE B 7 0.47 9.78 -0.42
C PHE B 7 0.55 9.64 1.12
N SER B 8 1.32 10.50 1.80
CA SER B 8 1.40 10.54 3.26
C SER B 8 0.03 10.77 3.92
N ASP B 9 -0.85 11.53 3.26
CA ASP B 9 -2.21 11.83 3.75
C ASP B 9 -3.21 10.71 3.42
N LEU B 10 -2.96 9.91 2.39
CA LEU B 10 -3.81 8.76 2.05
C LEU B 10 -3.80 7.74 3.19
N TRP B 11 -2.66 7.54 3.86
CA TRP B 11 -2.57 6.66 5.04
C TRP B 11 -3.44 7.17 6.22
N LYS B 12 -3.59 8.50 6.33
CA LYS B 12 -4.37 9.18 7.38
C LYS B 12 -5.88 9.16 7.08
N LEU B 13 -6.27 9.26 5.80
CA LEU B 13 -7.67 9.18 5.37
C LEU B 13 -8.24 7.76 5.44
N LEU B 14 -7.44 6.73 5.15
CA LEU B 14 -7.89 5.33 5.16
C LEU B 14 -8.74 4.86 6.36
N PRO B 15 -8.29 5.01 7.61
CA PRO B 15 -9.05 4.61 8.81
C PRO B 15 -10.32 5.45 9.07
N GLU B 16 -10.68 6.40 8.21
CA GLU B 16 -11.88 7.22 8.35
C GLU B 16 -12.75 7.33 7.09
N ASN B 17 -12.20 7.05 5.90
CA ASN B 17 -12.94 7.04 4.63
C ASN B 17 -13.63 5.69 4.33
N ASN B 18 -13.49 4.70 5.22
CA ASN B 18 -14.11 3.37 5.12
C ASN B 18 -14.71 2.92 6.47
N VAL B 19 -15.68 2.00 6.43
CA VAL B 19 -16.38 1.47 7.62
C VAL B 19 -16.67 -0.04 7.61
N LEU B 20 -16.53 -0.73 6.48
CA LEU B 20 -16.77 -2.19 6.35
C LEU B 20 -15.78 -2.89 5.39
N SER B 21 -15.69 -4.21 5.52
CA SER B 21 -14.85 -5.09 4.68
C SER B 21 -15.54 -6.46 4.48
N PRO B 22 -15.33 -7.15 3.34
CA PRO B 22 -16.00 -8.42 3.03
C PRO B 22 -15.38 -9.67 3.69
N LEU B 23 -14.09 -9.64 4.04
CA LEU B 23 -13.34 -10.79 4.56
C LEU B 23 -12.26 -10.40 5.59
N PRO B 24 -11.88 -11.33 6.49
CA PRO B 24 -10.76 -11.15 7.41
C PRO B 24 -9.41 -11.37 6.68
N SER B 25 -8.31 -11.27 7.42
CA SER B 25 -6.93 -11.49 6.91
C SER B 25 -6.72 -12.84 6.21
N GLN B 26 -7.58 -13.85 6.46
CA GLN B 26 -7.53 -15.18 5.85
C GLN B 26 -7.68 -15.20 4.32
N ALA B 27 -8.10 -14.08 3.75
CA ALA B 27 -8.28 -13.86 2.32
C ALA B 27 -6.96 -13.92 1.53
N MET B 28 -5.82 -13.62 2.18
CA MET B 28 -4.48 -13.59 1.59
C MET B 28 -3.82 -14.98 1.40
N ASP B 29 -4.61 -16.05 1.39
CA ASP B 29 -4.16 -17.45 1.25
C ASP B 29 -3.36 -17.73 -0.04
N ASP B 30 -3.70 -17.10 -1.16
CA ASP B 30 -3.06 -17.27 -2.47
C ASP B 30 -2.97 -15.96 -3.29
N LEU B 31 -3.02 -14.81 -2.59
CA LEU B 31 -2.94 -13.46 -3.17
C LEU B 31 -2.18 -12.51 -2.23
N MET B 32 -1.47 -11.54 -2.80
CA MET B 32 -0.63 -10.57 -2.09
C MET B 32 -0.57 -9.23 -2.84
N LEU B 33 -0.13 -8.15 -2.19
CA LEU B 33 0.02 -6.80 -2.79
C LEU B 33 0.82 -6.84 -4.10
N SER B 34 0.43 -6.00 -5.05
CA SER B 34 1.02 -5.92 -6.41
C SER B 34 1.67 -4.55 -6.71
N PRO B 35 2.59 -4.45 -7.69
CA PRO B 35 3.22 -3.17 -8.04
C PRO B 35 2.20 -2.13 -8.57
N ASP B 36 1.06 -2.58 -9.11
CA ASP B 36 -0.04 -1.72 -9.57
C ASP B 36 -0.67 -0.92 -8.41
N ASP B 37 -0.68 -1.50 -7.21
CA ASP B 37 -1.16 -0.84 -5.98
C ASP B 37 -0.17 0.25 -5.49
N ILE B 38 1.13 0.09 -5.78
CA ILE B 38 2.18 1.04 -5.40
C ILE B 38 2.19 2.27 -6.32
N GLU B 39 2.11 2.07 -7.63
CA GLU B 39 2.10 3.17 -8.62
C GLU B 39 0.81 4.03 -8.59
N GLN B 40 -0.16 3.64 -7.74
CA GLN B 40 -1.44 4.32 -7.55
C GLN B 40 -1.35 5.50 -6.58
N TRP B 41 -0.94 5.28 -5.32
CA TRP B 41 -0.97 6.33 -4.29
C TRP B 41 0.03 7.47 -4.48
N PHE B 42 1.16 7.23 -5.16
CA PHE B 42 2.21 8.25 -5.39
C PHE B 42 1.92 9.19 -6.57
N THR B 43 0.90 8.91 -7.38
CA THR B 43 0.52 9.68 -8.60
C THR B 43 0.21 11.16 -8.36
N GLU B 44 -0.04 11.55 -7.10
CA GLU B 44 -0.33 12.92 -6.66
C GLU B 44 0.87 13.91 -6.79
N ASP B 45 2.04 13.48 -7.27
CA ASP B 45 3.24 14.30 -7.48
C ASP B 45 2.94 15.60 -8.27
N PRO B 46 3.29 16.80 -7.74
CA PRO B 46 3.00 18.10 -8.38
C PRO B 46 3.43 18.24 -9.84
N GLY B 47 4.65 17.82 -10.18
CA GLY B 47 5.21 17.90 -11.52
C GLY B 47 6.74 18.09 -11.58
N PRO B 48 7.35 18.02 -12.77
CA PRO B 48 8.80 18.20 -12.99
C PRO B 48 9.35 19.57 -12.51
N ASP B 49 8.59 20.64 -12.74
CA ASP B 49 8.87 22.06 -12.41
C ASP B 49 10.36 22.41 -12.31
N PRO A 1 -0.31 -4.18 22.86
CA PRO A 1 -1.49 -3.38 23.19
C PRO A 1 -1.43 -1.92 22.71
N ASN A 2 -0.34 -1.52 22.06
CA ASN A 2 -0.10 -0.18 21.51
C ASN A 2 0.70 -0.29 20.20
N ARG A 3 0.34 0.49 19.18
CA ARG A 3 0.97 0.49 17.85
C ARG A 3 1.10 1.91 17.27
N SER A 4 2.01 2.08 16.31
CA SER A 4 2.32 3.35 15.64
C SER A 4 2.97 3.14 14.26
N ILE A 5 3.34 4.23 13.59
CA ILE A 5 4.02 4.25 12.28
C ILE A 5 5.10 5.35 12.27
N SER A 6 6.05 5.29 11.33
CA SER A 6 7.16 6.25 11.20
C SER A 6 7.25 6.81 9.77
N PRO A 7 7.50 8.12 9.58
CA PRO A 7 7.57 8.74 8.25
C PRO A 7 8.75 8.25 7.39
N SER A 8 9.81 7.75 8.03
CA SER A 8 11.01 7.21 7.37
C SER A 8 10.72 5.96 6.53
N ALA A 9 9.77 5.12 6.94
CA ALA A 9 9.36 3.93 6.19
C ALA A 9 8.82 4.29 4.80
N LEU A 10 8.07 5.41 4.71
CA LEU A 10 7.53 5.92 3.45
C LEU A 10 8.63 6.47 2.52
N GLN A 11 9.70 7.05 3.07
CA GLN A 11 10.84 7.51 2.26
C GLN A 11 11.61 6.30 1.68
N ASP A 12 11.79 5.26 2.49
CA ASP A 12 12.45 4.01 2.07
C ASP A 12 11.62 3.27 1.00
N LEU A 13 10.28 3.32 1.09
CA LEU A 13 9.35 2.77 0.09
C LEU A 13 9.58 3.48 -1.25
N LEU A 14 9.60 4.82 -1.27
CA LEU A 14 9.89 5.62 -2.48
C LEU A 14 11.24 5.28 -3.12
N ARG A 15 12.33 5.19 -2.33
CA ARG A 15 13.64 4.85 -2.92
C ARG A 15 13.69 3.42 -3.46
N THR A 16 12.91 2.49 -2.87
CA THR A 16 12.76 1.10 -3.36
C THR A 16 11.96 1.08 -4.67
N LEU A 17 10.86 1.85 -4.74
CA LEU A 17 9.98 2.00 -5.91
C LEU A 17 10.68 2.61 -7.14
N LYS A 18 11.59 3.58 -6.96
CA LYS A 18 12.32 4.23 -8.06
C LYS A 18 13.22 3.29 -8.88
N SER A 19 13.67 2.18 -8.31
CA SER A 19 14.46 1.14 -9.00
C SER A 19 13.54 0.22 -9.84
N PRO A 20 14.04 -0.47 -10.89
CA PRO A 20 13.23 -1.35 -11.73
C PRO A 20 12.62 -2.53 -10.96
N SER A 21 11.43 -2.94 -11.39
CA SER A 21 10.63 -4.00 -10.74
C SER A 21 11.15 -5.43 -10.94
N SER A 22 10.98 -6.25 -9.90
CA SER A 22 11.29 -7.68 -9.81
C SER A 22 10.70 -8.24 -8.50
N PRO A 23 10.51 -9.57 -8.35
CA PRO A 23 10.06 -10.15 -7.08
C PRO A 23 10.96 -9.73 -5.90
N GLN A 24 12.25 -9.56 -6.17
CA GLN A 24 13.26 -9.11 -5.19
C GLN A 24 13.01 -7.64 -4.79
N GLN A 25 12.69 -6.76 -5.74
CA GLN A 25 12.35 -5.36 -5.48
C GLN A 25 11.06 -5.26 -4.64
N GLN A 26 10.05 -6.07 -5.00
CA GLN A 26 8.77 -6.16 -4.29
C GLN A 26 8.97 -6.64 -2.85
N GLN A 27 9.84 -7.63 -2.62
CA GLN A 27 10.10 -8.16 -1.28
C GLN A 27 10.54 -7.07 -0.30
N GLN A 28 11.35 -6.09 -0.72
CA GLN A 28 11.72 -4.98 0.16
C GLN A 28 10.50 -4.12 0.55
N VAL A 29 9.62 -3.80 -0.40
CA VAL A 29 8.37 -3.05 -0.10
C VAL A 29 7.49 -3.87 0.85
N LEU A 30 7.34 -5.18 0.61
CA LEU A 30 6.59 -6.08 1.47
C LEU A 30 7.20 -6.12 2.89
N ASN A 31 8.53 -6.15 3.02
CA ASN A 31 9.23 -6.11 4.32
C ASN A 31 8.96 -4.78 5.05
N ILE A 32 9.05 -3.64 4.35
CA ILE A 32 8.78 -2.29 4.87
C ILE A 32 7.33 -2.18 5.37
N LEU A 33 6.37 -2.68 4.59
CA LEU A 33 4.94 -2.68 4.96
C LEU A 33 4.65 -3.63 6.13
N LYS A 34 5.23 -4.85 6.17
CA LYS A 34 5.08 -5.78 7.31
C LYS A 34 5.73 -5.27 8.60
N SER A 35 6.62 -4.27 8.51
CA SER A 35 7.23 -3.57 9.66
C SER A 35 6.37 -2.39 10.14
N ASN A 36 5.32 -2.04 9.37
CA ASN A 36 4.33 -0.97 9.63
C ASN A 36 2.91 -1.46 9.23
N PRO A 37 2.42 -2.61 9.77
CA PRO A 37 1.16 -3.23 9.34
C PRO A 37 -0.10 -2.36 9.50
N GLN A 38 -0.06 -1.37 10.39
CA GLN A 38 -1.14 -0.43 10.70
C GLN A 38 -1.75 0.20 9.43
N LEU A 39 -0.90 0.68 8.51
CA LEU A 39 -1.33 1.35 7.28
C LEU A 39 -1.68 0.41 6.10
N MET A 40 -1.05 -0.77 5.98
CA MET A 40 -1.36 -1.71 4.90
C MET A 40 -2.64 -2.53 5.16
N ALA A 41 -2.90 -2.93 6.40
CA ALA A 41 -4.10 -3.70 6.76
C ALA A 41 -5.39 -2.88 6.58
N ALA A 42 -5.35 -1.57 6.89
CA ALA A 42 -6.49 -0.67 6.69
C ALA A 42 -6.79 -0.50 5.18
N PHE A 43 -5.73 -0.42 4.35
CA PHE A 43 -5.82 -0.27 2.90
C PHE A 43 -6.36 -1.52 2.18
N ILE A 44 -5.82 -2.72 2.44
CA ILE A 44 -6.28 -3.96 1.77
C ILE A 44 -7.78 -4.23 1.97
N LYS A 45 -8.32 -3.92 3.17
CA LYS A 45 -9.74 -4.04 3.49
C LYS A 45 -10.66 -3.27 2.52
N GLN A 46 -10.15 -2.23 1.87
CA GLN A 46 -10.83 -1.46 0.82
C GLN A 46 -10.40 -1.91 -0.58
N ARG A 47 -9.09 -2.08 -0.82
CA ARG A 47 -8.52 -2.52 -2.12
C ARG A 47 -9.10 -3.86 -2.59
N THR A 48 -9.44 -4.77 -1.67
CA THR A 48 -10.07 -6.07 -1.98
C THR A 48 -11.33 -5.92 -2.86
N ALA A 49 -12.05 -4.80 -2.77
CA ALA A 49 -13.21 -4.46 -3.60
C ALA A 49 -12.87 -4.27 -5.10
N LYS A 50 -11.58 -4.07 -5.43
CA LYS A 50 -11.02 -3.89 -6.79
C LYS A 50 -9.97 -4.95 -7.15
N TYR A 51 -9.50 -5.76 -6.20
CA TYR A 51 -8.59 -6.91 -6.37
C TYR A 51 -9.36 -8.15 -6.91
N VAL A 52 -10.19 -7.88 -7.92
CA VAL A 52 -11.14 -8.80 -8.59
C VAL A 52 -10.99 -8.77 -10.13
N ALA A 53 -9.80 -8.43 -10.62
CA ALA A 53 -9.44 -8.32 -12.05
C ALA A 53 -9.67 -9.58 -12.91
N ASN A 54 -9.87 -10.75 -12.29
CA ASN A 54 -10.04 -12.04 -12.95
C ASN A 54 -11.48 -12.29 -13.47
N GLN A 55 -11.96 -11.41 -14.35
CA GLN A 55 -13.29 -11.48 -14.98
C GLN A 55 -13.15 -11.31 -16.51
N PRO A 56 -13.80 -12.17 -17.34
CA PRO A 56 -13.68 -12.15 -18.81
C PRO A 56 -13.85 -10.79 -19.52
N GLY A 57 -14.66 -9.88 -18.97
CA GLY A 57 -14.93 -8.56 -19.55
C GLY A 57 -13.99 -7.43 -19.09
N MET A 58 -13.16 -7.67 -18.06
CA MET A 58 -12.22 -6.68 -17.49
C MET A 58 -10.85 -6.70 -18.22
N GLN A 59 -10.89 -6.52 -19.55
CA GLN A 59 -9.71 -6.52 -20.43
C GLN A 59 -8.65 -5.48 -20.01
N PRO B 1 9.75 16.56 -0.06
CA PRO B 1 9.57 15.84 -1.33
C PRO B 1 8.12 15.43 -1.62
N LEU B 2 7.21 15.65 -0.67
CA LEU B 2 5.79 15.29 -0.73
C LEU B 2 4.84 16.35 -0.13
N SER B 3 3.54 16.16 -0.33
CA SER B 3 2.45 17.01 0.17
C SER B 3 1.23 16.17 0.58
N GLN B 4 0.29 16.78 1.29
CA GLN B 4 -0.96 16.15 1.78
C GLN B 4 -2.01 15.93 0.66
N GLU B 5 -1.53 15.62 -0.54
CA GLU B 5 -2.27 15.33 -1.78
C GLU B 5 -1.64 14.13 -2.52
N THR B 6 -0.78 13.36 -1.84
CA THR B 6 -0.04 12.19 -2.35
C THR B 6 -0.33 10.94 -1.51
N PHE B 7 0.40 9.84 -1.73
CA PHE B 7 0.27 8.56 -1.00
C PHE B 7 0.20 8.72 0.54
N SER B 8 0.92 9.69 1.12
CA SER B 8 0.91 9.99 2.56
C SER B 8 -0.47 10.43 3.08
N ASP B 9 -1.29 11.07 2.24
CA ASP B 9 -2.66 11.49 2.58
C ASP B 9 -3.67 10.34 2.40
N LEU B 10 -3.39 9.38 1.53
CA LEU B 10 -4.25 8.22 1.32
C LEU B 10 -4.31 7.33 2.57
N TRP B 11 -3.26 7.31 3.40
CA TRP B 11 -3.29 6.63 4.70
C TRP B 11 -4.26 7.36 5.65
N LYS B 12 -4.24 8.70 5.63
CA LYS B 12 -5.06 9.60 6.48
C LYS B 12 -6.56 9.56 6.12
N LEU B 13 -6.91 9.26 4.87
CA LEU B 13 -8.31 9.08 4.43
C LEU B 13 -9.02 7.93 5.17
N LEU B 14 -8.25 7.00 5.75
CA LEU B 14 -8.70 5.88 6.58
C LEU B 14 -8.35 6.17 8.07
N PRO B 15 -9.20 6.90 8.82
CA PRO B 15 -8.93 7.32 10.21
C PRO B 15 -8.76 6.16 11.21
N GLU B 16 -9.17 4.95 10.85
CA GLU B 16 -8.94 3.75 11.67
C GLU B 16 -7.45 3.42 11.89
N ASN B 17 -6.56 3.94 11.03
CA ASN B 17 -5.10 3.72 11.03
C ASN B 17 -4.35 3.90 12.36
N ASN B 18 -4.95 4.57 13.35
CA ASN B 18 -4.34 4.86 14.66
C ASN B 18 -5.22 4.47 15.87
N VAL B 19 -6.33 3.76 15.64
CA VAL B 19 -7.27 3.28 16.69
C VAL B 19 -7.57 1.77 16.61
N LEU B 20 -7.14 1.13 15.54
CA LEU B 20 -7.26 -0.31 15.25
C LEU B 20 -6.55 -1.24 16.27
N SER B 21 -6.84 -2.53 16.18
CA SER B 21 -6.31 -3.62 17.03
C SER B 21 -4.78 -3.81 16.95
N PRO B 22 -4.13 -4.42 17.97
CA PRO B 22 -2.66 -4.62 18.02
C PRO B 22 -2.07 -5.64 17.00
N LEU B 23 -2.86 -6.21 16.10
CA LEU B 23 -2.42 -7.18 15.07
C LEU B 23 -3.11 -6.94 13.70
N PRO B 24 -2.48 -7.34 12.57
CA PRO B 24 -2.99 -7.11 11.22
C PRO B 24 -4.24 -7.92 10.83
N SER B 25 -4.79 -7.60 9.65
CA SER B 25 -5.96 -8.24 9.04
C SER B 25 -5.74 -9.74 8.75
N GLN B 26 -6.83 -10.51 8.77
CA GLN B 26 -6.86 -11.95 8.48
C GLN B 26 -7.32 -12.27 7.05
N ALA B 27 -7.70 -11.24 6.28
CA ALA B 27 -8.15 -11.34 4.90
C ALA B 27 -7.03 -11.69 3.89
N MET B 28 -5.76 -11.54 4.29
CA MET B 28 -4.57 -11.82 3.47
C MET B 28 -4.14 -13.30 3.48
N ASP B 29 -5.03 -14.21 3.89
CA ASP B 29 -4.80 -15.66 4.01
C ASP B 29 -4.32 -16.36 2.72
N ASP B 30 -4.71 -15.87 1.54
CA ASP B 30 -4.37 -16.46 0.23
C ASP B 30 -4.12 -15.41 -0.88
N LEU B 31 -3.85 -14.16 -0.49
CA LEU B 31 -3.61 -13.01 -1.40
C LEU B 31 -2.65 -11.98 -0.77
N MET B 32 -1.87 -11.28 -1.61
CA MET B 32 -0.87 -10.29 -1.18
C MET B 32 -0.65 -9.20 -2.24
N LEU B 33 -0.20 -8.02 -1.81
CA LEU B 33 0.06 -6.86 -2.68
C LEU B 33 1.03 -7.15 -3.85
N SER B 34 0.85 -6.37 -4.91
CA SER B 34 1.56 -6.44 -6.19
C SER B 34 2.10 -5.06 -6.60
N PRO B 35 2.97 -4.94 -7.63
CA PRO B 35 3.48 -3.64 -8.08
C PRO B 35 2.35 -2.68 -8.50
N ASP B 36 1.22 -3.23 -8.96
CA ASP B 36 -0.01 -2.49 -9.31
C ASP B 36 -0.57 -1.67 -8.14
N ASP B 37 -0.43 -2.16 -6.90
CA ASP B 37 -0.84 -1.46 -5.68
C ASP B 37 0.10 -0.31 -5.35
N ILE B 38 1.41 -0.51 -5.57
CA ILE B 38 2.47 0.47 -5.28
C ILE B 38 2.44 1.63 -6.29
N GLU B 39 2.26 1.35 -7.58
CA GLU B 39 2.19 2.38 -8.63
C GLU B 39 0.87 3.18 -8.60
N GLN B 40 -0.10 2.77 -7.78
CA GLN B 40 -1.41 3.42 -7.65
C GLN B 40 -1.40 4.64 -6.71
N TRP B 41 -0.92 4.50 -5.46
CA TRP B 41 -1.01 5.57 -4.47
C TRP B 41 -0.18 6.83 -4.74
N PHE B 42 0.88 6.73 -5.56
CA PHE B 42 1.74 7.87 -5.92
C PHE B 42 1.28 8.64 -7.19
N THR B 43 0.30 8.11 -7.95
CA THR B 43 -0.18 8.69 -9.22
C THR B 43 -0.74 10.12 -9.13
N GLU B 44 -1.19 10.54 -7.93
CA GLU B 44 -1.74 11.89 -7.69
C GLU B 44 -0.69 13.00 -7.70
N ASP B 45 0.62 12.68 -7.70
CA ASP B 45 1.71 13.65 -7.75
C ASP B 45 1.63 14.54 -9.03
N PRO B 46 1.58 15.88 -8.90
CA PRO B 46 1.43 16.81 -10.03
C PRO B 46 2.68 16.95 -10.93
N GLY B 47 3.82 16.35 -10.57
CA GLY B 47 5.08 16.40 -11.32
C GLY B 47 5.61 17.82 -11.63
N PRO B 48 5.87 18.68 -10.61
CA PRO B 48 6.38 20.03 -10.81
C PRO B 48 7.77 20.09 -11.48
N ASP B 49 8.17 21.33 -11.74
CA ASP B 49 9.45 21.72 -12.35
C ASP B 49 9.79 23.20 -12.05
N PRO A 1 3.03 -5.07 15.81
CA PRO A 1 2.21 -3.86 15.85
C PRO A 1 2.20 -3.19 17.24
N ASN A 2 3.09 -3.61 18.15
CA ASN A 2 3.19 -3.08 19.53
C ASN A 2 3.66 -1.61 19.63
N ARG A 3 4.12 -0.99 18.53
CA ARG A 3 4.58 0.40 18.44
C ARG A 3 3.98 1.13 17.23
N SER A 4 3.89 2.45 17.33
CA SER A 4 3.38 3.35 16.29
C SER A 4 4.23 3.31 15.01
N ILE A 5 3.61 3.74 13.91
CA ILE A 5 4.25 3.86 12.58
C ILE A 5 5.34 4.96 12.58
N SER A 6 6.23 4.94 11.58
CA SER A 6 7.32 5.92 11.41
C SER A 6 7.32 6.53 10.00
N PRO A 7 7.57 7.86 9.86
CA PRO A 7 7.58 8.53 8.55
C PRO A 7 8.75 8.07 7.67
N SER A 8 9.85 7.57 8.23
CA SER A 8 11.00 7.04 7.49
C SER A 8 10.61 5.93 6.51
N ALA A 9 9.63 5.10 6.87
CA ALA A 9 9.09 4.03 6.03
C ALA A 9 8.49 4.54 4.72
N LEU A 10 7.96 5.77 4.69
CA LEU A 10 7.38 6.39 3.49
C LEU A 10 8.49 6.71 2.47
N GLN A 11 9.63 7.23 2.95
CA GLN A 11 10.80 7.48 2.08
C GLN A 11 11.42 6.16 1.61
N ASP A 12 11.49 5.14 2.48
CA ASP A 12 12.00 3.81 2.12
C ASP A 12 11.09 3.10 1.08
N LEU A 13 9.78 3.34 1.13
CA LEU A 13 8.85 2.82 0.12
C LEU A 13 9.18 3.45 -1.24
N LEU A 14 9.33 4.78 -1.31
CA LEU A 14 9.69 5.50 -2.55
C LEU A 14 11.04 5.06 -3.13
N ARG A 15 12.09 4.93 -2.31
CA ARG A 15 13.42 4.47 -2.78
C ARG A 15 13.36 3.05 -3.35
N THR A 16 12.45 2.21 -2.84
CA THR A 16 12.21 0.84 -3.31
C THR A 16 11.39 0.82 -4.60
N LEU A 17 10.34 1.66 -4.70
CA LEU A 17 9.50 1.81 -5.89
C LEU A 17 10.34 2.23 -7.13
N LYS A 18 11.37 3.06 -6.92
CA LYS A 18 12.30 3.52 -7.98
C LYS A 18 13.12 2.40 -8.66
N SER A 19 13.21 1.21 -8.07
CA SER A 19 13.90 0.04 -8.65
C SER A 19 13.17 -0.47 -9.92
N PRO A 20 13.82 -1.30 -10.78
CA PRO A 20 13.17 -1.87 -11.96
C PRO A 20 12.06 -2.88 -11.56
N SER A 21 11.15 -3.18 -12.49
CA SER A 21 10.04 -4.14 -12.31
C SER A 21 10.57 -5.53 -11.97
N SER A 22 10.49 -5.92 -10.69
CA SER A 22 11.07 -7.18 -10.17
C SER A 22 10.44 -7.65 -8.85
N PRO A 23 10.50 -8.96 -8.52
CA PRO A 23 10.02 -9.46 -7.23
C PRO A 23 10.85 -8.95 -6.04
N GLN A 24 12.07 -8.44 -6.28
CA GLN A 24 12.93 -7.86 -5.24
C GLN A 24 12.28 -6.60 -4.63
N GLN A 25 11.82 -5.65 -5.46
CA GLN A 25 11.12 -4.45 -4.95
C GLN A 25 9.77 -4.80 -4.30
N GLN A 26 9.07 -5.80 -4.86
CA GLN A 26 7.79 -6.30 -4.36
C GLN A 26 7.95 -6.81 -2.92
N GLN A 27 8.95 -7.67 -2.67
CA GLN A 27 9.28 -8.18 -1.35
C GLN A 27 9.76 -7.08 -0.40
N GLN A 28 10.61 -6.14 -0.86
CA GLN A 28 11.10 -5.05 0.01
C GLN A 28 9.97 -4.11 0.48
N VAL A 29 9.04 -3.71 -0.38
CA VAL A 29 7.89 -2.88 0.07
C VAL A 29 7.06 -3.65 1.10
N LEU A 30 6.82 -4.95 0.89
CA LEU A 30 6.12 -5.79 1.87
C LEU A 30 6.90 -5.89 3.19
N ASN A 31 8.24 -5.99 3.16
CA ASN A 31 9.08 -6.01 4.36
C ASN A 31 8.96 -4.68 5.14
N ILE A 32 9.02 -3.55 4.45
CA ILE A 32 8.87 -2.19 5.02
C ILE A 32 7.48 -2.02 5.64
N LEU A 33 6.42 -2.48 4.96
CA LEU A 33 5.03 -2.42 5.43
C LEU A 33 4.78 -3.38 6.62
N LYS A 34 5.44 -4.55 6.69
CA LYS A 34 5.35 -5.48 7.82
C LYS A 34 5.82 -4.86 9.14
N SER A 35 6.69 -3.85 9.08
CA SER A 35 7.13 -3.06 10.25
C SER A 35 6.19 -1.90 10.59
N ASN A 36 5.14 -1.69 9.78
CA ASN A 36 4.10 -0.66 9.92
C ASN A 36 2.69 -1.24 9.59
N PRO A 37 2.23 -2.33 10.24
CA PRO A 37 0.94 -2.98 9.90
C PRO A 37 -0.29 -2.07 9.91
N GLN A 38 -0.33 -1.07 10.78
CA GLN A 38 -1.46 -0.16 11.00
C GLN A 38 -2.01 0.44 9.69
N LEU A 39 -1.13 0.98 8.83
CA LEU A 39 -1.52 1.59 7.56
C LEU A 39 -1.71 0.58 6.41
N MET A 40 -0.96 -0.53 6.42
CA MET A 40 -1.07 -1.58 5.40
C MET A 40 -2.38 -2.37 5.53
N ALA A 41 -2.74 -2.77 6.74
CA ALA A 41 -3.93 -3.55 7.03
C ALA A 41 -5.24 -2.83 6.65
N ALA A 42 -5.33 -1.53 6.94
CA ALA A 42 -6.48 -0.71 6.57
C ALA A 42 -6.64 -0.61 5.03
N PHE A 43 -5.51 -0.51 4.31
CA PHE A 43 -5.46 -0.48 2.84
C PHE A 43 -5.84 -1.82 2.20
N ILE A 44 -5.20 -2.93 2.60
CA ILE A 44 -5.46 -4.24 2.00
C ILE A 44 -6.92 -4.69 2.20
N LYS A 45 -7.55 -4.36 3.34
CA LYS A 45 -8.96 -4.68 3.60
C LYS A 45 -9.92 -4.16 2.50
N GLN A 46 -9.57 -3.04 1.85
CA GLN A 46 -10.33 -2.51 0.71
C GLN A 46 -9.83 -3.13 -0.61
N ARG A 47 -8.51 -3.27 -0.79
CA ARG A 47 -7.89 -3.83 -2.01
C ARG A 47 -8.24 -5.30 -2.28
N THR A 48 -8.41 -6.12 -1.25
CA THR A 48 -8.79 -7.55 -1.38
C THR A 48 -10.12 -7.74 -2.13
N ALA A 49 -11.06 -6.80 -2.00
CA ALA A 49 -12.34 -6.79 -2.72
C ALA A 49 -12.20 -6.60 -4.25
N LYS A 50 -10.99 -6.27 -4.72
CA LYS A 50 -10.60 -6.03 -6.13
C LYS A 50 -9.51 -7.02 -6.61
N TYR A 51 -9.19 -8.02 -5.79
CA TYR A 51 -8.20 -9.07 -6.06
C TYR A 51 -8.79 -10.13 -6.98
N VAL A 52 -8.28 -10.11 -8.20
CA VAL A 52 -8.67 -10.95 -9.33
C VAL A 52 -7.46 -11.23 -10.23
N ALA A 53 -7.19 -12.52 -10.43
CA ALA A 53 -6.06 -13.06 -11.20
C ALA A 53 -6.45 -14.09 -12.29
N ASN A 54 -7.74 -14.20 -12.60
CA ASN A 54 -8.33 -15.12 -13.58
C ASN A 54 -9.25 -14.41 -14.60
N GLN A 55 -9.62 -15.13 -15.67
CA GLN A 55 -10.46 -14.63 -16.77
C GLN A 55 -11.90 -14.31 -16.33
N PRO A 56 -12.48 -13.15 -16.72
CA PRO A 56 -13.85 -12.78 -16.35
C PRO A 56 -14.92 -13.58 -17.12
N GLY A 57 -14.59 -14.12 -18.30
CA GLY A 57 -15.50 -14.90 -19.15
C GLY A 57 -14.86 -15.42 -20.46
N MET A 58 -13.55 -15.71 -20.43
CA MET A 58 -12.73 -16.15 -21.57
C MET A 58 -11.90 -17.42 -21.26
N GLN A 59 -12.42 -18.28 -20.36
CA GLN A 59 -11.77 -19.53 -19.93
C GLN A 59 -11.36 -20.44 -21.10
N PRO B 1 7.42 19.42 -4.26
CA PRO B 1 7.65 18.31 -5.19
C PRO B 1 6.53 17.24 -5.18
N LEU B 2 5.57 17.37 -4.26
CA LEU B 2 4.42 16.47 -4.07
C LEU B 2 3.12 17.24 -3.76
N SER B 3 2.01 16.50 -3.59
CA SER B 3 0.68 17.05 -3.30
C SER B 3 -0.02 16.30 -2.16
N GLN B 4 -0.97 17.00 -1.52
CA GLN B 4 -1.78 16.55 -0.37
C GLN B 4 -2.78 15.39 -0.69
N GLU B 5 -2.59 14.69 -1.80
CA GLU B 5 -3.42 13.57 -2.28
C GLU B 5 -2.61 12.30 -2.60
N THR B 6 -1.28 12.35 -2.45
CA THR B 6 -0.36 11.21 -2.68
C THR B 6 -0.43 10.17 -1.54
N PHE B 7 0.25 9.03 -1.72
CA PHE B 7 0.30 7.88 -0.81
C PHE B 7 0.33 8.20 0.70
N SER B 8 1.13 9.18 1.12
CA SER B 8 1.23 9.62 2.52
C SER B 8 -0.11 10.06 3.12
N ASP B 9 -0.98 10.67 2.32
CA ASP B 9 -2.32 11.09 2.75
C ASP B 9 -3.38 10.02 2.46
N LEU B 10 -3.15 9.15 1.47
CA LEU B 10 -4.04 8.00 1.22
C LEU B 10 -4.05 7.05 2.42
N TRP B 11 -2.92 6.87 3.13
CA TRP B 11 -2.89 6.07 4.36
C TRP B 11 -3.85 6.58 5.45
N LYS B 12 -4.12 7.90 5.46
CA LYS B 12 -4.99 8.58 6.44
C LYS B 12 -6.49 8.48 6.13
N LEU B 13 -6.88 8.15 4.88
CA LEU B 13 -8.29 8.07 4.47
C LEU B 13 -8.98 6.73 4.83
N LEU B 14 -8.26 5.61 4.72
CA LEU B 14 -8.80 4.28 4.98
C LEU B 14 -9.40 4.02 6.39
N PRO B 15 -8.75 4.45 7.49
CA PRO B 15 -9.22 4.26 8.88
C PRO B 15 -10.66 4.73 9.21
N GLU B 16 -11.32 5.53 8.37
CA GLU B 16 -12.70 6.00 8.62
C GLU B 16 -13.78 5.27 7.79
N ASN B 17 -13.38 4.29 6.95
CA ASN B 17 -14.30 3.43 6.18
C ASN B 17 -14.23 1.97 6.69
N ASN B 18 -13.87 1.82 7.96
CA ASN B 18 -13.74 0.58 8.73
C ASN B 18 -14.14 0.86 10.20
N VAL B 19 -14.71 -0.15 10.86
CA VAL B 19 -15.15 -0.09 12.28
C VAL B 19 -14.68 -1.29 13.12
N LEU B 20 -14.08 -2.28 12.46
CA LEU B 20 -13.53 -3.52 13.00
C LEU B 20 -12.01 -3.39 13.27
N SER B 21 -11.43 -4.41 13.91
CA SER B 21 -9.98 -4.48 14.15
C SER B 21 -9.19 -4.56 12.83
N PRO B 22 -7.92 -4.11 12.79
CA PRO B 22 -7.13 -4.13 11.55
C PRO B 22 -6.62 -5.54 11.17
N LEU B 23 -6.39 -6.43 12.15
CA LEU B 23 -5.81 -7.76 11.95
C LEU B 23 -6.65 -8.92 12.56
N PRO B 24 -7.93 -9.10 12.15
CA PRO B 24 -8.79 -10.17 12.66
C PRO B 24 -8.41 -11.57 12.13
N SER B 25 -7.72 -11.64 10.99
CA SER B 25 -7.30 -12.89 10.33
C SER B 25 -6.00 -12.69 9.51
N GLN B 26 -5.49 -13.77 8.90
CA GLN B 26 -4.27 -13.81 8.10
C GLN B 26 -4.45 -13.17 6.70
N ALA B 27 -4.47 -11.84 6.67
CA ALA B 27 -4.67 -11.00 5.48
C ALA B 27 -3.71 -11.23 4.29
N MET B 28 -2.57 -11.93 4.50
CA MET B 28 -1.54 -12.17 3.48
C MET B 28 -1.25 -13.68 3.26
N ASP B 29 -2.14 -14.58 3.71
CA ASP B 29 -1.94 -16.04 3.65
C ASP B 29 -1.79 -16.63 2.22
N ASP B 30 -2.70 -16.29 1.30
CA ASP B 30 -2.78 -16.82 -0.06
C ASP B 30 -2.91 -15.77 -1.17
N LEU B 31 -2.64 -14.51 -0.85
CA LEU B 31 -2.71 -13.35 -1.76
C LEU B 31 -1.52 -12.40 -1.51
N MET B 32 -1.09 -11.65 -2.52
CA MET B 32 0.08 -10.76 -2.45
C MET B 32 -0.06 -9.52 -3.37
N LEU B 33 0.42 -8.37 -2.91
CA LEU B 33 0.39 -7.11 -3.69
C LEU B 33 1.31 -7.19 -4.93
N SER B 34 1.04 -6.33 -5.91
CA SER B 34 1.76 -6.20 -7.19
C SER B 34 2.38 -4.80 -7.32
N PRO B 35 3.50 -4.63 -8.05
CA PRO B 35 4.10 -3.30 -8.28
C PRO B 35 3.12 -2.27 -8.86
N ASP B 36 2.07 -2.71 -9.56
CA ASP B 36 1.00 -1.86 -10.08
C ASP B 36 0.28 -1.05 -8.98
N ASP B 37 0.11 -1.63 -7.78
CA ASP B 37 -0.49 -0.96 -6.62
C ASP B 37 0.49 0.06 -6.01
N ILE B 38 1.78 -0.23 -6.06
CA ILE B 38 2.86 0.62 -5.53
C ILE B 38 3.09 1.85 -6.42
N GLU B 39 3.03 1.70 -7.74
CA GLU B 39 3.17 2.82 -8.69
C GLU B 39 1.87 3.64 -8.85
N GLN B 40 0.77 3.21 -8.22
CA GLN B 40 -0.52 3.88 -8.26
C GLN B 40 -0.62 5.03 -7.25
N TRP B 41 -0.36 4.79 -5.96
CA TRP B 41 -0.57 5.80 -4.91
C TRP B 41 0.31 7.06 -4.97
N PHE B 42 1.45 7.04 -5.66
CA PHE B 42 2.35 8.20 -5.80
C PHE B 42 2.05 9.10 -7.01
N THR B 43 1.17 8.67 -7.93
CA THR B 43 0.85 9.39 -9.19
C THR B 43 -0.15 10.55 -9.04
N GLU B 44 -0.92 10.60 -7.94
CA GLU B 44 -1.96 11.60 -7.69
C GLU B 44 -1.49 13.06 -7.74
N ASP B 45 -2.18 13.90 -8.53
CA ASP B 45 -1.91 15.33 -8.72
C ASP B 45 -3.22 16.08 -9.09
N PRO B 46 -3.50 17.28 -8.53
CA PRO B 46 -4.74 18.01 -8.77
C PRO B 46 -4.88 18.68 -10.16
N GLY B 47 -3.82 18.78 -10.96
CA GLY B 47 -3.84 19.40 -12.29
C GLY B 47 -3.53 20.91 -12.30
N PRO B 48 -3.58 21.56 -13.47
CA PRO B 48 -3.27 22.99 -13.65
C PRO B 48 -4.36 23.97 -13.15
N ASP B 49 -5.56 23.49 -12.82
CA ASP B 49 -6.70 24.30 -12.35
C ASP B 49 -7.59 23.53 -11.36
N PRO A 1 3.33 8.58 24.21
CA PRO A 1 4.73 8.61 23.79
C PRO A 1 5.17 7.43 22.90
N ASN A 2 4.22 6.58 22.48
CA ASN A 2 4.43 5.42 21.61
C ASN A 2 3.64 5.53 20.30
N ARG A 3 4.13 4.89 19.23
CA ARG A 3 3.55 4.90 17.87
C ARG A 3 3.90 3.60 17.12
N SER A 4 3.06 3.21 16.15
CA SER A 4 3.23 1.96 15.36
C SER A 4 3.35 2.17 13.84
N ILE A 5 3.61 3.42 13.44
CA ILE A 5 3.83 3.88 12.05
C ILE A 5 4.90 4.99 12.07
N SER A 6 5.55 5.31 10.95
CA SER A 6 6.59 6.36 10.88
C SER A 6 6.75 6.94 9.46
N PRO A 7 7.11 8.23 9.32
CA PRO A 7 7.29 8.89 8.02
C PRO A 7 8.51 8.39 7.22
N SER A 8 9.51 7.79 7.89
CA SER A 8 10.70 7.22 7.24
C SER A 8 10.36 6.06 6.30
N ALA A 9 9.35 5.26 6.64
CA ALA A 9 8.86 4.14 5.82
C ALA A 9 8.33 4.61 4.45
N LEU A 10 7.76 5.81 4.38
CA LEU A 10 7.25 6.40 3.13
C LEU A 10 8.42 6.71 2.17
N GLN A 11 9.53 7.24 2.70
CA GLN A 11 10.73 7.54 1.92
C GLN A 11 11.40 6.26 1.40
N ASP A 12 11.44 5.21 2.23
CA ASP A 12 11.96 3.89 1.87
C ASP A 12 11.07 3.21 0.80
N LEU A 13 9.75 3.40 0.87
CA LEU A 13 8.81 2.93 -0.15
C LEU A 13 9.10 3.64 -1.47
N LEU A 14 9.25 4.98 -1.47
CA LEU A 14 9.56 5.75 -2.67
C LEU A 14 10.88 5.28 -3.33
N ARG A 15 11.96 5.03 -2.56
CA ARG A 15 13.20 4.51 -3.17
C ARG A 15 13.02 3.12 -3.77
N THR A 16 12.19 2.28 -3.14
CA THR A 16 11.84 0.93 -3.62
C THR A 16 10.95 0.97 -4.87
N LEU A 17 10.08 1.97 -4.99
CA LEU A 17 9.19 2.18 -6.16
C LEU A 17 10.01 2.37 -7.44
N LYS A 18 11.07 3.19 -7.37
CA LYS A 18 11.99 3.49 -8.49
C LYS A 18 12.79 2.29 -9.01
N SER A 19 13.02 1.26 -8.20
CA SER A 19 13.80 0.06 -8.55
C SER A 19 13.21 -0.73 -9.75
N PRO A 20 14.05 -1.44 -10.52
CA PRO A 20 13.59 -2.29 -11.62
C PRO A 20 12.83 -3.53 -11.09
N SER A 21 11.92 -4.06 -11.91
CA SER A 21 11.08 -5.23 -11.59
C SER A 21 11.91 -6.46 -11.21
N SER A 22 11.81 -6.91 -9.95
CA SER A 22 12.55 -8.06 -9.40
C SER A 22 11.90 -8.62 -8.12
N PRO A 23 12.16 -9.89 -7.74
CA PRO A 23 11.66 -10.44 -6.48
C PRO A 23 12.24 -9.72 -5.25
N GLN A 24 13.43 -9.09 -5.40
CA GLN A 24 14.04 -8.27 -4.34
C GLN A 24 13.18 -7.02 -4.06
N GLN A 25 12.61 -6.40 -5.10
CA GLN A 25 11.69 -5.26 -4.95
C GLN A 25 10.43 -5.71 -4.19
N GLN A 26 9.84 -6.86 -4.57
CA GLN A 26 8.68 -7.43 -3.88
C GLN A 26 8.98 -7.70 -2.39
N GLN A 27 10.16 -8.27 -2.09
CA GLN A 27 10.58 -8.51 -0.71
C GLN A 27 10.76 -7.21 0.06
N GLN A 28 11.32 -6.14 -0.54
CA GLN A 28 11.44 -4.85 0.13
C GLN A 28 10.06 -4.21 0.39
N VAL A 29 9.11 -4.31 -0.54
CA VAL A 29 7.73 -3.82 -0.34
C VAL A 29 7.10 -4.54 0.86
N LEU A 30 7.23 -5.88 0.92
CA LEU A 30 6.79 -6.69 2.07
C LEU A 30 7.51 -6.25 3.35
N ASN A 31 8.84 -6.11 3.35
CA ASN A 31 9.63 -5.70 4.52
C ASN A 31 9.16 -4.34 5.09
N ILE A 32 9.01 -3.34 4.21
CA ILE A 32 8.57 -1.99 4.56
C ILE A 32 7.16 -2.01 5.15
N LEU A 33 6.21 -2.69 4.51
CA LEU A 33 4.82 -2.77 4.98
C LEU A 33 4.69 -3.62 6.26
N LYS A 34 5.35 -4.80 6.36
CA LYS A 34 5.33 -5.67 7.55
C LYS A 34 6.02 -5.08 8.78
N SER A 35 6.86 -4.04 8.61
CA SER A 35 7.49 -3.31 9.73
C SER A 35 6.47 -2.44 10.49
N ASN A 36 5.40 -2.03 9.79
CA ASN A 36 4.31 -1.17 10.25
C ASN A 36 3.01 -1.52 9.48
N PRO A 37 2.42 -2.72 9.68
CA PRO A 37 1.27 -3.21 8.90
C PRO A 37 -0.04 -2.45 9.11
N GLN A 38 -0.12 -1.53 10.07
CA GLN A 38 -1.29 -0.68 10.36
C GLN A 38 -1.86 -0.04 9.07
N LEU A 39 -1.00 0.72 8.39
CA LEU A 39 -1.30 1.43 7.14
C LEU A 39 -1.60 0.51 5.95
N MET A 40 -1.00 -0.71 5.92
CA MET A 40 -1.25 -1.69 4.86
C MET A 40 -2.61 -2.40 5.06
N ALA A 41 -2.90 -2.83 6.29
CA ALA A 41 -4.15 -3.49 6.65
C ALA A 41 -5.36 -2.58 6.41
N ALA A 42 -5.21 -1.26 6.64
CA ALA A 42 -6.23 -0.26 6.34
C ALA A 42 -6.56 -0.24 4.83
N PHE A 43 -5.54 -0.27 3.98
CA PHE A 43 -5.66 -0.27 2.53
C PHE A 43 -6.22 -1.59 1.96
N ILE A 44 -5.67 -2.75 2.34
CA ILE A 44 -6.13 -4.02 1.74
C ILE A 44 -7.61 -4.32 2.01
N LYS A 45 -8.15 -3.91 3.16
CA LYS A 45 -9.59 -4.10 3.49
C LYS A 45 -10.54 -3.48 2.44
N GLN A 46 -10.13 -2.40 1.77
CA GLN A 46 -10.90 -1.80 0.67
C GLN A 46 -10.44 -2.31 -0.71
N ARG A 47 -9.16 -2.66 -0.89
CA ARG A 47 -8.62 -3.21 -2.14
C ARG A 47 -9.15 -4.61 -2.47
N THR A 48 -9.34 -5.47 -1.47
CA THR A 48 -9.85 -6.85 -1.62
C THR A 48 -11.20 -6.90 -2.34
N ALA A 49 -12.07 -5.91 -2.11
CA ALA A 49 -13.37 -5.78 -2.79
C ALA A 49 -13.26 -5.56 -4.32
N LYS A 50 -12.07 -5.17 -4.80
CA LYS A 50 -11.74 -4.93 -6.22
C LYS A 50 -10.82 -6.02 -6.79
N TYR A 51 -10.26 -6.90 -5.95
CA TYR A 51 -9.40 -8.04 -6.31
C TYR A 51 -10.23 -9.28 -6.73
N VAL A 52 -11.39 -9.01 -7.34
CA VAL A 52 -12.40 -9.98 -7.84
C VAL A 52 -12.66 -9.80 -9.35
N ALA A 53 -11.72 -9.15 -10.04
CA ALA A 53 -11.78 -8.87 -11.48
C ALA A 53 -11.99 -10.15 -12.34
N ASN A 54 -12.78 -10.00 -13.40
CA ASN A 54 -13.20 -11.05 -14.32
C ASN A 54 -13.35 -10.52 -15.77
N GLN A 55 -13.61 -11.44 -16.71
CA GLN A 55 -13.72 -11.16 -18.16
C GLN A 55 -14.83 -10.14 -18.52
N PRO A 56 -14.73 -9.43 -19.68
CA PRO A 56 -15.72 -8.47 -20.16
C PRO A 56 -17.16 -9.01 -20.20
N GLY A 57 -18.14 -8.12 -20.08
CA GLY A 57 -19.59 -8.43 -20.04
C GLY A 57 -20.44 -7.78 -21.13
N MET A 58 -19.85 -7.44 -22.29
CA MET A 58 -20.54 -6.80 -23.42
C MET A 58 -19.96 -7.28 -24.76
N GLN A 59 -20.84 -7.48 -25.76
CA GLN A 59 -20.51 -7.93 -27.13
C GLN A 59 -21.39 -7.20 -28.17
N PRO B 1 8.35 16.30 -4.67
CA PRO B 1 7.61 16.81 -5.83
C PRO B 1 6.09 16.65 -5.73
N LEU B 2 5.60 16.01 -4.67
CA LEU B 2 4.18 15.74 -4.38
C LEU B 2 3.72 16.36 -3.05
N SER B 3 2.40 16.48 -2.86
CA SER B 3 1.74 17.15 -1.72
C SER B 3 1.01 16.21 -0.76
N GLN B 4 0.51 16.78 0.34
CA GLN B 4 -0.26 16.12 1.42
C GLN B 4 -1.68 15.64 1.00
N GLU B 5 -1.83 15.25 -0.26
CA GLU B 5 -3.03 14.72 -0.90
C GLU B 5 -2.72 13.43 -1.68
N THR B 6 -1.51 12.89 -1.49
CA THR B 6 -0.98 11.65 -2.09
C THR B 6 -0.78 10.57 -1.02
N PHE B 7 -0.20 9.42 -1.40
CA PHE B 7 0.03 8.23 -0.58
C PHE B 7 0.29 8.44 0.93
N SER B 8 1.15 9.40 1.29
CA SER B 8 1.48 9.73 2.68
C SER B 8 0.30 10.16 3.55
N ASP B 9 -0.67 10.85 2.97
CA ASP B 9 -1.89 11.28 3.67
C ASP B 9 -2.98 10.21 3.62
N LEU B 10 -2.94 9.28 2.66
CA LEU B 10 -3.88 8.15 2.59
C LEU B 10 -3.74 7.27 3.84
N TRP B 11 -2.52 7.10 4.35
CA TRP B 11 -2.26 6.34 5.58
C TRP B 11 -2.93 6.96 6.82
N LYS B 12 -3.15 8.28 6.79
CA LYS B 12 -3.76 9.09 7.86
C LYS B 12 -5.28 9.23 7.72
N LEU B 13 -5.80 9.22 6.48
CA LEU B 13 -7.22 9.36 6.16
C LEU B 13 -8.07 8.12 6.50
N LEU B 14 -7.54 6.90 6.31
CA LEU B 14 -8.26 5.64 6.58
C LEU B 14 -8.41 5.41 8.11
N PRO B 15 -9.62 5.44 8.69
CA PRO B 15 -9.80 5.29 10.14
C PRO B 15 -9.60 3.86 10.65
N GLU B 16 -10.00 2.86 9.88
CA GLU B 16 -9.86 1.45 10.26
C GLU B 16 -8.46 0.91 10.02
N ASN B 17 -7.72 0.97 11.12
CA ASN B 17 -6.34 0.56 11.38
C ASN B 17 -5.40 1.78 11.36
N ASN B 18 -5.93 2.98 11.62
CA ASN B 18 -5.22 4.27 11.54
C ASN B 18 -3.83 4.33 12.19
N VAL B 19 -3.70 3.76 13.38
CA VAL B 19 -2.47 3.70 14.21
C VAL B 19 -2.27 2.37 14.96
N LEU B 20 -3.24 1.47 14.85
CA LEU B 20 -3.31 0.15 15.48
C LEU B 20 -3.75 -0.94 14.49
N SER B 21 -3.60 -2.21 14.86
CA SER B 21 -4.03 -3.35 14.03
C SER B 21 -4.33 -4.59 14.89
N PRO B 22 -5.60 -5.02 15.04
CA PRO B 22 -5.98 -6.18 15.86
C PRO B 22 -5.86 -7.53 15.12
N LEU B 23 -5.43 -7.54 13.84
CA LEU B 23 -5.37 -8.75 13.00
C LEU B 23 -4.13 -8.82 12.09
N PRO B 24 -3.48 -9.99 11.94
CA PRO B 24 -2.35 -10.18 11.03
C PRO B 24 -2.83 -10.42 9.57
N SER B 25 -1.88 -10.66 8.67
CA SER B 25 -2.02 -10.89 7.21
C SER B 25 -2.88 -12.08 6.74
N GLN B 26 -3.88 -12.54 7.51
CA GLN B 26 -4.76 -13.69 7.18
C GLN B 26 -5.54 -13.57 5.87
N ALA B 27 -5.66 -12.35 5.39
CA ALA B 27 -6.32 -11.96 4.13
C ALA B 27 -5.43 -12.17 2.88
N MET B 28 -4.15 -12.53 3.05
CA MET B 28 -3.15 -12.67 1.97
C MET B 28 -2.69 -14.13 1.73
N ASP B 29 -3.53 -15.10 2.10
CA ASP B 29 -3.26 -16.55 1.95
C ASP B 29 -3.09 -17.01 0.49
N ASP B 30 -3.72 -16.32 -0.48
CA ASP B 30 -3.69 -16.65 -1.92
C ASP B 30 -3.61 -15.41 -2.83
N LEU B 31 -3.21 -14.25 -2.29
CA LEU B 31 -3.08 -12.97 -3.00
C LEU B 31 -2.02 -12.05 -2.39
N MET B 32 -1.42 -11.21 -3.25
CA MET B 32 -0.40 -10.22 -2.90
C MET B 32 -0.44 -9.02 -3.86
N LEU B 33 0.13 -7.88 -3.44
CA LEU B 33 0.18 -6.65 -4.23
C LEU B 33 1.16 -6.74 -5.41
N SER B 34 0.99 -5.82 -6.36
CA SER B 34 1.78 -5.66 -7.60
C SER B 34 2.20 -4.20 -7.78
N PRO B 35 3.17 -3.85 -8.65
CA PRO B 35 3.60 -2.47 -8.86
C PRO B 35 2.46 -1.51 -9.23
N ASP B 36 1.37 -2.01 -9.83
CA ASP B 36 0.16 -1.26 -10.16
C ASP B 36 -0.49 -0.62 -8.91
N ASP B 37 -0.44 -1.31 -7.76
CA ASP B 37 -0.95 -0.83 -6.47
C ASP B 37 -0.05 0.26 -5.86
N ILE B 38 1.26 0.22 -6.19
CA ILE B 38 2.27 1.16 -5.70
C ILE B 38 2.29 2.45 -6.53
N GLU B 39 2.18 2.34 -7.86
CA GLU B 39 2.13 3.49 -8.76
C GLU B 39 0.75 4.20 -8.76
N GLN B 40 -0.21 3.67 -8.01
CA GLN B 40 -1.57 4.20 -7.84
C GLN B 40 -1.60 5.37 -6.84
N TRP B 41 -1.19 5.15 -5.58
CA TRP B 41 -1.35 6.14 -4.51
C TRP B 41 -0.51 7.43 -4.64
N PHE B 42 0.57 7.42 -5.44
CA PHE B 42 1.38 8.62 -5.67
C PHE B 42 0.92 9.47 -6.88
N THR B 43 -0.03 8.97 -7.69
CA THR B 43 -0.55 9.64 -8.90
C THR B 43 -1.50 10.82 -8.60
N GLU B 44 -1.98 10.93 -7.36
CA GLU B 44 -2.92 11.95 -6.88
C GLU B 44 -2.36 13.40 -6.83
N ASP B 45 -1.12 13.63 -7.27
CA ASP B 45 -0.42 14.93 -7.31
C ASP B 45 -1.31 16.09 -7.84
N PRO B 46 -1.62 17.12 -7.02
CA PRO B 46 -2.45 18.25 -7.44
C PRO B 46 -1.79 19.21 -8.45
N GLY B 47 -0.47 19.18 -8.61
CA GLY B 47 0.31 20.03 -9.53
C GLY B 47 -0.12 21.52 -9.63
N PRO B 48 -0.15 22.29 -8.52
CA PRO B 48 -0.61 23.69 -8.49
C PRO B 48 0.37 24.70 -9.13
N ASP B 49 1.55 24.28 -9.56
CA ASP B 49 2.59 25.12 -10.18
C ASP B 49 3.37 24.39 -11.29
#